data_1XK7
#
_entry.id   1XK7
#
_cell.length_a   184.276
_cell.length_b   106.167
_cell.length_c   69.676
_cell.angle_alpha   90.00
_cell.angle_beta   107.45
_cell.angle_gamma   90.00
#
_symmetry.space_group_name_H-M   'C 1 2 1'
#
loop_
_entity.id
_entity.type
_entity.pdbx_description
1 polymer 'Crotonobetainyl-CoA:carnitine CoA-transferase'
2 water water
#
_entity_poly.entity_id   1
_entity_poly.type   'polypeptide(L)'
_entity_poly.pdbx_seq_one_letter_code
;GSH(MSE)DHLP(MSE)PKFGPLAGLRVVFSGIEIAGPFAGQ(MSE)FAEWGAEVIWIENVAWADTIRVQPNYPQLSRRN
LHALSLNIFKDEGREAFLKL(MSE)ETTDIFIEASKGPAFARRGITDEVLWQHNPKLVIAHLSGFGQYGTEEYTNLPAYN
TIAQAFSGYLIQNGDVDQP(MSE)PAFPYTADYFSGLTATTAALAALHKVRETGKGESIDIA(MSE)YEV(MSE)LR
(MSE)GQYF(MSE)(MSE)DYFNGGE(MSE)CPR(MSE)SKGKDPYYAGCGLYKCADGYIV(MSE)ELVGITQIEECFKD
IGLAHLLGTPEIPEGTQLIHRIECPYGPLVEEKLDAWLATHTIAEVKERFAELNIACAKVLTVPELESNPQYVARESITQ
WQT(MSE)DGRTCKGPNI(MSE)PKFKNNPGQIWRG(MSE)PSHG(MSE)DTAAILKNIGYSENDIQELVSKGLAKVED
;
_entity_poly.pdbx_strand_id   A,B,C
#
# COMPACT_ATOMS: atom_id res chain seq x y z
N SER A 2 -17.82 -12.54 0.62
CA SER A 2 -17.73 -11.06 0.47
C SER A 2 -16.28 -10.61 0.23
N HIS A 3 -16.07 -9.30 0.19
CA HIS A 3 -14.73 -8.72 -0.04
C HIS A 3 -13.73 -9.07 1.06
N MSE A 4 -14.22 -9.43 2.23
CA MSE A 4 -13.37 -9.82 3.36
C MSE A 4 -13.03 -11.32 3.34
O MSE A 4 -12.14 -11.76 4.07
CB MSE A 4 -14.04 -9.46 4.69
CG MSE A 4 -14.91 -8.21 4.66
SE MSE A 4 -14.51 -6.95 6.09
CE MSE A 4 -15.73 -7.64 7.43
N ASP A 5 -13.73 -12.08 2.50
CA ASP A 5 -13.56 -13.53 2.45
C ASP A 5 -12.62 -13.98 1.34
N HIS A 6 -11.33 -13.71 1.55
CA HIS A 6 -10.29 -14.13 0.61
C HIS A 6 -9.00 -14.48 1.35
N LEU A 7 -8.20 -15.35 0.74
CA LEU A 7 -6.91 -15.69 1.32
C LEU A 7 -5.91 -14.58 1.02
N PRO A 8 -5.26 -14.07 2.07
CA PRO A 8 -4.26 -13.01 1.90
C PRO A 8 -2.95 -13.53 1.30
N MSE A 9 -2.40 -12.75 0.37
CA MSE A 9 -1.14 -13.04 -0.32
C MSE A 9 -0.83 -11.80 -1.15
O MSE A 9 -1.76 -11.10 -1.54
CB MSE A 9 -1.28 -14.28 -1.23
CG MSE A 9 -2.43 -14.17 -2.26
SE MSE A 9 -2.45 -15.68 -3.50
CE MSE A 9 -0.68 -15.47 -4.28
N PRO A 10 0.44 -11.51 -1.43
CA PRO A 10 0.74 -10.31 -2.22
C PRO A 10 0.22 -10.44 -3.65
N LYS A 11 -0.25 -9.33 -4.22
CA LYS A 11 -0.65 -9.33 -5.62
C LYS A 11 0.58 -9.23 -6.50
N PHE A 12 0.83 -10.25 -7.31
CA PHE A 12 1.97 -10.27 -8.21
C PHE A 12 1.76 -11.28 -9.33
N GLY A 13 2.58 -11.15 -10.37
CA GLY A 13 2.65 -12.17 -11.41
C GLY A 13 1.54 -12.07 -12.44
N PRO A 14 1.70 -12.79 -13.55
CA PRO A 14 0.67 -12.78 -14.60
C PRO A 14 -0.63 -13.45 -14.14
N LEU A 15 -0.54 -14.31 -13.12
CA LEU A 15 -1.69 -15.10 -12.68
C LEU A 15 -2.34 -14.62 -11.38
N ALA A 16 -2.02 -13.41 -10.94
CA ALA A 16 -2.73 -12.82 -9.78
C ALA A 16 -4.24 -12.94 -9.93
N GLY A 17 -4.91 -13.38 -8.88
CA GLY A 17 -6.36 -13.49 -8.86
C GLY A 17 -6.93 -14.78 -9.40
N LEU A 18 -6.10 -15.60 -10.03
CA LEU A 18 -6.56 -16.89 -10.53
C LEU A 18 -6.65 -17.88 -9.37
N ARG A 19 -7.71 -18.67 -9.36
CA ARG A 19 -7.97 -19.62 -8.28
C ARG A 19 -7.77 -21.05 -8.76
N VAL A 20 -6.71 -21.69 -8.27
CA VAL A 20 -6.35 -23.05 -8.66
C VAL A 20 -6.42 -23.97 -7.44
N VAL A 21 -6.91 -25.19 -7.64
CA VAL A 21 -6.95 -26.19 -6.58
C VAL A 21 -6.36 -27.48 -7.16
N PHE A 22 -5.52 -28.17 -6.40
CA PHE A 22 -5.05 -29.49 -6.85
C PHE A 22 -5.17 -30.60 -5.83
N SER A 23 -5.47 -31.78 -6.35
CA SER A 23 -5.55 -33.01 -5.57
C SER A 23 -4.54 -33.99 -6.13
N GLY A 24 -3.57 -34.36 -5.33
CA GLY A 24 -2.53 -35.27 -5.77
C GLY A 24 -1.30 -35.18 -4.91
N ILE A 25 -0.40 -36.13 -5.08
CA ILE A 25 0.80 -36.25 -4.26
C ILE A 25 2.07 -36.35 -5.13
N GLU A 26 3.22 -36.28 -4.46
CA GLU A 26 4.53 -36.45 -5.09
C GLU A 26 4.81 -35.40 -6.15
N ILE A 27 5.11 -35.79 -7.39
CA ILE A 27 5.58 -34.80 -8.37
C ILE A 27 4.55 -34.31 -9.41
N ALA A 28 4.10 -35.19 -10.31
CA ALA A 28 3.42 -34.75 -11.54
C ALA A 28 2.26 -33.76 -11.33
N GLY A 29 1.26 -34.17 -10.56
CA GLY A 29 0.11 -33.31 -10.28
C GLY A 29 0.42 -32.04 -9.51
N PRO A 30 1.06 -32.17 -8.35
CA PRO A 30 1.46 -30.98 -7.58
C PRO A 30 2.41 -30.02 -8.31
N PHE A 31 3.33 -30.55 -9.13
CA PHE A 31 4.19 -29.70 -9.95
C PHE A 31 3.36 -28.82 -10.88
N ALA A 32 2.38 -29.44 -11.54
CA ALA A 32 1.43 -28.73 -12.40
C ALA A 32 0.71 -27.64 -11.63
N GLY A 33 0.22 -27.97 -10.45
CA GLY A 33 -0.53 -27.01 -9.65
C GLY A 33 0.32 -25.89 -9.10
N GLN A 34 1.48 -26.25 -8.55
CA GLN A 34 2.35 -25.28 -7.92
C GLN A 34 2.97 -24.28 -8.91
N MSE A 35 3.14 -24.67 -10.17
CA MSE A 35 3.67 -23.74 -11.15
C MSE A 35 2.80 -22.48 -11.24
O MSE A 35 3.32 -21.38 -11.38
CB MSE A 35 3.84 -24.40 -12.54
CG MSE A 35 4.58 -23.51 -13.54
SE MSE A 35 6.43 -23.05 -13.07
CE MSE A 35 7.29 -24.77 -13.46
N PHE A 36 1.48 -22.65 -11.13
CA PHE A 36 0.57 -21.49 -11.14
C PHE A 36 0.93 -20.53 -10.01
N ALA A 37 1.35 -21.09 -8.88
CA ALA A 37 1.70 -20.30 -7.69
C ALA A 37 3.04 -19.57 -7.82
N GLU A 38 3.98 -20.14 -8.57
CA GLU A 38 5.24 -19.45 -8.89
C GLU A 38 4.95 -18.12 -9.59
N TRP A 39 3.83 -18.07 -10.33
CA TRP A 39 3.50 -16.93 -11.18
C TRP A 39 2.31 -16.11 -10.70
N GLY A 40 1.96 -16.28 -9.43
CA GLY A 40 1.03 -15.37 -8.76
C GLY A 40 -0.35 -15.86 -8.40
N ALA A 41 -0.72 -17.05 -8.86
CA ALA A 41 -2.07 -17.56 -8.61
C ALA A 41 -2.26 -17.93 -7.14
N GLU A 42 -3.54 -17.94 -6.72
CA GLU A 42 -3.89 -18.56 -5.44
C GLU A 42 -4.06 -20.05 -5.69
N VAL A 43 -3.17 -20.87 -5.11
CA VAL A 43 -3.22 -22.31 -5.33
C VAL A 43 -3.43 -23.04 -4.02
N ILE A 44 -4.49 -23.85 -3.97
CA ILE A 44 -4.80 -24.65 -2.80
C ILE A 44 -4.39 -26.10 -3.02
N TRP A 45 -3.52 -26.56 -2.13
CA TRP A 45 -2.99 -27.92 -2.11
C TRP A 45 -3.88 -28.75 -1.20
N ILE A 46 -4.59 -29.73 -1.76
CA ILE A 46 -5.41 -30.62 -0.95
C ILE A 46 -4.63 -31.83 -0.50
N GLU A 47 -4.66 -32.09 0.82
CA GLU A 47 -4.11 -33.31 1.39
C GLU A 47 -5.23 -34.07 2.11
N ASN A 48 -5.07 -35.39 2.17
CA ASN A 48 -5.97 -36.22 2.98
C ASN A 48 -5.85 -35.87 4.45
N VAL A 49 -6.84 -36.29 5.24
CA VAL A 49 -6.91 -35.96 6.66
C VAL A 49 -5.96 -36.79 7.53
N ALA A 50 -6.02 -38.12 7.37
CA ALA A 50 -5.26 -39.04 8.21
C ALA A 50 -3.78 -39.17 7.79
N TRP A 51 -3.51 -38.91 6.52
CA TRP A 51 -2.14 -38.96 6.00
C TRP A 51 -1.85 -37.77 5.11
N ALA A 52 -0.66 -37.21 5.25
CA ALA A 52 -0.24 -36.07 4.44
C ALA A 52 0.40 -36.54 3.15
N ASP A 53 0.55 -35.62 2.21
CA ASP A 53 1.28 -35.81 0.96
C ASP A 53 2.61 -36.49 1.27
N THR A 54 2.90 -37.60 0.60
CA THR A 54 4.16 -38.32 0.83
C THR A 54 5.40 -37.54 0.42
N ILE A 55 5.22 -36.47 -0.36
CA ILE A 55 6.35 -35.58 -0.66
C ILE A 55 7.04 -35.08 0.61
N ARG A 56 6.27 -34.92 1.68
CA ARG A 56 6.76 -34.33 2.93
C ARG A 56 7.88 -35.14 3.59
N VAL A 57 7.99 -36.40 3.21
CA VAL A 57 9.05 -37.30 3.69
C VAL A 57 10.41 -36.84 3.18
N GLN A 58 10.43 -36.27 1.97
CA GLN A 58 11.65 -35.73 1.36
C GLN A 58 12.21 -34.60 2.24
N PRO A 59 13.51 -34.63 2.53
CA PRO A 59 14.10 -33.71 3.49
C PRO A 59 14.18 -32.23 3.09
N ASN A 60 14.26 -31.91 1.79
CA ASN A 60 14.53 -30.53 1.37
C ASN A 60 13.72 -30.08 0.16
N TYR A 61 13.59 -30.98 -0.81
CA TYR A 61 12.87 -30.66 -2.04
C TYR A 61 11.49 -29.99 -1.85
N PRO A 62 10.65 -30.48 -0.93
CA PRO A 62 9.31 -29.91 -0.74
C PRO A 62 9.33 -28.41 -0.39
N GLN A 63 10.42 -27.91 0.19
CA GLN A 63 10.52 -26.48 0.46
C GLN A 63 10.48 -25.67 -0.84
N LEU A 64 11.00 -26.26 -1.91
CA LEU A 64 10.87 -25.67 -3.23
C LEU A 64 9.54 -26.05 -3.89
N SER A 65 9.21 -27.34 -3.87
CA SER A 65 8.09 -27.84 -4.65
C SER A 65 6.71 -27.52 -4.08
N ARG A 66 6.67 -26.99 -2.85
CA ARG A 66 5.40 -26.62 -2.21
C ARG A 66 5.38 -25.19 -1.69
N ARG A 67 6.34 -24.37 -2.12
CA ARG A 67 6.35 -22.95 -1.76
C ARG A 67 5.18 -22.23 -2.41
N ASN A 68 4.78 -21.10 -1.83
CA ASN A 68 3.70 -20.26 -2.38
C ASN A 68 2.31 -20.91 -2.36
N LEU A 69 2.14 -21.96 -1.55
CA LEU A 69 0.89 -22.72 -1.52
C LEU A 69 0.05 -22.48 -0.26
N HIS A 70 -1.26 -22.62 -0.41
CA HIS A 70 -2.19 -22.69 0.72
C HIS A 70 -2.58 -24.16 0.94
N ALA A 71 -2.62 -24.59 2.19
CA ALA A 71 -2.85 -26.00 2.51
C ALA A 71 -4.24 -26.29 3.07
N LEU A 72 -4.97 -27.14 2.36
CA LEU A 72 -6.28 -27.63 2.80
C LEU A 72 -6.17 -29.12 3.11
N SER A 73 -6.70 -29.54 4.25
CA SER A 73 -6.79 -30.96 4.54
C SER A 73 -8.25 -31.34 4.70
N LEU A 74 -8.74 -32.12 3.74
CA LEU A 74 -10.17 -32.40 3.58
C LEU A 74 -10.35 -33.75 2.89
N ASN A 75 -11.31 -34.53 3.38
CA ASN A 75 -11.71 -35.76 2.70
C ASN A 75 -12.76 -35.41 1.66
N ILE A 76 -12.32 -35.25 0.41
CA ILE A 76 -13.16 -34.69 -0.65
C ILE A 76 -14.19 -35.68 -1.22
N PHE A 77 -14.11 -36.93 -0.79
CA PHE A 77 -14.99 -37.98 -1.31
C PHE A 77 -16.08 -38.44 -0.35
N LYS A 78 -16.01 -37.97 0.90
CA LYS A 78 -16.88 -38.49 1.95
C LYS A 78 -17.79 -37.44 2.59
N ASP A 79 -19.09 -37.70 2.52
CA ASP A 79 -20.12 -36.94 3.24
C ASP A 79 -19.93 -35.43 3.20
N GLU A 80 -19.81 -34.81 4.38
CA GLU A 80 -19.70 -33.36 4.49
C GLU A 80 -18.41 -32.81 3.90
N GLY A 81 -17.40 -33.66 3.78
CA GLY A 81 -16.14 -33.30 3.16
C GLY A 81 -16.30 -33.13 1.65
N ARG A 82 -17.09 -34.02 1.05
CA ARG A 82 -17.44 -33.91 -0.37
C ARG A 82 -18.27 -32.65 -0.63
N GLU A 83 -19.21 -32.37 0.28
CA GLU A 83 -20.02 -31.15 0.20
C GLU A 83 -19.13 -29.92 0.21
N ALA A 84 -18.14 -29.92 1.10
CA ALA A 84 -17.20 -28.80 1.23
C ALA A 84 -16.36 -28.64 -0.03
N PHE A 85 -15.87 -29.77 -0.56
CA PHE A 85 -15.07 -29.76 -1.78
C PHE A 85 -15.85 -29.21 -2.96
N LEU A 86 -17.09 -29.67 -3.12
CA LEU A 86 -17.90 -29.21 -4.25
C LEU A 86 -18.31 -27.74 -4.11
N LYS A 87 -18.50 -27.29 -2.87
CA LYS A 87 -18.72 -25.87 -2.62
C LYS A 87 -17.50 -25.06 -3.06
N LEU A 88 -16.32 -25.54 -2.71
CA LEU A 88 -15.07 -24.87 -3.11
C LEU A 88 -14.97 -24.75 -4.64
N MSE A 89 -15.40 -25.80 -5.33
CA MSE A 89 -15.35 -25.81 -6.80
C MSE A 89 -16.13 -24.65 -7.41
O MSE A 89 -15.79 -24.18 -8.49
CB MSE A 89 -15.84 -27.14 -7.36
CG MSE A 89 -14.92 -28.31 -7.05
SE MSE A 89 -13.13 -28.11 -7.84
CE MSE A 89 -12.14 -27.54 -6.24
N GLU A 90 -17.18 -24.19 -6.72
CA GLU A 90 -18.02 -23.11 -7.24
C GLU A 90 -17.27 -21.81 -7.54
N THR A 91 -16.17 -21.56 -6.83
CA THR A 91 -15.37 -20.35 -7.04
C THR A 91 -13.95 -20.64 -7.52
N THR A 92 -13.71 -21.87 -7.92
CA THR A 92 -12.41 -22.32 -8.44
C THR A 92 -12.37 -22.18 -9.96
N ASP A 93 -11.25 -21.67 -10.48
CA ASP A 93 -11.08 -21.55 -11.94
C ASP A 93 -10.54 -22.83 -12.56
N ILE A 94 -9.53 -23.41 -11.93
CA ILE A 94 -8.84 -24.60 -12.45
C ILE A 94 -8.70 -25.64 -11.34
N PHE A 95 -9.13 -26.86 -11.65
CA PHE A 95 -8.90 -28.00 -10.76
C PHE A 95 -8.00 -29.01 -11.45
N ILE A 96 -6.89 -29.34 -10.79
CA ILE A 96 -5.94 -30.34 -11.29
C ILE A 96 -5.98 -31.55 -10.38
N GLU A 97 -6.11 -32.74 -10.95
CA GLU A 97 -5.98 -33.96 -10.15
C GLU A 97 -5.16 -35.04 -10.83
N ALA A 98 -4.34 -35.72 -10.04
CA ALA A 98 -3.58 -36.87 -10.52
C ALA A 98 -4.10 -38.13 -9.84
N SER A 99 -4.51 -39.10 -10.65
CA SER A 99 -5.19 -40.31 -10.22
C SER A 99 -4.79 -41.50 -11.09
N LYS A 100 -5.12 -42.70 -10.62
CA LYS A 100 -4.99 -43.92 -11.41
C LYS A 100 -6.19 -44.03 -12.36
N GLY A 101 -6.05 -43.43 -13.54
CA GLY A 101 -7.13 -43.40 -14.51
C GLY A 101 -8.32 -42.57 -14.04
N PRO A 102 -9.53 -42.95 -14.44
CA PRO A 102 -10.76 -42.22 -14.07
C PRO A 102 -11.25 -42.55 -12.65
N ALA A 103 -10.34 -42.42 -11.68
CA ALA A 103 -10.65 -42.71 -10.28
C ALA A 103 -11.69 -41.77 -9.70
N PHE A 104 -11.64 -40.50 -10.07
CA PHE A 104 -12.62 -39.53 -9.58
C PHE A 104 -14.04 -39.92 -9.98
N ALA A 105 -14.22 -40.30 -11.24
CA ALA A 105 -15.53 -40.75 -11.74
C ALA A 105 -16.03 -42.00 -11.01
N ARG A 106 -15.11 -42.92 -10.73
CA ARG A 106 -15.42 -44.14 -9.98
C ARG A 106 -15.94 -43.84 -8.58
N ARG A 107 -15.42 -42.75 -8.00
CA ARG A 107 -15.78 -42.37 -6.64
C ARG A 107 -16.92 -41.35 -6.61
N GLY A 108 -17.52 -41.11 -7.77
CA GLY A 108 -18.72 -40.30 -7.86
C GLY A 108 -18.52 -38.84 -8.21
N ILE A 109 -17.27 -38.40 -8.34
CA ILE A 109 -17.01 -37.03 -8.75
C ILE A 109 -16.64 -36.99 -10.24
N THR A 110 -17.66 -37.14 -11.06
CA THR A 110 -17.51 -37.06 -12.52
C THR A 110 -17.34 -35.60 -12.92
N ASP A 111 -16.90 -35.37 -14.16
CA ASP A 111 -16.82 -34.01 -14.71
C ASP A 111 -18.21 -33.37 -14.71
N GLU A 112 -19.22 -34.20 -14.95
CA GLU A 112 -20.60 -33.75 -14.95
C GLU A 112 -20.98 -33.16 -13.59
N VAL A 113 -20.60 -33.85 -12.51
CA VAL A 113 -20.86 -33.38 -11.15
C VAL A 113 -20.10 -32.07 -10.88
N LEU A 114 -18.84 -32.01 -11.32
CA LEU A 114 -18.04 -30.79 -11.15
C LEU A 114 -18.66 -29.58 -11.84
N TRP A 115 -19.13 -29.79 -13.08
CA TRP A 115 -19.74 -28.71 -13.85
C TRP A 115 -21.12 -28.29 -13.33
N GLN A 116 -21.79 -29.19 -12.59
CA GLN A 116 -23.04 -28.85 -11.91
C GLN A 116 -22.78 -27.74 -10.89
N HIS A 117 -21.62 -27.80 -10.24
CA HIS A 117 -21.23 -26.82 -9.25
C HIS A 117 -20.54 -25.60 -9.86
N ASN A 118 -19.80 -25.82 -10.95
CA ASN A 118 -19.19 -24.73 -11.70
C ASN A 118 -19.05 -25.07 -13.17
N PRO A 119 -19.98 -24.58 -14.00
CA PRO A 119 -19.95 -24.83 -15.45
C PRO A 119 -18.71 -24.25 -16.16
N LYS A 120 -17.99 -23.33 -15.51
CA LYS A 120 -16.79 -22.71 -16.10
C LYS A 120 -15.51 -23.49 -15.80
N LEU A 121 -15.60 -24.46 -14.89
CA LEU A 121 -14.40 -25.12 -14.36
C LEU A 121 -13.53 -25.79 -15.44
N VAL A 122 -12.23 -25.50 -15.36
CA VAL A 122 -11.24 -26.22 -16.15
C VAL A 122 -10.71 -27.35 -15.27
N ILE A 123 -10.85 -28.58 -15.78
CA ILE A 123 -10.44 -29.78 -15.05
C ILE A 123 -9.33 -30.48 -15.79
N ALA A 124 -8.21 -30.69 -15.12
CA ALA A 124 -7.09 -31.41 -15.70
C ALA A 124 -6.90 -32.73 -14.97
N HIS A 125 -7.03 -33.83 -15.71
CA HIS A 125 -6.83 -35.18 -15.18
C HIS A 125 -5.47 -35.72 -15.63
N LEU A 126 -4.55 -35.87 -14.69
CA LEU A 126 -3.24 -36.43 -14.97
C LEU A 126 -3.22 -37.91 -14.57
N SER A 127 -2.86 -38.77 -15.51
CA SER A 127 -2.75 -40.20 -15.19
C SER A 127 -1.61 -40.83 -15.99
N GLY A 128 -1.28 -42.08 -15.67
CA GLY A 128 -0.26 -42.79 -16.42
C GLY A 128 -0.68 -43.16 -17.82
N PHE A 129 -1.93 -43.61 -17.95
CA PHE A 129 -2.39 -44.24 -19.19
C PHE A 129 -3.67 -43.63 -19.79
N GLY A 130 -4.19 -42.58 -19.15
CA GLY A 130 -5.36 -41.89 -19.68
C GLY A 130 -6.67 -42.15 -18.96
N GLN A 131 -7.69 -41.35 -19.27
CA GLN A 131 -9.00 -41.47 -18.63
C GLN A 131 -9.88 -42.57 -19.24
N TYR A 132 -9.50 -43.05 -20.41
CA TYR A 132 -10.21 -44.13 -21.07
C TYR A 132 -9.22 -44.98 -21.87
N GLY A 133 -9.66 -46.17 -22.25
CA GLY A 133 -8.83 -47.07 -23.03
C GLY A 133 -9.29 -48.49 -22.80
N THR A 134 -8.33 -49.38 -22.53
CA THR A 134 -8.64 -50.78 -22.24
C THR A 134 -8.74 -51.01 -20.74
N GLU A 135 -9.40 -52.11 -20.37
CA GLU A 135 -9.50 -52.52 -18.97
C GLU A 135 -8.13 -52.85 -18.36
N GLU A 136 -7.23 -53.37 -19.20
CA GLU A 136 -5.90 -53.81 -18.79
C GLU A 136 -4.96 -52.69 -18.36
N TYR A 137 -4.97 -51.57 -19.09
CA TYR A 137 -3.96 -50.52 -18.89
C TYR A 137 -4.47 -49.26 -18.18
N THR A 138 -5.74 -48.93 -18.40
CA THR A 138 -6.29 -47.63 -18.00
C THR A 138 -6.19 -47.32 -16.50
N ASN A 139 -6.28 -48.35 -15.66
CA ASN A 139 -6.31 -48.16 -14.21
C ASN A 139 -5.00 -48.52 -13.50
N LEU A 140 -3.93 -48.64 -14.27
CA LEU A 140 -2.61 -48.96 -13.74
C LEU A 140 -1.98 -47.76 -13.04
N PRO A 141 -1.06 -48.00 -12.10
CA PRO A 141 -0.36 -46.91 -11.40
C PRO A 141 0.53 -46.07 -12.31
N ALA A 142 0.59 -44.77 -12.01
CA ALA A 142 1.45 -43.83 -12.72
C ALA A 142 2.81 -43.75 -12.06
N TYR A 143 3.84 -44.11 -12.81
CA TYR A 143 5.23 -43.94 -12.38
C TYR A 143 6.03 -43.35 -13.52
N ASN A 144 6.96 -42.47 -13.19
CA ASN A 144 7.84 -41.88 -14.20
C ASN A 144 8.57 -42.94 -15.03
N THR A 145 9.15 -43.94 -14.39
CA THR A 145 9.88 -44.98 -15.11
C THR A 145 8.96 -45.76 -16.06
N ILE A 146 7.74 -46.04 -15.60
CA ILE A 146 6.76 -46.75 -16.41
C ILE A 146 6.36 -45.91 -17.64
N ALA A 147 6.12 -44.62 -17.44
CA ALA A 147 5.80 -43.72 -18.56
C ALA A 147 6.91 -43.69 -19.59
N GLN A 148 8.17 -43.65 -19.13
CA GLN A 148 9.31 -43.66 -20.02
C GLN A 148 9.40 -45.00 -20.77
N ALA A 149 9.19 -46.09 -20.02
CA ALA A 149 9.20 -47.43 -20.60
C ALA A 149 8.10 -47.61 -21.67
N PHE A 150 6.91 -47.10 -21.37
CA PHE A 150 5.73 -47.35 -22.20
C PHE A 150 5.67 -46.48 -23.46
N SER A 151 6.42 -45.38 -23.46
CA SER A 151 6.34 -44.36 -24.51
C SER A 151 7.45 -44.45 -25.54
N GLY A 152 8.40 -45.36 -25.35
CA GLY A 152 9.59 -45.43 -26.19
C GLY A 152 10.66 -44.41 -25.83
N TYR A 153 10.51 -43.74 -24.69
CA TYR A 153 11.51 -42.75 -24.27
C TYR A 153 12.71 -43.43 -23.64
N LEU A 154 12.44 -44.40 -22.77
CA LEU A 154 13.50 -45.12 -22.05
C LEU A 154 14.45 -45.84 -23.02
N ILE A 155 13.87 -46.55 -23.99
CA ILE A 155 14.67 -47.33 -24.93
C ILE A 155 15.65 -46.50 -25.76
N GLN A 156 15.39 -45.21 -25.92
CA GLN A 156 16.28 -44.35 -26.69
C GLN A 156 17.27 -43.53 -25.84
N ASN A 157 17.12 -43.61 -24.52
CA ASN A 157 18.07 -43.00 -23.60
C ASN A 157 19.10 -44.02 -23.14
N GLY A 158 20.26 -43.54 -22.71
CA GLY A 158 21.31 -44.44 -22.25
C GLY A 158 22.41 -44.68 -23.26
N ASP A 159 23.15 -45.76 -23.02
CA ASP A 159 24.32 -46.14 -23.80
C ASP A 159 23.94 -47.22 -24.81
N VAL A 160 24.79 -47.38 -25.83
CA VAL A 160 24.58 -48.38 -26.90
C VAL A 160 23.96 -49.68 -26.38
N ASP A 161 24.60 -50.29 -25.38
CA ASP A 161 24.14 -51.57 -24.86
C ASP A 161 23.62 -51.47 -23.41
N GLN A 162 23.13 -50.29 -23.05
CA GLN A 162 22.51 -50.08 -21.75
C GLN A 162 21.53 -48.92 -21.78
N PRO A 163 20.25 -49.22 -22.02
CA PRO A 163 19.21 -48.19 -21.90
C PRO A 163 19.08 -47.73 -20.45
N MSE A 164 18.72 -46.47 -20.25
CA MSE A 164 18.48 -45.95 -18.90
C MSE A 164 17.39 -44.89 -19.02
O MSE A 164 17.23 -44.29 -20.08
CB MSE A 164 19.74 -45.31 -18.32
CG MSE A 164 21.04 -46.12 -18.37
SE MSE A 164 22.57 -44.91 -18.44
CE MSE A 164 21.61 -43.31 -18.13
N PRO A 165 16.65 -44.64 -17.94
CA PRO A 165 15.65 -43.56 -17.95
C PRO A 165 16.32 -42.20 -17.80
N ALA A 166 15.67 -41.16 -18.32
CA ALA A 166 16.10 -39.80 -18.07
C ALA A 166 15.82 -39.45 -16.60
N PHE A 167 16.67 -38.59 -16.02
CA PHE A 167 16.76 -38.39 -14.57
C PHE A 167 16.80 -36.89 -14.26
N PRO A 168 16.23 -36.42 -13.15
CA PRO A 168 15.39 -37.20 -12.23
C PRO A 168 13.88 -37.07 -12.50
N TYR A 169 13.18 -38.20 -12.53
CA TYR A 169 11.72 -38.21 -12.70
C TYR A 169 11.22 -37.36 -13.88
N THR A 170 11.97 -37.41 -14.97
CA THR A 170 11.77 -36.55 -16.13
C THR A 170 10.33 -36.54 -16.65
N ALA A 171 9.72 -37.72 -16.72
CA ALA A 171 8.34 -37.84 -17.21
C ALA A 171 7.32 -37.14 -16.32
N ASP A 172 7.58 -37.11 -15.01
CA ASP A 172 6.69 -36.42 -14.07
C ASP A 172 6.66 -34.93 -14.37
N TYR A 173 7.83 -34.37 -14.68
CA TYR A 173 7.97 -32.94 -14.97
C TYR A 173 7.38 -32.55 -16.32
N PHE A 174 7.65 -33.34 -17.35
CA PHE A 174 7.04 -33.08 -18.66
C PHE A 174 5.52 -33.15 -18.55
N SER A 175 5.01 -34.15 -17.83
CA SER A 175 3.56 -34.37 -17.74
C SER A 175 2.88 -33.28 -16.93
N GLY A 176 3.45 -32.94 -15.78
CA GLY A 176 2.97 -31.83 -14.97
C GLY A 176 2.98 -30.51 -15.72
N LEU A 177 4.10 -30.20 -16.37
CA LEU A 177 4.20 -28.97 -17.16
C LEU A 177 3.15 -28.92 -18.26
N THR A 178 2.96 -30.05 -18.95
CA THR A 178 1.93 -30.12 -19.99
C THR A 178 0.53 -29.82 -19.43
N ALA A 179 0.24 -30.33 -18.23
CA ALA A 179 -1.04 -30.08 -17.59
C ALA A 179 -1.23 -28.58 -17.30
N THR A 180 -0.19 -27.92 -16.81
CA THR A 180 -0.24 -26.47 -16.61
C THR A 180 -0.57 -25.75 -17.91
N THR A 181 0.18 -26.11 -18.96
CA THR A 181 0.03 -25.51 -20.30
C THR A 181 -1.40 -25.67 -20.82
N ALA A 182 -1.88 -26.91 -20.79
CA ALA A 182 -3.20 -27.24 -21.31
C ALA A 182 -4.33 -26.54 -20.54
N ALA A 183 -4.18 -26.48 -19.21
CA ALA A 183 -5.17 -25.80 -18.36
C ALA A 183 -5.23 -24.32 -18.67
N LEU A 184 -4.07 -23.69 -18.86
CA LEU A 184 -3.99 -22.28 -19.24
C LEU A 184 -4.62 -22.03 -20.62
N ALA A 185 -4.49 -23.01 -21.51
CA ALA A 185 -5.10 -22.90 -22.85
C ALA A 185 -6.62 -22.97 -22.75
N ALA A 186 -7.11 -23.95 -21.98
CA ALA A 186 -8.54 -24.10 -21.74
C ALA A 186 -9.11 -22.88 -21.04
N LEU A 187 -8.34 -22.28 -20.14
CA LEU A 187 -8.72 -21.05 -19.46
C LEU A 187 -9.04 -19.93 -20.44
N HIS A 188 -8.23 -19.83 -21.50
CA HIS A 188 -8.46 -18.85 -22.54
C HIS A 188 -9.85 -18.99 -23.15
N LYS A 189 -10.22 -20.23 -23.47
CA LYS A 189 -11.52 -20.54 -24.05
C LYS A 189 -12.68 -20.15 -23.14
N VAL A 190 -12.50 -20.34 -21.83
CA VAL A 190 -13.51 -19.99 -20.84
C VAL A 190 -13.81 -18.48 -20.87
N ARG A 191 -12.78 -17.67 -21.04
CA ARG A 191 -12.93 -16.22 -21.00
C ARG A 191 -13.70 -15.60 -22.18
N GLU A 192 -14.09 -16.44 -23.15
CA GLU A 192 -14.95 -16.01 -24.25
C GLU A 192 -16.30 -16.73 -24.28
N THR A 193 -16.27 -18.05 -24.04
CA THR A 193 -17.49 -18.86 -24.13
C THR A 193 -18.22 -19.00 -22.79
N GLY A 194 -17.47 -18.96 -21.69
CA GLY A 194 -18.03 -19.20 -20.37
C GLY A 194 -18.27 -20.66 -20.07
N LYS A 195 -17.67 -21.54 -20.88
CA LYS A 195 -17.83 -22.98 -20.70
C LYS A 195 -16.50 -23.65 -20.43
N GLY A 196 -16.50 -24.52 -19.42
CA GLY A 196 -15.30 -25.19 -18.97
C GLY A 196 -14.82 -26.31 -19.87
N GLU A 197 -13.87 -27.07 -19.37
CA GLU A 197 -13.17 -28.07 -20.15
C GLU A 197 -12.65 -29.17 -19.24
N SER A 198 -12.51 -30.37 -19.81
CA SER A 198 -11.85 -31.49 -19.14
C SER A 198 -10.70 -31.95 -20.00
N ILE A 199 -9.53 -32.10 -19.36
CA ILE A 199 -8.30 -32.41 -20.07
C ILE A 199 -7.74 -33.75 -19.61
N ASP A 200 -7.52 -34.64 -20.59
CA ASP A 200 -7.04 -35.99 -20.33
C ASP A 200 -5.56 -36.04 -20.70
N ILE A 201 -4.71 -35.87 -19.68
CA ILE A 201 -3.25 -35.90 -19.86
C ILE A 201 -2.72 -37.27 -19.44
N ALA A 202 -2.38 -38.08 -20.44
CA ALA A 202 -1.78 -39.39 -20.21
C ALA A 202 -0.27 -39.25 -20.33
N MSE A 203 0.43 -39.66 -19.26
CA MSE A 203 1.87 -39.47 -19.19
C MSE A 203 2.60 -40.08 -20.38
O MSE A 203 3.54 -39.50 -20.89
CB MSE A 203 2.43 -40.03 -17.89
CG MSE A 203 2.01 -39.25 -16.68
SE MSE A 203 2.71 -40.03 -15.04
CE MSE A 203 4.58 -40.10 -15.55
N TYR A 204 2.15 -41.25 -20.82
CA TYR A 204 2.82 -41.92 -21.93
C TYR A 204 2.65 -41.18 -23.26
N GLU A 205 1.54 -40.46 -23.43
CA GLU A 205 1.32 -39.68 -24.63
C GLU A 205 2.16 -38.40 -24.63
N VAL A 206 2.34 -37.82 -23.45
CA VAL A 206 3.27 -36.70 -23.29
C VAL A 206 4.67 -37.13 -23.73
N MSE A 207 5.12 -38.26 -23.20
CA MSE A 207 6.48 -38.71 -23.45
C MSE A 207 6.67 -39.23 -24.88
O MSE A 207 7.75 -39.12 -25.46
CB MSE A 207 6.91 -39.73 -22.40
CG MSE A 207 6.95 -39.12 -21.00
SE MSE A 207 7.98 -37.46 -20.91
CE MSE A 207 9.74 -38.22 -20.98
N LEU A 208 5.60 -39.78 -25.45
CA LEU A 208 5.59 -40.14 -26.86
C LEU A 208 5.98 -38.95 -27.72
N ARG A 209 5.34 -37.80 -27.48
CA ARG A 209 5.66 -36.61 -28.26
C ARG A 209 7.10 -36.16 -28.09
N MSE A 210 7.60 -36.22 -26.85
CA MSE A 210 8.96 -35.74 -26.57
C MSE A 210 10.06 -36.61 -27.19
O MSE A 210 11.21 -36.17 -27.31
CB MSE A 210 9.18 -35.59 -25.06
CG MSE A 210 8.16 -34.68 -24.35
SE MSE A 210 7.76 -32.98 -25.27
CE MSE A 210 6.12 -32.55 -24.29
N GLY A 211 9.71 -37.82 -27.60
CA GLY A 211 10.66 -38.74 -28.19
C GLY A 211 10.53 -38.95 -29.68
N GLN A 212 10.02 -37.95 -30.39
CA GLN A 212 9.71 -38.11 -31.82
C GLN A 212 10.81 -37.74 -32.82
N TYR A 213 11.81 -36.97 -32.39
CA TYR A 213 12.80 -36.44 -33.33
C TYR A 213 13.32 -37.48 -34.32
N PHE A 214 13.66 -38.66 -33.81
CA PHE A 214 14.10 -39.76 -34.66
C PHE A 214 13.02 -40.80 -34.91
N MSE A 215 12.06 -40.92 -33.98
CA MSE A 215 11.00 -41.93 -34.13
C MSE A 215 10.13 -41.68 -35.35
O MSE A 215 9.57 -42.62 -35.91
CB MSE A 215 10.15 -42.06 -32.86
CG MSE A 215 9.50 -43.45 -32.71
SE MSE A 215 8.24 -43.66 -31.26
CE MSE A 215 9.36 -43.08 -29.75
N MSE A 216 10.04 -40.42 -35.75
CA MSE A 216 9.29 -40.08 -36.96
C MSE A 216 9.88 -40.72 -38.21
O MSE A 216 9.14 -40.98 -39.16
CB MSE A 216 9.15 -38.56 -37.10
CG MSE A 216 8.02 -37.97 -36.25
SE MSE A 216 6.25 -38.57 -36.85
CE MSE A 216 6.19 -37.66 -38.56
N ASP A 217 11.18 -41.00 -38.20
CA ASP A 217 11.82 -41.78 -39.28
C ASP A 217 11.31 -43.21 -39.30
N TYR A 218 11.23 -43.83 -38.12
CA TYR A 218 10.70 -45.19 -38.01
C TYR A 218 9.27 -45.30 -38.56
N PHE A 219 8.42 -44.36 -38.15
CA PHE A 219 7.01 -44.39 -38.55
C PHE A 219 6.82 -44.15 -40.05
N ASN A 220 7.81 -43.53 -40.69
CA ASN A 220 7.68 -43.08 -42.07
C ASN A 220 8.76 -43.59 -43.03
N GLY A 221 9.17 -44.84 -42.80
CA GLY A 221 9.89 -45.62 -43.80
C GLY A 221 11.39 -45.66 -43.64
N GLY A 222 11.90 -44.97 -42.63
CA GLY A 222 13.32 -44.98 -42.34
C GLY A 222 13.64 -45.87 -41.16
N GLU A 223 14.71 -45.57 -40.45
CA GLU A 223 15.13 -46.42 -39.34
C GLU A 223 15.18 -45.60 -38.06
N MSE A 224 14.90 -46.27 -36.95
CA MSE A 224 15.09 -45.69 -35.63
C MSE A 224 16.58 -45.50 -35.40
O MSE A 224 17.40 -46.31 -35.85
CB MSE A 224 14.49 -46.60 -34.54
CG MSE A 224 14.49 -45.99 -33.14
SE MSE A 224 13.78 -44.17 -33.05
CE MSE A 224 14.17 -43.81 -31.18
N CYS A 225 16.93 -44.42 -34.70
CA CYS A 225 18.31 -44.09 -34.43
C CYS A 225 18.91 -45.07 -33.43
N PRO A 226 20.23 -45.24 -33.46
CA PRO A 226 20.93 -45.97 -32.40
C PRO A 226 20.98 -45.14 -31.12
N ARG A 227 21.20 -45.80 -29.99
CA ARG A 227 21.48 -45.09 -28.75
C ARG A 227 22.86 -44.43 -28.82
N MSE A 228 23.05 -43.36 -28.06
CA MSE A 228 24.33 -42.68 -27.95
C MSE A 228 25.39 -43.62 -27.41
O MSE A 228 25.10 -44.54 -26.64
CB MSE A 228 24.22 -41.50 -26.99
CG MSE A 228 23.35 -40.36 -27.46
SE MSE A 228 23.26 -38.98 -26.09
CE MSE A 228 22.39 -39.98 -24.73
N SER A 229 26.64 -43.39 -27.82
CA SER A 229 27.79 -44.03 -27.22
C SER A 229 28.48 -43.05 -26.28
N LYS A 230 28.38 -43.31 -24.97
CA LYS A 230 28.97 -42.45 -23.94
C LYS A 230 28.62 -40.96 -24.10
N GLY A 231 27.36 -40.70 -24.46
CA GLY A 231 26.86 -39.34 -24.61
C GLY A 231 27.23 -38.64 -25.91
N LYS A 232 27.83 -39.38 -26.83
CA LYS A 232 28.14 -38.85 -28.15
C LYS A 232 26.94 -38.96 -29.08
N ASP A 233 26.80 -37.99 -29.98
CA ASP A 233 25.72 -37.96 -30.95
C ASP A 233 25.60 -39.30 -31.68
N PRO A 234 24.38 -39.80 -31.88
CA PRO A 234 24.19 -41.08 -32.58
C PRO A 234 24.69 -41.05 -34.03
N TYR A 235 24.73 -39.87 -34.66
CA TYR A 235 25.01 -39.78 -36.09
C TYR A 235 26.22 -38.93 -36.47
N TYR A 236 26.46 -37.85 -35.73
CA TYR A 236 27.44 -36.84 -36.15
C TYR A 236 28.69 -36.79 -35.29
N ALA A 237 29.84 -37.01 -35.94
CA ALA A 237 31.14 -37.00 -35.28
C ALA A 237 31.47 -35.63 -34.69
N GLY A 238 32.15 -35.63 -33.56
CA GLY A 238 32.57 -34.39 -32.93
C GLY A 238 31.44 -33.63 -32.26
N CYS A 239 30.30 -34.30 -32.08
CA CYS A 239 29.13 -33.70 -31.43
C CYS A 239 28.70 -34.48 -30.19
N GLY A 240 28.48 -33.78 -29.09
CA GLY A 240 28.05 -34.39 -27.86
C GLY A 240 29.11 -34.35 -26.78
N LEU A 241 29.11 -35.36 -25.91
CA LEU A 241 29.92 -35.38 -24.71
C LEU A 241 31.31 -35.99 -24.91
N TYR A 242 32.32 -35.30 -24.39
CA TYR A 242 33.71 -35.75 -24.47
C TYR A 242 34.42 -35.57 -23.13
N LYS A 243 35.47 -36.36 -22.93
CA LYS A 243 36.24 -36.31 -21.68
C LYS A 243 37.57 -35.58 -21.89
N CYS A 244 37.80 -34.56 -21.09
CA CYS A 244 39.06 -33.83 -21.10
C CYS A 244 39.94 -34.30 -19.94
N ALA A 245 41.05 -33.61 -19.72
CA ALA A 245 42.01 -33.98 -18.68
C ALA A 245 41.45 -33.84 -17.27
N ASP A 246 40.63 -32.80 -17.06
CA ASP A 246 40.12 -32.47 -15.73
C ASP A 246 38.59 -32.35 -15.64
N GLY A 247 37.89 -33.10 -16.49
CA GLY A 247 36.44 -33.10 -16.50
C GLY A 247 35.84 -33.29 -17.87
N TYR A 248 34.51 -33.14 -17.97
CA TYR A 248 33.79 -33.38 -19.22
C TYR A 248 33.40 -32.08 -19.94
N ILE A 249 33.36 -32.14 -21.25
CA ILE A 249 32.81 -31.05 -22.06
C ILE A 249 31.81 -31.58 -23.06
N VAL A 250 30.88 -30.72 -23.46
CA VAL A 250 30.05 -30.98 -24.64
C VAL A 250 30.53 -30.07 -25.74
N MSE A 251 30.51 -30.55 -26.98
CA MSE A 251 31.00 -29.77 -28.10
C MSE A 251 30.16 -30.01 -29.35
O MSE A 251 29.40 -30.98 -29.43
CB MSE A 251 32.47 -30.10 -28.39
CG MSE A 251 32.69 -31.55 -28.76
SE MSE A 251 34.55 -31.88 -29.24
CE MSE A 251 34.58 -31.01 -30.97
N GLU A 252 30.30 -29.12 -30.33
CA GLU A 252 29.61 -29.23 -31.61
C GLU A 252 30.58 -28.93 -32.76
N LEU A 253 31.15 -29.98 -33.34
CA LEU A 253 32.05 -29.84 -34.49
C LEU A 253 31.26 -29.63 -35.80
N VAL A 254 30.87 -28.38 -36.03
CA VAL A 254 30.07 -27.99 -37.18
C VAL A 254 30.68 -26.76 -37.84
N GLY A 255 30.86 -26.81 -39.15
CA GLY A 255 31.40 -25.69 -39.91
C GLY A 255 32.66 -26.06 -40.68
N ILE A 256 32.91 -25.34 -41.78
CA ILE A 256 34.03 -25.61 -42.67
C ILE A 256 35.39 -25.40 -41.99
N THR A 257 35.63 -24.19 -41.47
CA THR A 257 36.89 -23.87 -40.80
C THR A 257 37.01 -24.61 -39.47
N GLN A 258 35.87 -24.83 -38.82
CA GLN A 258 35.80 -25.56 -37.56
C GLN A 258 36.36 -26.97 -37.72
N ILE A 259 35.94 -27.66 -38.79
CA ILE A 259 36.43 -29.00 -39.09
C ILE A 259 37.88 -28.96 -39.60
N GLU A 260 38.18 -27.98 -40.45
CA GLU A 260 39.51 -27.83 -41.04
C GLU A 260 40.61 -27.67 -39.98
N GLU A 261 40.42 -26.71 -39.08
CA GLU A 261 41.42 -26.38 -38.07
C GLU A 261 41.47 -27.38 -36.91
N CYS A 262 40.32 -27.96 -36.56
CA CYS A 262 40.27 -28.99 -35.53
C CYS A 262 41.02 -30.25 -35.97
N PHE A 263 40.80 -30.65 -37.22
CA PHE A 263 41.50 -31.79 -37.82
C PHE A 263 43.02 -31.59 -37.76
N LYS A 264 43.48 -30.39 -38.09
CA LYS A 264 44.89 -30.03 -38.00
C LYS A 264 45.42 -30.22 -36.58
N ASP A 265 44.67 -29.73 -35.59
CA ASP A 265 45.05 -29.84 -34.19
C ASP A 265 45.19 -31.29 -33.72
N ILE A 266 44.26 -32.14 -34.17
CA ILE A 266 44.18 -33.52 -33.69
C ILE A 266 44.99 -34.53 -34.52
N GLY A 267 45.69 -34.02 -35.55
CA GLY A 267 46.61 -34.82 -36.34
C GLY A 267 45.99 -35.47 -37.56
N LEU A 268 44.90 -34.87 -38.07
CA LEU A 268 44.16 -35.44 -39.19
C LEU A 268 44.07 -34.50 -40.39
N ALA A 269 45.03 -33.59 -40.51
CA ALA A 269 45.09 -32.63 -41.62
C ALA A 269 45.07 -33.33 -42.99
N HIS A 270 45.65 -34.52 -43.07
CA HIS A 270 45.74 -35.28 -44.30
C HIS A 270 44.40 -35.86 -44.78
N LEU A 271 43.41 -35.85 -43.88
CA LEU A 271 42.05 -36.30 -44.23
C LEU A 271 41.25 -35.22 -44.95
N LEU A 272 41.70 -33.97 -44.86
CA LEU A 272 41.02 -32.85 -45.50
C LEU A 272 41.22 -32.87 -47.02
N GLY A 273 40.17 -32.48 -47.75
CA GLY A 273 40.23 -32.44 -49.21
C GLY A 273 40.19 -33.80 -49.89
N THR A 274 39.79 -34.83 -49.17
CA THR A 274 39.64 -36.18 -49.72
C THR A 274 38.20 -36.39 -50.17
N PRO A 275 37.94 -37.41 -51.01
CA PRO A 275 36.56 -37.78 -51.37
C PRO A 275 35.66 -38.03 -50.16
N GLU A 276 36.23 -38.55 -49.07
CA GLU A 276 35.49 -38.88 -47.86
C GLU A 276 35.12 -37.63 -47.07
N ILE A 277 36.04 -36.68 -46.98
CA ILE A 277 35.79 -35.37 -46.39
C ILE A 277 36.21 -34.27 -47.38
N PRO A 278 35.32 -33.95 -48.32
CA PRO A 278 35.61 -32.96 -49.37
C PRO A 278 35.79 -31.55 -48.83
N GLU A 279 36.41 -30.69 -49.65
CA GLU A 279 36.51 -29.27 -49.39
C GLU A 279 35.11 -28.69 -49.22
N GLY A 280 34.87 -28.04 -48.08
CA GLY A 280 33.59 -27.43 -47.80
C GLY A 280 32.65 -28.26 -46.93
N THR A 281 33.15 -29.37 -46.40
CA THR A 281 32.39 -30.21 -45.47
C THR A 281 32.05 -29.42 -44.20
N GLN A 282 30.77 -29.43 -43.84
CA GLN A 282 30.27 -28.67 -42.70
C GLN A 282 29.92 -29.58 -41.51
N LEU A 283 29.71 -30.86 -41.80
CA LEU A 283 29.24 -31.82 -40.82
C LEU A 283 29.75 -33.21 -41.18
N ILE A 284 30.25 -33.95 -40.20
CA ILE A 284 30.74 -35.31 -40.44
C ILE A 284 29.73 -36.35 -39.94
N HIS A 285 29.15 -37.10 -40.88
CA HIS A 285 28.30 -38.23 -40.51
C HIS A 285 29.19 -39.43 -40.17
N ARG A 286 29.15 -39.85 -38.91
CA ARG A 286 30.07 -40.86 -38.39
C ARG A 286 29.91 -42.24 -39.02
N ILE A 287 28.68 -42.59 -39.37
CA ILE A 287 28.39 -43.89 -39.95
C ILE A 287 28.68 -43.90 -41.46
N GLU A 288 28.25 -42.84 -42.15
CA GLU A 288 28.42 -42.72 -43.61
C GLU A 288 29.88 -42.48 -44.00
N CYS A 289 30.60 -41.70 -43.19
CA CYS A 289 32.00 -41.39 -43.48
C CYS A 289 32.90 -42.52 -42.99
N PRO A 290 33.69 -43.10 -43.89
CA PRO A 290 34.63 -44.19 -43.53
C PRO A 290 35.63 -43.79 -42.45
N TYR A 291 35.89 -42.50 -42.31
CA TYR A 291 36.86 -42.00 -41.32
C TYR A 291 36.22 -41.66 -39.96
N GLY A 292 34.90 -41.79 -39.86
CA GLY A 292 34.17 -41.53 -38.64
C GLY A 292 34.82 -42.02 -37.34
N PRO A 293 35.03 -43.33 -37.21
CA PRO A 293 35.72 -43.89 -36.04
C PRO A 293 37.13 -43.32 -35.79
N LEU A 294 37.92 -43.11 -36.84
CA LEU A 294 39.26 -42.52 -36.71
C LEU A 294 39.21 -41.08 -36.19
N VAL A 295 38.22 -40.32 -36.64
CA VAL A 295 38.03 -38.95 -36.17
C VAL A 295 37.79 -38.96 -34.66
N GLU A 296 36.93 -39.86 -34.21
CA GLU A 296 36.62 -40.00 -32.79
C GLU A 296 37.84 -40.41 -31.98
N GLU A 297 38.61 -41.36 -32.49
CA GLU A 297 39.83 -41.83 -31.83
C GLU A 297 40.81 -40.68 -31.59
N LYS A 298 41.03 -39.87 -32.62
CA LYS A 298 41.97 -38.76 -32.57
C LYS A 298 41.43 -37.58 -31.76
N LEU A 299 40.11 -37.37 -31.83
CA LEU A 299 39.47 -36.32 -31.02
C LEU A 299 39.57 -36.63 -29.53
N ASP A 300 39.26 -37.88 -29.16
CA ASP A 300 39.35 -38.33 -27.78
C ASP A 300 40.77 -38.09 -27.24
N ALA A 301 41.77 -38.49 -28.02
CA ALA A 301 43.18 -38.42 -27.62
C ALA A 301 43.65 -36.98 -27.41
N TRP A 302 43.24 -36.08 -28.30
CA TRP A 302 43.61 -34.67 -28.19
C TRP A 302 42.97 -34.02 -26.97
N LEU A 303 41.69 -34.34 -26.72
CA LEU A 303 40.96 -33.77 -25.60
C LEU A 303 41.44 -34.33 -24.26
N ALA A 304 41.78 -35.61 -24.25
CA ALA A 304 42.24 -36.31 -23.04
C ALA A 304 43.49 -35.70 -22.40
N THR A 305 44.35 -35.09 -23.22
CA THR A 305 45.60 -34.49 -22.74
C THR A 305 45.50 -32.97 -22.56
N HIS A 306 44.30 -32.43 -22.73
CA HIS A 306 44.06 -31.00 -22.59
C HIS A 306 43.05 -30.71 -21.49
N THR A 307 43.28 -29.64 -20.73
CA THR A 307 42.34 -29.21 -19.70
C THR A 307 41.14 -28.51 -20.34
N ILE A 308 40.04 -28.41 -19.58
CA ILE A 308 38.84 -27.73 -20.05
C ILE A 308 39.12 -26.28 -20.44
N ALA A 309 39.89 -25.57 -19.62
CA ALA A 309 40.28 -24.19 -19.91
C ALA A 309 41.05 -24.08 -21.22
N GLU A 310 41.96 -25.04 -21.45
CA GLU A 310 42.74 -25.12 -22.69
C GLU A 310 41.83 -25.40 -23.89
N VAL A 311 40.92 -26.36 -23.73
CA VAL A 311 39.97 -26.75 -24.76
C VAL A 311 39.02 -25.58 -25.08
N LYS A 312 38.45 -24.98 -24.04
CA LYS A 312 37.56 -23.82 -24.19
C LYS A 312 38.27 -22.67 -24.90
N GLU A 313 39.51 -22.39 -24.48
CA GLU A 313 40.34 -21.36 -25.11
C GLU A 313 40.54 -21.63 -26.60
N ARG A 314 40.90 -22.87 -26.93
CA ARG A 314 41.13 -23.27 -28.32
C ARG A 314 39.84 -23.28 -29.14
N PHE A 315 38.75 -23.77 -28.55
CA PHE A 315 37.46 -23.84 -29.23
C PHE A 315 36.85 -22.45 -29.43
N ALA A 316 37.15 -21.53 -28.53
CA ALA A 316 36.75 -20.13 -28.67
C ALA A 316 37.46 -19.48 -29.85
N GLU A 317 38.73 -19.84 -30.04
CA GLU A 317 39.55 -19.34 -31.16
C GLU A 317 39.02 -19.81 -32.51
N LEU A 318 38.45 -21.02 -32.54
CA LEU A 318 37.97 -21.63 -33.78
C LEU A 318 36.46 -21.50 -33.97
N ASN A 319 35.79 -20.86 -33.01
CA ASN A 319 34.33 -20.73 -33.02
C ASN A 319 33.59 -22.07 -32.99
N ILE A 320 34.10 -22.99 -32.18
CA ILE A 320 33.44 -24.27 -31.93
C ILE A 320 32.66 -24.15 -30.63
N ALA A 321 31.34 -24.31 -30.74
CA ALA A 321 30.46 -24.22 -29.57
C ALA A 321 30.76 -25.34 -28.58
N CYS A 322 30.97 -24.97 -27.33
CA CYS A 322 31.26 -25.93 -26.27
C CYS A 322 30.89 -25.40 -24.90
N ALA A 323 30.84 -26.31 -23.93
CA ALA A 323 30.60 -25.96 -22.53
C ALA A 323 31.11 -27.08 -21.64
N LYS A 324 31.71 -26.69 -20.51
CA LYS A 324 32.04 -27.64 -19.47
C LYS A 324 30.75 -28.22 -18.89
N VAL A 325 30.75 -29.52 -18.65
CA VAL A 325 29.69 -30.16 -17.88
C VAL A 325 29.93 -29.76 -16.42
N LEU A 326 29.13 -28.81 -15.95
CA LEU A 326 29.27 -28.29 -14.59
C LEU A 326 28.77 -29.30 -13.58
N THR A 327 29.55 -29.49 -12.52
CA THR A 327 29.10 -30.27 -11.38
C THR A 327 28.25 -29.35 -10.51
N VAL A 328 27.40 -29.95 -9.69
CA VAL A 328 26.50 -29.19 -8.84
C VAL A 328 27.20 -28.11 -7.97
N PRO A 329 28.34 -28.43 -7.34
CA PRO A 329 29.09 -27.41 -6.59
C PRO A 329 29.57 -26.20 -7.40
N GLU A 330 29.55 -26.27 -8.73
CA GLU A 330 30.06 -25.19 -9.57
C GLU A 330 29.02 -24.17 -10.02
N LEU A 331 27.76 -24.42 -9.72
CA LEU A 331 26.67 -23.57 -10.22
C LEU A 331 26.57 -22.20 -9.54
N GLU A 332 26.59 -22.18 -8.21
CA GLU A 332 26.33 -20.95 -7.46
C GLU A 332 27.29 -19.80 -7.76
N SER A 333 28.56 -20.14 -7.97
CA SER A 333 29.59 -19.13 -8.18
C SER A 333 29.76 -18.77 -9.65
N ASN A 334 29.04 -19.45 -10.54
CA ASN A 334 29.12 -19.10 -11.96
C ASN A 334 28.60 -17.67 -12.20
N PRO A 335 29.40 -16.86 -12.88
CA PRO A 335 29.06 -15.45 -13.08
C PRO A 335 27.68 -15.19 -13.69
N GLN A 336 27.20 -16.05 -14.59
CA GLN A 336 25.86 -15.86 -15.15
C GLN A 336 24.78 -16.13 -14.11
N TYR A 337 24.94 -17.20 -13.34
CA TYR A 337 24.04 -17.52 -12.24
C TYR A 337 23.98 -16.35 -11.25
N VAL A 338 25.16 -15.81 -10.91
CA VAL A 338 25.25 -14.68 -9.99
C VAL A 338 24.52 -13.44 -10.54
N ALA A 339 24.79 -13.09 -11.79
CA ALA A 339 24.21 -11.91 -12.40
C ALA A 339 22.68 -11.99 -12.51
N ARG A 340 22.18 -13.19 -12.78
CA ARG A 340 20.75 -13.37 -13.00
C ARG A 340 19.99 -13.80 -11.75
N GLU A 341 20.71 -13.93 -10.63
CA GLU A 341 20.14 -14.43 -9.38
C GLU A 341 19.36 -15.74 -9.63
N SER A 342 19.97 -16.65 -10.39
CA SER A 342 19.28 -17.87 -10.80
C SER A 342 19.01 -18.80 -9.61
N ILE A 343 19.94 -18.79 -8.66
CA ILE A 343 19.73 -19.44 -7.38
C ILE A 343 19.56 -18.36 -6.31
N THR A 344 18.50 -18.48 -5.51
CA THR A 344 18.18 -17.46 -4.54
C THR A 344 17.92 -18.08 -3.17
N GLN A 345 17.47 -17.28 -2.22
CA GLN A 345 17.11 -17.75 -0.90
C GLN A 345 15.77 -17.15 -0.46
N TRP A 346 15.06 -17.88 0.40
CA TRP A 346 13.81 -17.41 1.00
C TRP A 346 13.68 -17.99 2.41
N GLN A 347 12.69 -17.49 3.15
CA GLN A 347 12.45 -17.99 4.51
C GLN A 347 11.40 -19.10 4.54
N THR A 348 11.70 -20.19 5.24
CA THR A 348 10.72 -21.24 5.49
C THR A 348 9.72 -20.73 6.53
N MSE A 349 8.60 -21.44 6.64
CA MSE A 349 7.56 -21.13 7.63
C MSE A 349 8.08 -21.27 9.07
O MSE A 349 7.49 -20.71 10.00
CB MSE A 349 6.33 -22.02 7.42
CG MSE A 349 5.75 -22.01 6.00
SE MSE A 349 3.90 -21.39 5.91
CE MSE A 349 4.47 -19.69 6.81
N ASP A 350 9.17 -22.00 9.24
CA ASP A 350 9.75 -22.17 10.58
C ASP A 350 11.09 -21.44 10.80
N GLY A 351 11.28 -20.35 10.06
CA GLY A 351 12.28 -19.34 10.40
C GLY A 351 13.69 -19.56 9.90
N ARG A 352 13.86 -20.51 8.98
CA ARG A 352 15.18 -20.84 8.47
C ARG A 352 15.33 -20.34 7.03
N THR A 353 16.54 -19.90 6.68
CA THR A 353 16.85 -19.55 5.29
C THR A 353 17.00 -20.82 4.46
N CYS A 354 16.25 -20.87 3.37
CA CYS A 354 16.28 -22.00 2.44
C CYS A 354 16.84 -21.52 1.11
N LYS A 355 17.65 -22.37 0.49
CA LYS A 355 18.32 -22.04 -0.76
C LYS A 355 17.76 -22.87 -1.90
N GLY A 356 17.62 -22.27 -3.08
CA GLY A 356 17.10 -23.00 -4.23
C GLY A 356 16.89 -22.07 -5.42
N PRO A 357 16.44 -22.63 -6.55
CA PRO A 357 16.21 -21.80 -7.74
C PRO A 357 15.21 -20.68 -7.52
N ASN A 358 15.48 -19.55 -8.16
CA ASN A 358 14.55 -18.43 -8.23
C ASN A 358 13.33 -18.81 -9.07
N ILE A 359 12.38 -17.88 -9.20
CA ILE A 359 11.25 -18.07 -10.09
C ILE A 359 11.76 -18.11 -11.52
N MSE A 360 11.26 -19.05 -12.31
CA MSE A 360 11.53 -19.08 -13.74
C MSE A 360 10.21 -19.25 -14.49
O MSE A 360 9.28 -19.83 -13.95
CB MSE A 360 12.55 -20.19 -14.08
CG MSE A 360 12.00 -21.62 -14.09
SE MSE A 360 11.17 -22.08 -15.83
CE MSE A 360 12.31 -21.07 -16.97
N PRO A 361 10.09 -18.70 -15.71
CA PRO A 361 11.07 -17.79 -16.30
C PRO A 361 10.90 -16.39 -15.71
N LYS A 362 11.62 -15.42 -16.27
CA LYS A 362 11.56 -14.06 -15.73
C LYS A 362 10.58 -13.21 -16.53
N PHE A 363 9.44 -12.90 -15.92
CA PHE A 363 8.46 -11.98 -16.51
C PHE A 363 8.91 -10.55 -16.23
N LYS A 364 8.92 -9.70 -17.27
CA LYS A 364 9.42 -8.34 -17.14
C LYS A 364 8.50 -7.43 -16.32
N ASN A 365 7.23 -7.38 -16.70
CA ASN A 365 6.29 -6.45 -16.10
C ASN A 365 5.68 -6.97 -14.80
N ASN A 366 5.36 -8.26 -14.78
CA ASN A 366 4.81 -8.90 -13.60
C ASN A 366 5.63 -10.12 -13.16
N PRO A 367 6.82 -9.88 -12.61
CA PRO A 367 7.69 -10.99 -12.19
C PRO A 367 7.07 -11.82 -11.09
N GLY A 368 7.35 -13.13 -11.09
CA GLY A 368 7.01 -13.98 -9.96
C GLY A 368 7.90 -13.65 -8.78
N GLN A 369 7.49 -14.11 -7.60
CA GLN A 369 8.27 -13.99 -6.37
C GLN A 369 7.93 -15.14 -5.44
N ILE A 370 8.77 -15.36 -4.44
CA ILE A 370 8.48 -16.31 -3.37
C ILE A 370 7.88 -15.55 -2.18
N TRP A 371 6.59 -15.78 -1.90
CA TRP A 371 5.89 -15.03 -0.85
C TRP A 371 5.61 -15.83 0.43
N ARG A 372 5.73 -17.15 0.36
CA ARG A 372 5.56 -18.00 1.54
C ARG A 372 6.26 -19.34 1.36
N GLY A 373 6.84 -19.84 2.45
CA GLY A 373 7.40 -21.18 2.44
C GLY A 373 6.32 -22.24 2.38
N MSE A 374 6.74 -23.49 2.19
CA MSE A 374 5.82 -24.63 2.22
C MSE A 374 4.99 -24.60 3.52
O MSE A 374 5.57 -24.52 4.60
CB MSE A 374 6.59 -25.94 2.16
CG MSE A 374 5.76 -27.15 2.53
SE MSE A 374 6.83 -28.74 2.65
CE MSE A 374 7.55 -28.48 4.40
N PRO A 375 3.67 -24.67 3.40
CA PRO A 375 2.79 -24.74 4.58
C PRO A 375 2.73 -26.13 5.22
N SER A 376 2.33 -26.16 6.49
CA SER A 376 2.13 -27.42 7.19
C SER A 376 0.80 -28.08 6.80
N HIS A 377 0.65 -29.34 7.20
CA HIS A 377 -0.54 -30.16 6.92
C HIS A 377 -1.79 -29.52 7.52
N GLY A 378 -2.73 -29.11 6.67
CA GLY A 378 -3.97 -28.50 7.11
C GLY A 378 -3.87 -27.06 7.58
N MSE A 379 -2.73 -26.41 7.32
CA MSE A 379 -2.48 -25.07 7.86
C MSE A 379 -3.54 -24.03 7.53
O MSE A 379 -3.83 -23.16 8.36
CB MSE A 379 -1.11 -24.56 7.41
CG MSE A 379 -0.55 -23.47 8.29
SE MSE A 379 1.18 -22.92 7.62
CE MSE A 379 2.03 -22.49 9.33
N ASP A 380 -4.14 -24.10 6.34
CA ASP A 380 -5.09 -23.07 5.90
C ASP A 380 -6.53 -23.56 5.82
N THR A 381 -6.78 -24.77 6.31
CA THR A 381 -8.11 -25.37 6.28
C THR A 381 -9.18 -24.44 6.84
N ALA A 382 -8.95 -23.92 8.04
CA ALA A 382 -9.95 -23.09 8.71
C ALA A 382 -10.28 -21.81 7.93
N ALA A 383 -9.25 -21.15 7.41
CA ALA A 383 -9.44 -19.94 6.61
C ALA A 383 -10.20 -20.23 5.32
N ILE A 384 -9.82 -21.30 4.63
CA ILE A 384 -10.48 -21.67 3.36
C ILE A 384 -11.96 -22.01 3.60
N LEU A 385 -12.24 -22.81 4.62
CA LEU A 385 -13.62 -23.20 4.92
C LEU A 385 -14.47 -22.01 5.35
N LYS A 386 -13.89 -21.10 6.15
CA LYS A 386 -14.61 -19.88 6.54
C LYS A 386 -14.95 -19.03 5.32
N ASN A 387 -14.00 -18.89 4.40
CA ASN A 387 -14.19 -18.10 3.18
C ASN A 387 -15.35 -18.60 2.32
N ILE A 388 -15.57 -19.91 2.31
CA ILE A 388 -16.63 -20.50 1.51
C ILE A 388 -17.93 -20.75 2.30
N GLY A 389 -18.00 -20.18 3.51
CA GLY A 389 -19.24 -20.08 4.26
C GLY A 389 -19.43 -20.94 5.50
N TYR A 390 -18.39 -21.65 5.93
CA TYR A 390 -18.47 -22.51 7.10
C TYR A 390 -18.19 -21.75 8.40
N SER A 391 -19.02 -21.98 9.41
CA SER A 391 -18.82 -21.40 10.73
C SER A 391 -17.74 -22.17 11.50
N GLU A 392 -17.25 -21.58 12.60
CA GLU A 392 -16.32 -22.25 13.50
C GLU A 392 -16.89 -23.58 14.01
N ASN A 393 -18.18 -23.58 14.34
CA ASN A 393 -18.89 -24.79 14.76
C ASN A 393 -18.93 -25.83 13.65
N ASP A 394 -19.19 -25.38 12.41
CA ASP A 394 -19.21 -26.25 11.23
C ASP A 394 -17.86 -26.94 11.03
N ILE A 395 -16.78 -26.16 11.16
CA ILE A 395 -15.43 -26.67 10.96
C ILE A 395 -15.06 -27.68 12.06
N GLN A 396 -15.39 -27.35 13.31
CA GLN A 396 -15.20 -28.25 14.44
C GLN A 396 -15.87 -29.61 14.19
N GLU A 397 -17.09 -29.56 13.65
CA GLU A 397 -17.86 -30.75 13.30
C GLU A 397 -17.12 -31.60 12.26
N LEU A 398 -16.59 -30.95 11.22
CA LEU A 398 -15.83 -31.65 10.20
C LEU A 398 -14.59 -32.33 10.78
N VAL A 399 -13.89 -31.62 11.66
CA VAL A 399 -12.67 -32.13 12.28
C VAL A 399 -12.96 -33.35 13.17
N SER A 400 -14.03 -33.27 13.97
CA SER A 400 -14.40 -34.36 14.87
C SER A 400 -14.88 -35.60 14.10
N LYS A 401 -15.51 -35.38 12.95
CA LYS A 401 -15.98 -36.46 12.09
C LYS A 401 -14.84 -37.08 11.25
N GLY A 402 -13.67 -36.47 11.32
CA GLY A 402 -12.49 -36.95 10.60
C GLY A 402 -12.50 -36.57 9.13
N LEU A 403 -13.28 -35.54 8.79
CA LEU A 403 -13.46 -35.13 7.40
C LEU A 403 -12.58 -33.93 7.03
N ALA A 404 -12.02 -33.28 8.05
CA ALA A 404 -11.07 -32.19 7.85
C ALA A 404 -10.02 -32.17 8.94
N LYS A 405 -8.86 -31.61 8.63
CA LYS A 405 -7.83 -31.36 9.63
C LYS A 405 -7.42 -29.90 9.53
N VAL A 406 -7.39 -29.21 10.67
CA VAL A 406 -6.94 -27.82 10.70
C VAL A 406 -5.46 -27.77 11.08
N GLU A 407 -5.00 -26.62 11.54
CA GLU A 407 -3.58 -26.39 11.81
C GLU A 407 -3.04 -27.24 12.95
N ASP A 408 -1.77 -27.62 12.86
CA ASP A 408 -1.07 -28.35 13.92
C ASP A 408 -1.11 -27.59 15.25
N SER B 2 15.29 -2.41 35.80
CA SER B 2 16.73 -2.55 35.50
C SER B 2 17.02 -2.42 34.00
N HIS B 3 18.27 -2.65 33.61
CA HIS B 3 18.69 -2.52 32.21
C HIS B 3 18.12 -3.62 31.31
N MSE B 4 17.65 -4.71 31.93
CA MSE B 4 17.10 -5.85 31.19
C MSE B 4 15.56 -5.86 31.18
O MSE B 4 14.95 -6.82 30.71
CB MSE B 4 17.64 -7.17 31.76
CG MSE B 4 19.13 -7.16 31.99
SE MSE B 4 19.86 -8.85 32.60
CE MSE B 4 18.96 -8.95 34.35
N ASP B 5 14.96 -4.78 31.68
CA ASP B 5 13.50 -4.67 31.72
C ASP B 5 12.94 -3.85 30.54
N HIS B 6 13.53 -4.02 29.37
CA HIS B 6 13.06 -3.34 28.16
C HIS B 6 12.55 -4.33 27.11
N LEU B 7 11.61 -3.88 26.27
CA LEU B 7 11.13 -4.71 25.17
C LEU B 7 12.14 -4.64 24.04
N PRO B 8 12.56 -5.79 23.51
CA PRO B 8 13.52 -5.83 22.41
C PRO B 8 12.89 -5.37 21.09
N MSE B 9 13.66 -4.56 20.36
CA MSE B 9 13.28 -4.02 19.05
C MSE B 9 14.50 -3.29 18.53
O MSE B 9 15.29 -2.79 19.32
CB MSE B 9 12.09 -3.04 19.17
CG MSE B 9 12.33 -1.88 20.14
SE MSE B 9 10.88 -0.57 20.09
CE MSE B 9 11.02 -0.04 18.25
N PRO B 10 14.71 -3.22 17.22
CA PRO B 10 15.91 -2.53 16.73
C PRO B 10 15.86 -1.04 17.06
N LYS B 11 17.02 -0.46 17.38
CA LYS B 11 17.11 0.98 17.62
C LYS B 11 17.14 1.70 16.27
N PHE B 12 16.12 2.52 16.01
CA PHE B 12 16.08 3.28 14.76
C PHE B 12 15.14 4.48 14.86
N GLY B 13 15.25 5.38 13.89
CA GLY B 13 14.29 6.46 13.71
C GLY B 13 14.47 7.59 14.69
N PRO B 14 13.81 8.72 14.43
CA PRO B 14 13.94 9.88 15.32
C PRO B 14 13.36 9.61 16.72
N LEU B 15 12.46 8.65 16.82
CA LEU B 15 11.77 8.42 18.10
C LEU B 15 12.22 7.19 18.89
N ALA B 16 13.39 6.66 18.55
CA ALA B 16 13.98 5.56 19.34
C ALA B 16 13.98 5.92 20.82
N GLY B 17 13.56 4.98 21.65
CA GLY B 17 13.62 5.16 23.10
C GLY B 17 12.37 5.81 23.69
N LEU B 18 11.54 6.39 22.84
CA LEU B 18 10.27 6.96 23.30
C LEU B 18 9.28 5.85 23.64
N ARG B 19 8.57 6.01 24.75
CA ARG B 19 7.59 5.02 25.19
C ARG B 19 6.17 5.57 25.07
N VAL B 20 5.40 4.99 24.15
CA VAL B 20 4.04 5.41 23.86
C VAL B 20 3.10 4.25 24.11
N VAL B 21 1.94 4.53 24.69
CA VAL B 21 0.90 3.54 24.92
C VAL B 21 -0.40 4.13 24.37
N PHE B 22 -1.21 3.32 23.69
CA PHE B 22 -2.53 3.79 23.27
C PHE B 22 -3.68 2.85 23.61
N SER B 23 -4.81 3.47 23.95
CA SER B 23 -6.06 2.77 24.19
C SER B 23 -7.07 3.27 23.16
N GLY B 24 -7.57 2.36 22.34
CA GLY B 24 -8.51 2.72 21.31
C GLY B 24 -8.60 1.64 20.27
N ILE B 25 -9.59 1.77 19.40
CA ILE B 25 -9.84 0.79 18.35
C ILE B 25 -10.00 1.48 16.99
N GLU B 26 -10.06 0.67 15.94
CA GLU B 26 -10.36 1.14 14.60
C GLU B 26 -9.27 2.07 14.07
N ILE B 27 -9.62 3.30 13.66
CA ILE B 27 -8.63 4.17 12.99
C ILE B 27 -8.02 5.29 13.83
N ALA B 28 -8.84 6.26 14.24
CA ALA B 28 -8.34 7.55 14.73
C ALA B 28 -7.25 7.45 15.81
N GLY B 29 -7.59 6.82 16.92
CA GLY B 29 -6.66 6.67 18.03
C GLY B 29 -5.45 5.81 17.69
N PRO B 30 -5.67 4.59 17.22
CA PRO B 30 -4.56 3.72 16.82
C PRO B 30 -3.66 4.28 15.72
N PHE B 31 -4.21 5.02 14.77
CA PHE B 31 -3.39 5.68 13.75
C PHE B 31 -2.41 6.66 14.40
N ALA B 32 -2.94 7.47 15.34
CA ALA B 32 -2.11 8.40 16.10
C ALA B 32 -0.98 7.67 16.83
N GLY B 33 -1.30 6.57 17.49
CA GLY B 33 -0.31 5.84 18.27
C GLY B 33 0.71 5.13 17.39
N GLN B 34 0.21 4.47 16.35
CA GLN B 34 1.06 3.68 15.48
C GLN B 34 2.06 4.53 14.69
N MSE B 35 1.69 5.77 14.37
CA MSE B 35 2.61 6.66 13.65
C MSE B 35 3.94 6.80 14.40
O MSE B 35 5.00 6.82 13.78
CB MSE B 35 2.00 8.04 13.36
CG MSE B 35 2.85 8.89 12.42
SE MSE B 35 3.18 8.14 10.61
CE MSE B 35 1.36 7.75 10.09
N PHE B 36 3.89 6.87 15.73
CA PHE B 36 5.12 6.91 16.53
C PHE B 36 6.00 5.68 16.25
N ALA B 37 5.37 4.53 16.06
CA ALA B 37 6.08 3.27 15.79
C ALA B 37 6.71 3.22 14.40
N GLU B 38 6.09 3.88 13.42
CA GLU B 38 6.68 4.00 12.07
C GLU B 38 8.05 4.65 12.16
N TRP B 39 8.23 5.51 13.17
CA TRP B 39 9.41 6.34 13.29
C TRP B 39 10.32 5.97 14.48
N GLY B 40 10.14 4.76 15.02
CA GLY B 40 11.11 4.18 15.92
C GLY B 40 10.74 4.03 17.39
N ALA B 41 9.61 4.60 17.77
CA ALA B 41 9.17 4.55 19.17
C ALA B 41 8.77 3.13 19.58
N GLU B 42 8.82 2.87 20.88
CA GLU B 42 8.20 1.68 21.45
C GLU B 42 6.75 2.03 21.71
N VAL B 43 5.84 1.36 20.99
CA VAL B 43 4.42 1.65 21.11
C VAL B 43 3.65 0.42 21.54
N ILE B 44 2.94 0.54 22.65
CA ILE B 44 2.10 -0.52 23.18
C ILE B 44 0.64 -0.27 22.85
N TRP B 45 0.07 -1.24 22.14
CA TRP B 45 -1.33 -1.27 21.72
C TRP B 45 -2.12 -2.03 22.80
N ILE B 46 -3.00 -1.33 23.50
CA ILE B 46 -3.87 -2.01 24.48
C ILE B 46 -5.14 -2.51 23.82
N GLU B 47 -5.42 -3.79 24.01
CA GLU B 47 -6.69 -4.39 23.60
C GLU B 47 -7.44 -4.91 24.82
N ASN B 48 -8.75 -5.10 24.65
CA ASN B 48 -9.61 -5.76 25.64
C ASN B 48 -9.17 -7.21 25.85
N VAL B 49 -9.75 -7.88 26.84
CA VAL B 49 -9.31 -9.22 27.24
C VAL B 49 -10.06 -10.35 26.51
N ALA B 50 -11.38 -10.38 26.64
CA ALA B 50 -12.20 -11.45 26.07
C ALA B 50 -12.53 -11.25 24.58
N TRP B 51 -12.25 -10.05 24.09
CA TRP B 51 -12.34 -9.74 22.66
C TRP B 51 -11.22 -8.77 22.30
N ALA B 52 -10.97 -8.61 21.02
CA ALA B 52 -9.86 -7.79 20.54
C ALA B 52 -10.35 -6.53 19.81
N ASP B 53 -9.38 -5.71 19.38
CA ASP B 53 -9.63 -4.53 18.54
C ASP B 53 -10.44 -4.95 17.33
N THR B 54 -11.55 -4.26 17.07
CA THR B 54 -12.40 -4.58 15.93
C THR B 54 -11.72 -4.37 14.58
N ILE B 55 -10.61 -3.63 14.56
CA ILE B 55 -9.81 -3.52 13.34
C ILE B 55 -9.42 -4.88 12.78
N ARG B 56 -9.29 -5.88 13.66
CA ARG B 56 -8.75 -7.19 13.27
C ARG B 56 -9.68 -7.94 12.32
N VAL B 57 -10.94 -7.52 12.26
CA VAL B 57 -11.93 -8.08 11.34
C VAL B 57 -11.57 -7.72 9.89
N GLN B 58 -10.89 -6.59 9.70
CA GLN B 58 -10.47 -6.18 8.36
C GLN B 58 -9.43 -7.14 7.80
N PRO B 59 -9.62 -7.57 6.55
CA PRO B 59 -8.80 -8.65 5.98
C PRO B 59 -7.31 -8.35 5.74
N ASN B 60 -6.93 -7.09 5.48
CA ASN B 60 -5.55 -6.79 5.08
C ASN B 60 -4.96 -5.52 5.69
N TYR B 61 -5.79 -4.47 5.78
CA TYR B 61 -5.35 -3.18 6.30
C TYR B 61 -4.58 -3.25 7.63
N PRO B 62 -5.06 -4.05 8.60
CA PRO B 62 -4.39 -4.12 9.91
C PRO B 62 -2.92 -4.53 9.83
N GLN B 63 -2.53 -5.28 8.80
CA GLN B 63 -1.11 -5.62 8.63
C GLN B 63 -0.26 -4.36 8.46
N LEU B 64 -0.84 -3.33 7.83
CA LEU B 64 -0.20 -2.03 7.74
C LEU B 64 -0.45 -1.19 8.99
N SER B 65 -1.70 -1.12 9.43
CA SER B 65 -2.08 -0.15 10.46
C SER B 65 -1.66 -0.55 11.87
N ARG B 66 -1.17 -1.78 12.02
CA ARG B 66 -0.71 -2.28 13.31
C ARG B 66 0.70 -2.84 13.29
N ARG B 67 1.44 -2.57 12.20
CA ARG B 67 2.84 -3.03 12.14
C ARG B 67 3.67 -2.29 13.19
N ASN B 68 4.81 -2.87 13.56
CA ASN B 68 5.76 -2.26 14.50
C ASN B 68 5.24 -2.07 15.93
N LEU B 69 4.15 -2.76 16.27
CA LEU B 69 3.51 -2.60 17.59
C LEU B 69 3.77 -3.75 18.54
N HIS B 70 3.77 -3.44 19.83
CA HIS B 70 3.73 -4.45 20.89
C HIS B 70 2.28 -4.52 21.36
N ALA B 71 1.79 -5.74 21.61
CA ALA B 71 0.39 -5.96 21.96
C ALA B 71 0.18 -6.32 23.43
N LEU B 72 -0.59 -5.50 24.13
CA LEU B 72 -0.96 -5.76 25.51
C LEU B 72 -2.48 -5.99 25.57
N SER B 73 -2.89 -7.05 26.25
CA SER B 73 -4.31 -7.31 26.47
C SER B 73 -4.58 -7.23 27.96
N LEU B 74 -5.29 -6.18 28.37
CA LEU B 74 -5.44 -5.85 29.77
C LEU B 74 -6.69 -5.01 29.99
N ASN B 75 -7.45 -5.34 31.04
CA ASN B 75 -8.58 -4.52 31.47
C ASN B 75 -8.04 -3.39 32.35
N ILE B 76 -7.89 -2.22 31.76
CA ILE B 76 -7.17 -1.13 32.41
C ILE B 76 -8.01 -0.34 33.42
N PHE B 77 -9.28 -0.66 33.52
CA PHE B 77 -10.19 0.10 34.37
C PHE B 77 -10.58 -0.61 35.65
N LYS B 78 -10.28 -1.91 35.73
CA LYS B 78 -10.79 -2.76 36.82
C LYS B 78 -9.72 -3.45 37.67
N ASP B 79 -9.79 -3.21 38.98
CA ASP B 79 -9.03 -3.95 39.99
C ASP B 79 -7.54 -4.12 39.67
N GLU B 80 -7.07 -5.37 39.58
CA GLU B 80 -5.66 -5.67 39.34
C GLU B 80 -5.18 -5.16 37.98
N GLY B 81 -6.10 -5.11 37.02
CA GLY B 81 -5.80 -4.61 35.68
C GLY B 81 -5.54 -3.11 35.70
N ARG B 82 -6.35 -2.38 36.45
CA ARG B 82 -6.16 -0.95 36.64
C ARG B 82 -4.81 -0.67 37.32
N GLU B 83 -4.49 -1.48 38.33
CA GLU B 83 -3.23 -1.37 39.05
C GLU B 83 -2.05 -1.53 38.08
N ALA B 84 -2.15 -2.52 37.21
CA ALA B 84 -1.10 -2.79 36.22
C ALA B 84 -0.95 -1.65 35.23
N PHE B 85 -2.08 -1.13 34.75
CA PHE B 85 -2.07 -0.03 33.80
C PHE B 85 -1.42 1.22 34.38
N LEU B 86 -1.81 1.56 35.61
CA LEU B 86 -1.25 2.75 36.27
C LEU B 86 0.23 2.58 36.58
N LYS B 87 0.65 1.35 36.86
CA LYS B 87 2.08 1.05 37.03
C LYS B 87 2.82 1.29 35.71
N LEU B 88 2.23 0.83 34.62
CA LEU B 88 2.80 1.03 33.28
C LEU B 88 2.99 2.52 32.98
N MSE B 89 2.03 3.34 33.38
CA MSE B 89 2.07 4.79 33.17
C MSE B 89 3.30 5.44 33.78
O MSE B 89 3.77 6.45 33.28
CB MSE B 89 0.80 5.45 33.72
CG MSE B 89 -0.47 5.15 32.92
SE MSE B 89 -0.40 5.67 31.02
CE MSE B 89 0.17 3.95 30.23
N GLU B 90 3.83 4.85 34.87
CA GLU B 90 4.98 5.41 35.56
C GLU B 90 6.20 5.61 34.66
N THR B 91 6.36 4.75 33.66
CA THR B 91 7.50 4.82 32.73
C THR B 91 7.09 5.14 31.30
N THR B 92 5.84 5.56 31.11
CA THR B 92 5.31 5.91 29.81
C THR B 92 5.51 7.42 29.54
N ASP B 93 5.93 7.77 28.33
CA ASP B 93 6.08 9.17 27.96
C ASP B 93 4.78 9.79 27.45
N ILE B 94 4.09 9.05 26.59
CA ILE B 94 2.88 9.55 25.94
C ILE B 94 1.81 8.49 25.99
N PHE B 95 0.62 8.89 26.46
CA PHE B 95 -0.54 8.02 26.44
C PHE B 95 -1.61 8.64 25.56
N ILE B 96 -2.07 7.89 24.55
CA ILE B 96 -3.11 8.33 23.63
C ILE B 96 -4.36 7.48 23.86
N GLU B 97 -5.51 8.14 23.99
CA GLU B 97 -6.76 7.39 24.05
C GLU B 97 -7.86 8.04 23.22
N ALA B 98 -8.65 7.20 22.57
CA ALA B 98 -9.84 7.64 21.83
C ALA B 98 -11.09 7.08 22.49
N SER B 99 -12.00 8.00 22.83
CA SER B 99 -13.20 7.70 23.63
C SER B 99 -14.33 8.63 23.23
N LYS B 100 -15.53 8.32 23.72
CA LYS B 100 -16.68 9.21 23.58
C LYS B 100 -16.61 10.26 24.68
N GLY B 101 -16.04 11.42 24.37
CA GLY B 101 -15.85 12.47 25.36
C GLY B 101 -14.98 12.06 26.54
N PRO B 102 -15.25 12.62 27.72
CA PRO B 102 -14.46 12.34 28.91
C PRO B 102 -14.80 10.98 29.55
N ALA B 103 -14.82 9.94 28.72
CA ALA B 103 -15.09 8.58 29.18
C ALA B 103 -14.07 8.09 30.21
N PHE B 104 -12.80 8.45 30.04
CA PHE B 104 -11.79 8.03 31.01
C PHE B 104 -12.07 8.56 32.41
N ALA B 105 -12.45 9.84 32.50
CA ALA B 105 -12.83 10.43 33.77
C ALA B 105 -14.03 9.72 34.38
N ARG B 106 -15.01 9.40 33.54
CA ARG B 106 -16.22 8.68 33.97
C ARG B 106 -15.88 7.32 34.57
N ARG B 107 -14.84 6.68 34.01
CA ARG B 107 -14.39 5.36 34.42
C ARG B 107 -13.44 5.39 35.63
N GLY B 108 -13.14 6.59 36.11
CA GLY B 108 -12.30 6.75 37.30
C GLY B 108 -10.85 7.07 37.02
N ILE B 109 -10.47 7.18 35.74
CA ILE B 109 -9.09 7.52 35.39
C ILE B 109 -9.01 8.94 34.82
N THR B 110 -9.04 9.91 35.71
CA THR B 110 -8.89 11.32 35.35
C THR B 110 -7.43 11.62 35.02
N ASP B 111 -7.19 12.76 34.40
CA ASP B 111 -5.82 13.24 34.18
C ASP B 111 -5.08 13.34 35.51
N GLU B 112 -5.79 13.75 36.55
CA GLU B 112 -5.20 13.89 37.88
C GLU B 112 -4.66 12.55 38.40
N VAL B 113 -5.44 11.49 38.20
CA VAL B 113 -5.01 10.13 38.57
C VAL B 113 -3.75 9.73 37.79
N LEU B 114 -3.75 10.00 36.48
CA LEU B 114 -2.61 9.66 35.64
C LEU B 114 -1.34 10.37 36.10
N TRP B 115 -1.46 11.67 36.39
CA TRP B 115 -0.32 12.47 36.82
C TRP B 115 0.20 12.10 38.21
N GLN B 116 -0.67 11.49 39.02
CA GLN B 116 -0.25 10.94 40.31
C GLN B 116 0.78 9.83 40.12
N HIS B 117 0.63 9.07 39.04
CA HIS B 117 1.56 8.00 38.72
C HIS B 117 2.72 8.47 37.86
N ASN B 118 2.47 9.45 36.99
CA ASN B 118 3.53 10.06 36.21
C ASN B 118 3.28 11.54 35.94
N PRO B 119 3.88 12.40 36.76
CA PRO B 119 3.74 13.86 36.62
C PRO B 119 4.17 14.41 35.26
N LYS B 120 4.97 13.66 34.52
CA LYS B 120 5.50 14.10 33.23
C LYS B 120 4.64 13.65 32.05
N LEU B 121 3.64 12.82 32.31
CA LEU B 121 2.89 12.16 31.24
C LEU B 121 2.21 13.14 30.27
N VAL B 122 2.41 12.92 28.97
CA VAL B 122 1.64 13.62 27.94
C VAL B 122 0.42 12.75 27.61
N ILE B 123 -0.76 13.32 27.80
CA ILE B 123 -2.03 12.61 27.60
C ILE B 123 -2.78 13.22 26.43
N ALA B 124 -3.09 12.42 25.42
CA ALA B 124 -3.89 12.89 24.30
C ALA B 124 -5.25 12.21 24.27
N HIS B 125 -6.29 13.03 24.37
CA HIS B 125 -7.68 12.56 24.37
C HIS B 125 -8.30 12.89 23.01
N LEU B 126 -8.58 11.85 22.22
CA LEU B 126 -9.23 12.02 20.93
C LEU B 126 -10.71 11.65 21.03
N SER B 127 -11.58 12.59 20.68
CA SER B 127 -13.02 12.34 20.73
C SER B 127 -13.71 13.04 19.57
N GLY B 128 -14.98 12.70 19.35
CA GLY B 128 -15.74 13.33 18.28
C GLY B 128 -16.04 14.79 18.55
N PHE B 129 -16.34 15.11 19.81
CA PHE B 129 -16.92 16.41 20.17
C PHE B 129 -16.20 17.13 21.31
N GLY B 130 -15.14 16.52 21.83
CA GLY B 130 -14.32 17.17 22.85
C GLY B 130 -14.51 16.62 24.25
N GLN B 131 -13.59 17.01 25.15
CA GLN B 131 -13.61 16.56 26.54
C GLN B 131 -14.61 17.30 27.42
N TYR B 132 -15.11 18.43 26.91
CA TYR B 132 -16.09 19.24 27.63
C TYR B 132 -17.00 19.94 26.63
N GLY B 133 -18.12 20.45 27.13
CA GLY B 133 -19.07 21.18 26.30
C GLY B 133 -20.44 21.03 26.89
N THR B 134 -21.42 20.70 26.06
CA THR B 134 -22.80 20.50 26.51
C THR B 134 -23.08 19.02 26.81
N GLU B 135 -24.11 18.76 27.60
CA GLU B 135 -24.54 17.38 27.87
C GLU B 135 -25.06 16.68 26.62
N GLU B 136 -25.63 17.47 25.71
CA GLU B 136 -26.24 16.97 24.48
C GLU B 136 -25.24 16.37 23.49
N TYR B 137 -24.09 17.04 23.32
CA TYR B 137 -23.16 16.70 22.25
C TYR B 137 -21.88 15.98 22.70
N THR B 138 -21.39 16.32 23.89
CA THR B 138 -20.06 15.90 24.34
C THR B 138 -19.84 14.38 24.31
N ASN B 139 -20.89 13.62 24.63
CA ASN B 139 -20.75 12.17 24.81
C ASN B 139 -21.31 11.35 23.66
N LEU B 140 -21.51 12.00 22.53
CA LEU B 140 -21.99 11.35 21.33
C LEU B 140 -20.88 10.52 20.67
N PRO B 141 -21.24 9.43 20.00
CA PRO B 141 -20.26 8.55 19.33
C PRO B 141 -19.41 9.27 18.28
N ALA B 142 -18.13 8.91 18.23
CA ALA B 142 -17.21 9.43 17.22
C ALA B 142 -17.29 8.59 15.95
N TYR B 143 -17.53 9.26 14.83
CA TYR B 143 -17.59 8.62 13.52
C TYR B 143 -17.11 9.59 12.47
N ASN B 144 -16.30 9.10 11.52
CA ASN B 144 -15.72 9.96 10.50
C ASN B 144 -16.77 10.78 9.74
N THR B 145 -17.86 10.13 9.31
CA THR B 145 -18.90 10.85 8.56
C THR B 145 -19.57 11.90 9.43
N ILE B 146 -19.75 11.59 10.72
CA ILE B 146 -20.35 12.54 11.65
C ILE B 146 -19.45 13.76 11.87
N ALA B 147 -18.14 13.52 12.00
CA ALA B 147 -17.19 14.62 12.14
C ALA B 147 -17.21 15.51 10.90
N GLN B 148 -17.27 14.90 9.71
CA GLN B 148 -17.36 15.67 8.47
C GLN B 148 -18.67 16.46 8.42
N ALA B 149 -19.77 15.82 8.82
CA ALA B 149 -21.09 16.46 8.81
C ALA B 149 -21.14 17.68 9.74
N PHE B 150 -20.58 17.52 10.92
CA PHE B 150 -20.68 18.50 12.00
C PHE B 150 -19.73 19.69 11.84
N SER B 151 -18.69 19.51 11.02
CA SER B 151 -17.60 20.49 10.88
C SER B 151 -17.74 21.37 9.66
N GLY B 152 -18.74 21.10 8.83
CA GLY B 152 -18.90 21.79 7.56
C GLY B 152 -17.99 21.26 6.46
N TYR B 153 -17.30 20.16 6.69
CA TYR B 153 -16.43 19.58 5.68
C TYR B 153 -17.24 18.83 4.63
N LEU B 154 -18.23 18.07 5.09
CA LEU B 154 -19.03 17.24 4.19
C LEU B 154 -19.80 18.09 3.18
N ILE B 155 -20.42 19.17 3.67
CA ILE B 155 -21.24 20.03 2.82
C ILE B 155 -20.46 20.67 1.66
N GLN B 156 -19.14 20.79 1.81
CA GLN B 156 -18.35 21.42 0.76
C GLN B 156 -17.65 20.41 -0.17
N ASN B 157 -17.81 19.13 0.14
CA ASN B 157 -17.30 18.06 -0.71
C ASN B 157 -18.40 17.48 -1.59
N GLY B 158 -18.01 16.93 -2.73
CA GLY B 158 -18.97 16.35 -3.64
C GLY B 158 -19.32 17.24 -4.82
N ASP B 159 -20.46 16.93 -5.44
CA ASP B 159 -20.94 17.59 -6.66
C ASP B 159 -21.93 18.69 -6.28
N VAL B 160 -22.14 19.63 -7.20
CA VAL B 160 -23.05 20.77 -6.99
C VAL B 160 -24.37 20.35 -6.35
N ASP B 161 -25.00 19.31 -6.86
CA ASP B 161 -26.28 18.84 -6.31
C ASP B 161 -26.17 17.48 -5.62
N GLN B 162 -24.97 17.14 -5.16
CA GLN B 162 -24.75 15.91 -4.41
C GLN B 162 -23.51 16.01 -3.51
N PRO B 163 -23.69 16.47 -2.27
CA PRO B 163 -22.58 16.43 -1.30
C PRO B 163 -22.16 14.99 -1.05
N MSE B 164 -20.89 14.79 -0.71
CA MSE B 164 -20.37 13.46 -0.39
C MSE B 164 -19.22 13.66 0.59
O MSE B 164 -18.56 14.69 0.54
CB MSE B 164 -19.84 12.75 -1.64
CG MSE B 164 -20.82 12.55 -2.81
SE MSE B 164 -19.82 12.43 -4.50
CE MSE B 164 -18.18 12.08 -3.72
N PRO B 165 -18.99 12.71 1.50
CA PRO B 165 -17.84 12.81 2.41
C PRO B 165 -16.54 12.52 1.68
N ALA B 166 -15.44 13.08 2.18
CA ALA B 166 -14.12 12.70 1.69
C ALA B 166 -13.80 11.27 2.16
N PHE B 167 -13.02 10.56 1.35
CA PHE B 167 -12.88 9.11 1.41
C PHE B 167 -11.40 8.72 1.29
N PRO B 168 -10.91 7.66 1.95
CA PRO B 168 -11.65 6.89 2.97
C PRO B 168 -11.40 7.38 4.39
N TYR B 169 -12.47 7.53 5.17
CA TYR B 169 -12.38 7.88 6.60
C TYR B 169 -11.43 9.05 6.87
N THR B 170 -11.51 10.05 5.99
CA THR B 170 -10.57 11.18 5.97
C THR B 170 -10.45 11.88 7.33
N ALA B 171 -11.56 12.05 8.04
CA ALA B 171 -11.55 12.73 9.32
C ALA B 171 -10.81 11.95 10.41
N ASP B 172 -10.84 10.62 10.35
CA ASP B 172 -10.12 9.80 11.31
C ASP B 172 -8.63 10.03 11.17
N TYR B 173 -8.16 10.11 9.93
CA TYR B 173 -6.75 10.32 9.64
C TYR B 173 -6.27 11.71 10.02
N PHE B 174 -7.02 12.74 9.64
CA PHE B 174 -6.66 14.09 10.06
C PHE B 174 -6.60 14.19 11.59
N SER B 175 -7.60 13.62 12.25
CA SER B 175 -7.69 13.71 13.71
C SER B 175 -6.58 12.94 14.41
N GLY B 176 -6.31 11.73 13.94
CA GLY B 176 -5.22 10.93 14.48
C GLY B 176 -3.88 11.60 14.27
N LEU B 177 -3.65 12.09 13.06
CA LEU B 177 -2.39 12.78 12.76
C LEU B 177 -2.21 14.01 13.65
N THR B 178 -3.29 14.76 13.85
CA THR B 178 -3.25 15.93 14.73
C THR B 178 -2.85 15.54 16.15
N ALA B 179 -3.38 14.43 16.65
CA ALA B 179 -3.02 13.91 17.97
C ALA B 179 -1.52 13.61 18.09
N THR B 180 -0.97 12.92 17.08
CA THR B 180 0.47 12.67 17.03
C THR B 180 1.26 13.96 17.10
N THR B 181 0.89 14.92 16.25
CA THR B 181 1.53 16.23 16.18
C THR B 181 1.50 16.95 17.53
N ALA B 182 0.30 17.05 18.11
CA ALA B 182 0.12 17.74 19.38
C ALA B 182 0.86 17.08 20.53
N ALA B 183 0.85 15.75 20.56
CA ALA B 183 1.57 15.01 21.59
C ALA B 183 3.09 15.24 21.48
N LEU B 184 3.61 15.26 20.26
CA LEU B 184 5.03 15.57 20.06
C LEU B 184 5.36 17.00 20.50
N ALA B 185 4.43 17.93 20.31
CA ALA B 185 4.62 19.32 20.75
C ALA B 185 4.68 19.39 22.27
N ALA B 186 3.75 18.72 22.93
CA ALA B 186 3.70 18.71 24.40
C ALA B 186 4.94 18.04 24.95
N LEU B 187 5.43 17.01 24.24
CA LEU B 187 6.64 16.31 24.64
C LEU B 187 7.84 17.26 24.74
N HIS B 188 7.95 18.18 23.79
CA HIS B 188 8.98 19.21 23.81
C HIS B 188 8.97 20.00 25.12
N LYS B 189 7.79 20.43 25.53
CA LYS B 189 7.61 21.19 26.75
C LYS B 189 8.04 20.40 27.99
N VAL B 190 7.73 19.10 28.01
CA VAL B 190 8.11 18.24 29.14
C VAL B 190 9.61 18.26 29.39
N ARG B 191 10.40 18.21 28.32
CA ARG B 191 11.86 18.17 28.45
C ARG B 191 12.43 19.33 29.28
N GLU B 192 11.86 20.52 29.13
CA GLU B 192 12.30 21.68 29.92
C GLU B 192 11.70 21.73 31.33
N THR B 193 10.37 21.65 31.44
CA THR B 193 9.67 21.90 32.71
C THR B 193 9.52 20.66 33.60
N GLY B 194 9.53 19.48 33.00
CA GLY B 194 9.28 18.24 33.72
C GLY B 194 7.81 18.05 34.05
N LYS B 195 6.95 18.87 33.43
CA LYS B 195 5.52 18.83 33.70
C LYS B 195 4.72 18.36 32.48
N GLY B 196 3.81 17.42 32.72
CA GLY B 196 3.02 16.83 31.67
C GLY B 196 1.94 17.74 31.12
N GLU B 197 1.10 17.17 30.26
CA GLU B 197 0.08 17.93 29.53
C GLU B 197 -1.08 17.00 29.19
N SER B 198 -2.26 17.61 29.05
CA SER B 198 -3.45 16.91 28.57
C SER B 198 -3.96 17.64 27.33
N ILE B 199 -4.27 16.87 26.30
CA ILE B 199 -4.62 17.45 25.01
C ILE B 199 -6.01 16.99 24.61
N ASP B 200 -6.87 17.96 24.33
CA ASP B 200 -8.26 17.72 23.98
C ASP B 200 -8.42 17.90 22.47
N ILE B 201 -8.36 16.79 21.74
CA ILE B 201 -8.51 16.79 20.28
C ILE B 201 -9.93 16.37 19.91
N ALA B 202 -10.74 17.35 19.52
CA ALA B 202 -12.11 17.11 19.06
C ALA B 202 -12.11 17.01 17.56
N MSE B 203 -12.62 15.90 17.03
CA MSE B 203 -12.59 15.66 15.59
C MSE B 203 -13.23 16.78 14.78
O MSE B 203 -12.68 17.16 13.75
CB MSE B 203 -13.25 14.32 15.25
CG MSE B 203 -12.50 13.13 15.80
SE MSE B 203 -13.40 11.45 15.38
CE MSE B 203 -13.57 11.69 13.46
N TYR B 204 -14.35 17.32 15.24
CA TYR B 204 -15.01 18.38 14.47
C TYR B 204 -14.18 19.67 14.42
N GLU B 205 -13.38 19.91 15.45
CA GLU B 205 -12.50 21.08 15.48
C GLU B 205 -11.31 20.91 14.53
N VAL B 206 -10.78 19.70 14.45
CA VAL B 206 -9.75 19.36 13.47
C VAL B 206 -10.29 19.64 12.08
N MSE B 207 -11.47 19.11 11.79
CA MSE B 207 -12.02 19.22 10.45
C MSE B 207 -12.51 20.62 10.13
O MSE B 207 -12.48 21.05 8.98
CB MSE B 207 -13.10 18.17 10.21
CG MSE B 207 -12.58 16.75 10.30
SE MSE B 207 -11.01 16.42 9.19
CE MSE B 207 -11.82 16.52 7.46
N LEU B 208 -12.95 21.35 11.15
CA LEU B 208 -13.30 22.76 10.98
C LEU B 208 -12.11 23.51 10.39
N ARG B 209 -10.92 23.29 10.97
CA ARG B 209 -9.72 23.96 10.48
C ARG B 209 -9.41 23.58 9.03
N MSE B 210 -9.55 22.30 8.69
CA MSE B 210 -9.16 21.84 7.35
C MSE B 210 -10.09 22.35 6.25
O MSE B 210 -9.74 22.33 5.08
CB MSE B 210 -9.05 20.31 7.30
CG MSE B 210 -8.13 19.71 8.36
SE MSE B 210 -6.37 20.56 8.47
CE MSE B 210 -5.84 19.80 10.17
N GLY B 211 -11.27 22.84 6.64
CA GLY B 211 -12.24 23.36 5.68
C GLY B 211 -12.39 24.87 5.64
N GLN B 212 -11.34 25.59 6.03
CA GLN B 212 -11.41 27.06 6.14
C GLN B 212 -11.10 27.89 4.89
N TYR B 213 -10.49 27.27 3.88
CA TYR B 213 -9.98 28.05 2.74
C TYR B 213 -11.03 29.02 2.18
N PHE B 214 -12.25 28.53 1.98
CA PHE B 214 -13.34 29.39 1.53
C PHE B 214 -14.29 29.81 2.65
N MSE B 215 -14.37 29.01 3.71
CA MSE B 215 -15.27 29.34 4.82
C MSE B 215 -14.87 30.64 5.51
O MSE B 215 -15.73 31.33 6.08
CB MSE B 215 -15.37 28.21 5.84
CG MSE B 215 -16.72 28.20 6.57
SE MSE B 215 -16.83 26.96 8.08
CE MSE B 215 -16.36 25.31 7.16
N MSE B 216 -13.59 30.99 5.46
CA MSE B 216 -13.14 32.25 6.03
C MSE B 216 -13.79 33.45 5.34
O MSE B 216 -13.93 34.51 5.96
CB MSE B 216 -11.62 32.36 6.01
CG MSE B 216 -10.96 31.66 7.19
SE MSE B 216 -11.41 32.48 8.93
CE MSE B 216 -10.39 34.13 8.75
N ASP B 217 -14.19 33.28 4.09
CA ASP B 217 -14.94 34.31 3.38
C ASP B 217 -16.32 34.49 4.01
N TYR B 218 -17.00 33.37 4.27
CA TYR B 218 -18.30 33.39 4.91
C TYR B 218 -18.24 34.10 6.27
N PHE B 219 -17.23 33.78 7.08
CA PHE B 219 -17.11 34.36 8.41
C PHE B 219 -16.80 35.87 8.39
N ASN B 220 -16.27 36.35 7.27
CA ASN B 220 -15.75 37.70 7.17
C ASN B 220 -16.29 38.56 6.03
N GLY B 221 -17.57 38.37 5.75
CA GLY B 221 -18.33 39.32 4.95
C GLY B 221 -18.54 38.95 3.49
N GLY B 222 -17.92 37.86 3.05
CA GLY B 222 -18.10 37.36 1.69
C GLY B 222 -19.07 36.20 1.62
N GLU B 223 -18.91 35.36 0.62
CA GLU B 223 -19.81 34.23 0.42
C GLU B 223 -19.04 32.92 0.52
N MSE B 224 -19.74 31.89 0.99
CA MSE B 224 -19.24 30.52 0.91
C MSE B 224 -19.16 30.11 -0.57
O MSE B 224 -20.00 30.53 -1.38
CB MSE B 224 -20.12 29.56 1.70
CG MSE B 224 -19.58 28.13 1.79
SE MSE B 224 -17.73 28.04 2.43
CE MSE B 224 -17.42 26.16 2.11
N CYS B 225 -18.15 29.32 -0.91
CA CYS B 225 -17.99 28.84 -2.27
C CYS B 225 -19.06 27.81 -2.63
N PRO B 226 -19.38 27.68 -3.91
CA PRO B 226 -20.20 26.57 -4.39
C PRO B 226 -19.41 25.26 -4.31
N ARG B 227 -20.12 24.14 -4.38
CA ARG B 227 -19.45 22.86 -4.55
C ARG B 227 -18.91 22.75 -5.96
N MSE B 228 -17.93 21.88 -6.13
CA MSE B 228 -17.38 21.57 -7.44
C MSE B 228 -18.43 20.94 -8.35
O MSE B 228 -19.33 20.24 -7.86
CB MSE B 228 -16.22 20.58 -7.32
CG MSE B 228 -15.04 21.10 -6.53
SE MSE B 228 -13.68 19.71 -6.46
CE MSE B 228 -14.62 18.48 -5.39
N SER B 229 -18.32 21.19 -9.65
CA SER B 229 -19.10 20.44 -10.62
C SER B 229 -18.21 19.38 -11.26
N LYS B 230 -18.51 18.11 -10.97
CA LYS B 230 -17.72 16.99 -11.52
C LYS B 230 -16.21 17.14 -11.29
N GLY B 231 -15.84 17.65 -10.12
CA GLY B 231 -14.44 17.80 -9.74
C GLY B 231 -13.75 19.02 -10.33
N LYS B 232 -14.52 19.90 -10.97
CA LYS B 232 -13.97 21.13 -11.51
C LYS B 232 -13.95 22.21 -10.44
N ASP B 233 -12.96 23.10 -10.52
CA ASP B 233 -12.81 24.22 -9.60
C ASP B 233 -14.14 24.97 -9.43
N PRO B 234 -14.51 25.32 -8.19
CA PRO B 234 -15.75 26.07 -7.96
C PRO B 234 -15.79 27.46 -8.62
N TYR B 235 -14.62 28.06 -8.88
CA TYR B 235 -14.55 29.44 -9.34
C TYR B 235 -13.88 29.64 -10.69
N TYR B 236 -12.87 28.83 -11.00
CA TYR B 236 -12.01 29.09 -12.16
C TYR B 236 -12.14 28.07 -13.28
N ALA B 237 -12.50 28.55 -14.46
CA ALA B 237 -12.64 27.72 -15.65
C ALA B 237 -11.32 27.08 -16.05
N GLY B 238 -11.40 25.85 -16.57
CA GLY B 238 -10.23 25.13 -17.05
C GLY B 238 -9.31 24.63 -15.94
N CYS B 239 -9.81 24.62 -14.72
CA CYS B 239 -9.05 24.14 -13.56
C CYS B 239 -9.77 22.99 -12.89
N GLY B 240 -9.03 21.91 -12.63
CA GLY B 240 -9.58 20.75 -11.94
C GLY B 240 -9.67 19.53 -12.83
N LEU B 241 -10.65 18.70 -12.55
CA LEU B 241 -10.78 17.38 -13.18
C LEU B 241 -11.54 17.42 -14.50
N TYR B 242 -10.97 16.73 -15.50
CA TYR B 242 -11.58 16.62 -16.82
C TYR B 242 -11.48 15.20 -17.36
N LYS B 243 -12.37 14.87 -18.29
CA LYS B 243 -12.41 13.55 -18.89
C LYS B 243 -11.87 13.59 -20.31
N CYS B 244 -10.84 12.79 -20.57
CA CYS B 244 -10.31 12.62 -21.91
C CYS B 244 -10.88 11.35 -22.52
N ALA B 245 -10.41 11.00 -23.72
CA ALA B 245 -10.94 9.84 -24.43
C ALA B 245 -10.71 8.51 -23.71
N ASP B 246 -9.59 8.40 -23.01
CA ASP B 246 -9.18 7.13 -22.40
C ASP B 246 -8.81 7.19 -20.91
N GLY B 247 -9.20 8.28 -20.25
CA GLY B 247 -8.96 8.44 -18.82
C GLY B 247 -9.30 9.83 -18.33
N TYR B 248 -8.96 10.09 -17.07
CA TYR B 248 -9.17 11.42 -16.48
C TYR B 248 -7.84 12.16 -16.32
N ILE B 249 -7.91 13.48 -16.43
CA ILE B 249 -6.76 14.34 -16.14
C ILE B 249 -7.17 15.46 -15.20
N VAL B 250 -6.19 15.97 -14.45
CA VAL B 250 -6.35 17.26 -13.77
C VAL B 250 -5.51 18.29 -14.51
N MSE B 251 -6.01 19.53 -14.56
CA MSE B 251 -5.33 20.59 -15.30
C MSE B 251 -5.52 21.95 -14.63
O MSE B 251 -6.39 22.10 -13.77
CB MSE B 251 -5.84 20.64 -16.75
CG MSE B 251 -7.33 21.01 -16.86
SE MSE B 251 -7.89 21.19 -18.73
CE MSE B 251 -6.92 22.86 -19.14
N GLU B 252 -4.67 22.91 -15.01
CA GLU B 252 -4.79 24.29 -14.54
C GLU B 252 -4.59 25.26 -15.70
N LEU B 253 -5.70 25.75 -16.25
CA LEU B 253 -5.65 26.74 -17.33
C LEU B 253 -5.36 28.12 -16.76
N VAL B 254 -4.07 28.43 -16.66
CA VAL B 254 -3.58 29.66 -16.05
C VAL B 254 -2.49 30.26 -16.93
N GLY B 255 -2.58 31.56 -17.18
CA GLY B 255 -1.57 32.27 -17.96
C GLY B 255 -2.11 32.85 -19.26
N ILE B 256 -1.50 33.95 -19.70
CA ILE B 256 -1.97 34.70 -20.86
C ILE B 256 -1.92 33.89 -22.17
N THR B 257 -0.74 33.36 -22.49
CA THR B 257 -0.56 32.58 -23.73
C THR B 257 -1.31 31.25 -23.64
N GLN B 258 -1.36 30.69 -22.43
CA GLN B 258 -2.06 29.43 -22.17
C GLN B 258 -3.54 29.53 -22.56
N ILE B 259 -4.21 30.57 -22.08
CA ILE B 259 -5.62 30.80 -22.39
C ILE B 259 -5.81 31.08 -23.89
N GLU B 260 -4.95 31.92 -24.44
CA GLU B 260 -5.03 32.27 -25.86
C GLU B 260 -4.93 31.04 -26.77
N GLU B 261 -3.90 30.23 -26.55
CA GLU B 261 -3.62 29.07 -27.39
C GLU B 261 -4.62 27.93 -27.20
N CYS B 262 -5.04 27.72 -25.94
CA CYS B 262 -6.07 26.72 -25.63
C CYS B 262 -7.41 27.10 -26.27
N PHE B 263 -7.78 28.37 -26.20
CA PHE B 263 -9.01 28.85 -26.82
C PHE B 263 -9.00 28.59 -28.33
N LYS B 264 -7.84 28.81 -28.96
CA LYS B 264 -7.65 28.53 -30.37
C LYS B 264 -7.85 27.04 -30.69
N ASP B 265 -7.28 26.19 -29.84
CA ASP B 265 -7.41 24.74 -29.98
C ASP B 265 -8.87 24.28 -29.92
N ILE B 266 -9.63 24.87 -29.00
CA ILE B 266 -10.98 24.38 -28.68
C ILE B 266 -12.11 25.08 -29.46
N GLY B 267 -11.73 26.04 -30.30
CA GLY B 267 -12.68 26.72 -31.18
C GLY B 267 -13.25 28.01 -30.65
N LEU B 268 -12.50 28.70 -29.79
CA LEU B 268 -12.98 29.89 -29.11
C LEU B 268 -12.06 31.10 -29.28
N ALA B 269 -11.30 31.12 -30.38
CA ALA B 269 -10.36 32.20 -30.67
C ALA B 269 -11.02 33.58 -30.75
N HIS B 270 -12.26 33.59 -31.22
CA HIS B 270 -13.05 34.82 -31.37
C HIS B 270 -13.38 35.51 -30.04
N LEU B 271 -13.34 34.75 -28.96
CA LEU B 271 -13.60 35.29 -27.62
C LEU B 271 -12.43 36.10 -27.06
N LEU B 272 -11.26 35.95 -27.68
CA LEU B 272 -10.05 36.64 -27.23
C LEU B 272 -10.07 38.11 -27.63
N GLY B 273 -9.87 38.99 -26.65
CA GLY B 273 -9.86 40.42 -26.89
C GLY B 273 -11.18 41.13 -26.65
N THR B 274 -12.20 40.37 -26.26
CA THR B 274 -13.52 40.91 -25.94
C THR B 274 -13.47 41.69 -24.61
N PRO B 275 -14.51 42.49 -24.33
CA PRO B 275 -14.62 43.12 -23.00
C PRO B 275 -14.71 42.07 -21.88
N GLU B 276 -15.30 40.92 -22.20
CA GLU B 276 -15.45 39.82 -21.25
C GLU B 276 -14.13 39.11 -20.96
N ILE B 277 -13.36 38.84 -22.02
CA ILE B 277 -12.02 38.25 -21.89
C ILE B 277 -10.98 39.15 -22.59
N PRO B 278 -10.54 40.20 -21.88
CA PRO B 278 -9.59 41.17 -22.45
C PRO B 278 -8.20 40.61 -22.70
N GLU B 279 -7.40 41.30 -23.51
CA GLU B 279 -6.01 40.94 -23.72
C GLU B 279 -5.25 40.98 -22.40
N GLY B 280 -4.50 39.91 -22.11
CA GLY B 280 -3.73 39.82 -20.89
C GLY B 280 -4.44 39.08 -19.76
N THR B 281 -5.61 38.51 -20.06
CA THR B 281 -6.33 37.69 -19.08
C THR B 281 -5.47 36.49 -18.68
N GLN B 282 -5.27 36.32 -17.38
CA GLN B 282 -4.43 35.27 -16.83
C GLN B 282 -5.23 34.11 -16.26
N LEU B 283 -6.50 34.38 -15.96
CA LEU B 283 -7.38 33.42 -15.28
C LEU B 283 -8.83 33.71 -15.63
N ILE B 284 -9.60 32.67 -15.92
CA ILE B 284 -11.02 32.85 -16.24
C ILE B 284 -11.88 32.52 -15.03
N HIS B 285 -12.50 33.55 -14.44
CA HIS B 285 -13.47 33.35 -13.37
C HIS B 285 -14.79 32.92 -13.99
N ARG B 286 -15.18 31.67 -13.76
CA ARG B 286 -16.33 31.07 -14.44
C ARG B 286 -17.66 31.76 -14.17
N ILE B 287 -17.84 32.23 -12.93
CA ILE B 287 -19.09 32.88 -12.54
C ILE B 287 -19.15 34.33 -13.04
N GLU B 288 -18.07 35.08 -12.84
CA GLU B 288 -18.00 36.48 -13.27
C GLU B 288 -18.07 36.62 -14.79
N CYS B 289 -17.33 35.75 -15.48
CA CYS B 289 -17.26 35.78 -16.94
C CYS B 289 -18.50 35.14 -17.57
N PRO B 290 -19.22 35.90 -18.40
CA PRO B 290 -20.42 35.38 -19.08
C PRO B 290 -20.13 34.19 -19.99
N TYR B 291 -18.90 34.07 -20.47
CA TYR B 291 -18.51 32.99 -21.36
C TYR B 291 -18.00 31.73 -20.63
N GLY B 292 -18.03 31.77 -19.29
CA GLY B 292 -17.59 30.66 -18.45
C GLY B 292 -18.12 29.29 -18.85
N PRO B 293 -19.46 29.12 -18.85
CA PRO B 293 -20.09 27.87 -19.29
C PRO B 293 -19.75 27.46 -20.72
N LEU B 294 -19.59 28.42 -21.63
CA LEU B 294 -19.21 28.12 -23.01
C LEU B 294 -17.79 27.57 -23.10
N VAL B 295 -16.89 28.14 -22.30
CA VAL B 295 -15.50 27.67 -22.21
C VAL B 295 -15.48 26.19 -21.78
N GLU B 296 -16.21 25.88 -20.72
CA GLU B 296 -16.32 24.50 -20.23
C GLU B 296 -16.88 23.56 -21.29
N GLU B 297 -17.91 24.01 -22.01
CA GLU B 297 -18.54 23.20 -23.05
C GLU B 297 -17.53 22.82 -24.13
N LYS B 298 -16.76 23.81 -24.58
CA LYS B 298 -15.78 23.62 -25.65
C LYS B 298 -14.55 22.86 -25.15
N LEU B 299 -14.14 23.12 -23.91
CA LEU B 299 -13.03 22.40 -23.30
C LEU B 299 -13.36 20.91 -23.16
N ASP B 300 -14.56 20.63 -22.65
CA ASP B 300 -15.03 19.25 -22.49
C ASP B 300 -15.00 18.49 -23.81
N ALA B 301 -15.52 19.13 -24.87
CA ALA B 301 -15.61 18.52 -26.18
C ALA B 301 -14.23 18.19 -26.75
N TRP B 302 -13.30 19.12 -26.62
CA TRP B 302 -11.95 18.95 -27.14
C TRP B 302 -11.20 17.83 -26.43
N LEU B 303 -11.26 17.82 -25.10
CA LEU B 303 -10.59 16.79 -24.31
C LEU B 303 -11.19 15.40 -24.55
N ALA B 304 -12.50 15.35 -24.80
CA ALA B 304 -13.21 14.10 -25.06
C ALA B 304 -12.71 13.34 -26.30
N THR B 305 -12.20 14.07 -27.28
CA THR B 305 -11.71 13.47 -28.52
C THR B 305 -10.20 13.15 -28.53
N HIS B 306 -9.51 13.54 -27.45
CA HIS B 306 -8.06 13.33 -27.35
C HIS B 306 -7.69 12.36 -26.23
N THR B 307 -6.65 11.57 -26.45
CA THR B 307 -6.12 10.68 -25.41
C THR B 307 -5.32 11.47 -24.38
N ILE B 308 -5.12 10.88 -23.20
CA ILE B 308 -4.29 11.47 -22.15
C ILE B 308 -2.92 11.90 -22.70
N ALA B 309 -2.27 11.01 -23.45
CA ALA B 309 -0.96 11.26 -24.01
C ALA B 309 -0.95 12.45 -24.96
N GLU B 310 -2.00 12.56 -25.77
CA GLU B 310 -2.13 13.66 -26.73
C GLU B 310 -2.36 15.00 -26.03
N VAL B 311 -3.17 14.95 -24.96
CA VAL B 311 -3.45 16.13 -24.16
C VAL B 311 -2.20 16.58 -23.42
N LYS B 312 -1.50 15.61 -22.82
CA LYS B 312 -0.23 15.86 -22.13
C LYS B 312 0.81 16.47 -23.07
N GLU B 313 0.86 15.97 -24.30
CA GLU B 313 1.78 16.47 -25.32
C GLU B 313 1.50 17.94 -25.64
N ARG B 314 0.24 18.25 -25.91
CA ARG B 314 -0.17 19.61 -26.23
C ARG B 314 0.03 20.56 -25.05
N PHE B 315 -0.27 20.10 -23.84
CA PHE B 315 -0.19 20.95 -22.66
C PHE B 315 1.25 21.21 -22.23
N ALA B 316 2.16 20.32 -22.59
CA ALA B 316 3.58 20.52 -22.39
C ALA B 316 4.11 21.62 -23.32
N GLU B 317 3.60 21.65 -24.54
CA GLU B 317 3.96 22.69 -25.51
C GLU B 317 3.45 24.06 -25.07
N LEU B 318 2.29 24.08 -24.43
CA LEU B 318 1.63 25.31 -24.01
C LEU B 318 1.97 25.72 -22.58
N ASN B 319 2.74 24.88 -21.89
CA ASN B 319 3.07 25.09 -20.47
C ASN B 319 1.81 25.19 -19.58
N ILE B 320 0.90 24.24 -19.77
CA ILE B 320 -0.27 24.09 -18.91
C ILE B 320 -0.01 22.88 -18.01
N ALA B 321 -0.04 23.12 -16.69
CA ALA B 321 0.22 22.06 -15.72
C ALA B 321 -0.91 21.04 -15.74
N CYS B 322 -0.55 19.76 -15.73
CA CYS B 322 -1.52 18.68 -15.76
C CYS B 322 -0.92 17.34 -15.34
N ALA B 323 -1.80 16.40 -15.01
CA ALA B 323 -1.41 15.03 -14.68
C ALA B 323 -2.56 14.07 -14.94
N LYS B 324 -2.23 12.87 -15.40
CA LYS B 324 -3.20 11.80 -15.49
C LYS B 324 -3.66 11.40 -14.09
N VAL B 325 -4.96 11.16 -13.94
CA VAL B 325 -5.47 10.56 -12.71
C VAL B 325 -5.14 9.08 -12.76
N LEU B 326 -4.24 8.65 -11.87
CA LEU B 326 -3.81 7.25 -11.84
C LEU B 326 -4.83 6.37 -11.15
N THR B 327 -5.07 5.20 -11.73
CA THR B 327 -5.88 4.18 -11.08
C THR B 327 -4.98 3.35 -10.18
N VAL B 328 -5.60 2.67 -9.21
CA VAL B 328 -4.86 1.86 -8.25
C VAL B 328 -3.88 0.86 -8.91
N PRO B 329 -4.31 0.12 -9.94
CA PRO B 329 -3.39 -0.80 -10.63
C PRO B 329 -2.17 -0.16 -11.32
N GLU B 330 -2.14 1.17 -11.45
CA GLU B 330 -1.05 1.86 -12.15
C GLU B 330 0.08 2.34 -11.24
N LEU B 331 -0.11 2.22 -9.92
CA LEU B 331 0.84 2.82 -8.99
C LEU B 331 2.18 2.07 -8.88
N GLU B 332 2.12 0.75 -8.74
CA GLU B 332 3.32 -0.04 -8.48
C GLU B 332 4.40 0.07 -9.55
N SER B 333 3.98 0.13 -10.81
CA SER B 333 4.92 0.16 -11.92
C SER B 333 5.35 1.58 -12.31
N ASN B 334 4.77 2.59 -11.66
CA ASN B 334 5.16 3.97 -11.95
C ASN B 334 6.65 4.19 -11.62
N PRO B 335 7.41 4.76 -12.55
CA PRO B 335 8.85 4.94 -12.36
C PRO B 335 9.26 5.70 -11.09
N GLN B 336 8.47 6.68 -10.66
CA GLN B 336 8.79 7.40 -9.42
C GLN B 336 8.59 6.52 -8.20
N TYR B 337 7.48 5.79 -8.17
CA TYR B 337 7.20 4.83 -7.10
C TYR B 337 8.32 3.79 -7.01
N VAL B 338 8.73 3.29 -8.17
CA VAL B 338 9.78 2.27 -8.23
C VAL B 338 11.10 2.84 -7.70
N ALA B 339 11.45 4.04 -8.17
CA ALA B 339 12.73 4.66 -7.79
C ALA B 339 12.79 4.97 -6.30
N ARG B 340 11.66 5.36 -5.72
CA ARG B 340 11.61 5.75 -4.31
C ARG B 340 11.19 4.63 -3.37
N GLU B 341 10.95 3.44 -3.91
CA GLU B 341 10.44 2.31 -3.13
C GLU B 341 9.23 2.71 -2.27
N SER B 342 8.32 3.48 -2.87
CA SER B 342 7.17 4.01 -2.16
C SER B 342 6.23 2.91 -1.66
N ILE B 343 6.12 1.84 -2.46
CA ILE B 343 5.41 0.64 -2.07
C ILE B 343 6.45 -0.46 -1.84
N THR B 344 6.40 -1.08 -0.67
CA THR B 344 7.40 -2.08 -0.31
C THR B 344 6.75 -3.37 0.19
N GLN B 345 7.57 -4.29 0.69
CA GLN B 345 7.09 -5.53 1.27
C GLN B 345 7.78 -5.82 2.59
N TRP B 346 7.08 -6.54 3.46
CA TRP B 346 7.63 -7.00 4.74
C TRP B 346 7.01 -8.34 5.12
N GLN B 347 7.56 -8.98 6.14
CA GLN B 347 7.04 -10.26 6.59
C GLN B 347 6.04 -10.09 7.73
N THR B 348 4.88 -10.73 7.60
CA THR B 348 3.92 -10.83 8.71
C THR B 348 4.49 -11.76 9.78
N MSE B 349 3.87 -11.70 10.95
CA MSE B 349 4.26 -12.55 12.07
C MSE B 349 4.00 -14.04 11.80
O MSE B 349 4.57 -14.91 12.46
CB MSE B 349 3.53 -12.11 13.35
CG MSE B 349 3.70 -10.62 13.70
SE MSE B 349 4.41 -10.35 15.49
CE MSE B 349 6.03 -11.45 14.98
N ASP B 350 3.12 -14.31 10.84
CA ASP B 350 2.81 -15.70 10.48
C ASP B 350 3.42 -16.13 9.13
N GLY B 351 4.50 -15.45 8.74
CA GLY B 351 5.41 -15.96 7.72
C GLY B 351 5.09 -15.65 6.27
N ARG B 352 4.18 -14.72 6.04
CA ARG B 352 3.77 -14.37 4.68
C ARG B 352 4.31 -13.00 4.29
N THR B 353 4.68 -12.84 3.02
CA THR B 353 5.06 -11.53 2.51
C THR B 353 3.81 -10.67 2.37
N CYS B 354 3.87 -9.48 2.95
CA CYS B 354 2.80 -8.51 2.87
C CYS B 354 3.28 -7.30 2.08
N LYS B 355 2.39 -6.73 1.27
CA LYS B 355 2.69 -5.59 0.41
C LYS B 355 1.95 -4.33 0.87
N GLY B 356 2.62 -3.19 0.81
CA GLY B 356 1.99 -1.94 1.22
C GLY B 356 2.98 -0.79 1.23
N PRO B 357 2.51 0.41 1.56
CA PRO B 357 3.40 1.57 1.57
C PRO B 357 4.60 1.42 2.50
N ASN B 358 5.73 1.94 2.06
CA ASN B 358 6.92 2.08 2.89
C ASN B 358 6.67 3.10 3.99
N ILE B 359 7.68 3.31 4.84
CA ILE B 359 7.62 4.37 5.86
C ILE B 359 7.61 5.72 5.16
N MSE B 360 6.72 6.61 5.61
CA MSE B 360 6.74 8.00 5.17
C MSE B 360 6.72 8.91 6.40
O MSE B 360 6.21 8.52 7.44
CB MSE B 360 5.58 8.28 4.20
CG MSE B 360 4.21 8.40 4.85
SE MSE B 360 3.88 10.23 5.49
CE MSE B 360 4.85 11.21 4.15
N PRO B 361 7.35 10.10 6.34
CA PRO B 361 8.19 10.53 5.22
C PRO B 361 9.56 9.88 5.33
N LYS B 362 10.50 10.29 4.49
CA LYS B 362 11.82 9.68 4.49
C LYS B 362 12.79 10.54 5.30
N PHE B 363 13.18 10.04 6.48
CA PHE B 363 14.18 10.71 7.30
C PHE B 363 15.57 10.31 6.79
N LYS B 364 16.43 11.30 6.56
CA LYS B 364 17.75 11.06 5.95
C LYS B 364 18.70 10.34 6.90
N ASN B 365 18.85 10.87 8.11
CA ASN B 365 19.82 10.37 9.07
C ASN B 365 19.31 9.20 9.89
N ASN B 366 18.04 9.26 10.28
CA ASN B 366 17.42 8.20 11.06
C ASN B 366 16.13 7.71 10.41
N PRO B 367 16.24 7.01 9.27
CA PRO B 367 15.06 6.52 8.57
C PRO B 367 14.25 5.53 9.40
N GLY B 368 12.92 5.59 9.24
CA GLY B 368 12.06 4.55 9.76
C GLY B 368 12.29 3.24 9.02
N GLN B 369 11.77 2.16 9.60
CA GLN B 369 11.79 0.84 8.98
C GLN B 369 10.62 0.02 9.54
N ILE B 370 10.29 -1.07 8.85
CA ILE B 370 9.34 -2.06 9.35
C ILE B 370 10.13 -3.16 10.04
N TRP B 371 10.00 -3.26 11.36
CA TRP B 371 10.77 -4.24 12.14
C TRP B 371 9.97 -5.45 12.62
N ARG B 372 8.65 -5.35 12.62
CA ARG B 372 7.78 -6.47 12.98
C ARG B 372 6.41 -6.28 12.37
N GLY B 373 5.79 -7.39 11.95
CA GLY B 373 4.41 -7.36 11.49
C GLY B 373 3.45 -7.14 12.65
N MSE B 374 2.17 -6.92 12.32
CA MSE B 374 1.13 -6.81 13.33
C MSE B 374 1.18 -7.99 14.31
O MSE B 374 1.17 -9.15 13.88
CB MSE B 374 -0.25 -6.74 12.67
CG MSE B 374 -1.38 -6.99 13.65
SE MSE B 374 -3.10 -7.11 12.76
CE MSE B 374 -2.95 -8.88 12.10
N PRO B 375 1.23 -7.71 15.61
CA PRO B 375 1.20 -8.76 16.63
C PRO B 375 -0.19 -9.36 16.86
N SER B 376 -0.23 -10.58 17.39
CA SER B 376 -1.48 -11.23 17.76
C SER B 376 -2.02 -10.68 19.08
N HIS B 377 -3.28 -11.01 19.38
CA HIS B 377 -4.00 -10.55 20.57
C HIS B 377 -3.31 -11.01 21.86
N GLY B 378 -2.82 -10.04 22.64
CA GLY B 378 -2.13 -10.31 23.89
C GLY B 378 -0.72 -10.89 23.76
N MSE B 379 -0.14 -10.78 22.57
CA MSE B 379 1.15 -11.39 22.28
C MSE B 379 2.28 -10.98 23.23
O MSE B 379 3.10 -11.82 23.60
CB MSE B 379 1.57 -11.14 20.83
CG MSE B 379 2.74 -11.98 20.36
SE MSE B 379 3.10 -11.64 18.48
CE MSE B 379 3.17 -13.47 17.89
N ASP B 380 2.31 -9.72 23.62
CA ASP B 380 3.40 -9.21 24.45
C ASP B 380 3.02 -8.91 25.90
N THR B 381 1.82 -9.31 26.29
CA THR B 381 1.33 -9.06 27.65
C THR B 381 2.30 -9.51 28.73
N ALA B 382 2.76 -10.76 28.65
CA ALA B 382 3.62 -11.33 29.67
C ALA B 382 4.96 -10.59 29.79
N ALA B 383 5.56 -10.25 28.66
CA ALA B 383 6.82 -9.50 28.63
C ALA B 383 6.65 -8.12 29.23
N ILE B 384 5.57 -7.43 28.85
CA ILE B 384 5.31 -6.08 29.35
C ILE B 384 5.13 -6.10 30.88
N LEU B 385 4.33 -7.04 31.36
CA LEU B 385 4.05 -7.14 32.79
C LEU B 385 5.29 -7.52 33.59
N LYS B 386 6.09 -8.44 33.07
CA LYS B 386 7.35 -8.81 33.72
C LYS B 386 8.27 -7.59 33.81
N ASN B 387 8.35 -6.81 32.73
CA ASN B 387 9.18 -5.61 32.70
C ASN B 387 8.83 -4.60 33.79
N ILE B 388 7.55 -4.52 34.14
CA ILE B 388 7.10 -3.56 35.16
C ILE B 388 6.93 -4.20 36.55
N GLY B 389 7.52 -5.37 36.74
CA GLY B 389 7.67 -5.96 38.07
C GLY B 389 6.78 -7.14 38.45
N TYR B 390 5.94 -7.59 37.52
CA TYR B 390 5.01 -8.69 37.79
C TYR B 390 5.68 -10.06 37.71
N SER B 391 5.44 -10.88 38.73
CA SER B 391 5.91 -12.27 38.74
C SER B 391 5.06 -13.12 37.81
N GLU B 392 5.56 -14.32 37.48
CA GLU B 392 4.80 -15.27 36.67
C GLU B 392 3.46 -15.64 37.32
N ASN B 393 3.47 -15.82 38.65
CA ASN B 393 2.25 -16.09 39.41
C ASN B 393 1.28 -14.90 39.38
N ASP B 394 1.84 -13.69 39.47
CA ASP B 394 1.07 -12.44 39.36
C ASP B 394 0.30 -12.40 38.03
N ILE B 395 1.01 -12.72 36.95
CA ILE B 395 0.44 -12.70 35.61
C ILE B 395 -0.64 -13.78 35.42
N GLN B 396 -0.36 -14.99 35.91
CA GLN B 396 -1.35 -16.07 35.88
C GLN B 396 -2.64 -15.69 36.62
N GLU B 397 -2.49 -14.99 37.75
CA GLU B 397 -3.65 -14.52 38.50
C GLU B 397 -4.50 -13.53 37.68
N LEU B 398 -3.83 -12.59 37.02
CA LEU B 398 -4.51 -11.62 36.16
C LEU B 398 -5.30 -12.32 35.06
N VAL B 399 -4.68 -13.33 34.45
CA VAL B 399 -5.32 -14.12 33.41
C VAL B 399 -6.51 -14.89 33.97
N SER B 400 -6.33 -15.53 35.13
CA SER B 400 -7.39 -16.34 35.73
C SER B 400 -8.59 -15.48 36.13
N LYS B 401 -8.33 -14.25 36.57
CA LYS B 401 -9.38 -13.30 36.92
C LYS B 401 -10.06 -12.64 35.71
N GLY B 402 -9.54 -12.92 34.51
CA GLY B 402 -10.09 -12.36 33.28
C GLY B 402 -9.71 -10.91 33.06
N LEU B 403 -8.60 -10.50 33.66
CA LEU B 403 -8.16 -9.12 33.62
C LEU B 403 -6.99 -8.89 32.66
N ALA B 404 -6.42 -9.99 32.15
CA ALA B 404 -5.38 -9.93 31.13
C ALA B 404 -5.44 -11.19 30.28
N LYS B 405 -4.89 -11.10 29.08
CA LYS B 405 -4.74 -12.24 28.20
C LYS B 405 -3.30 -12.26 27.70
N VAL B 406 -2.66 -13.42 27.77
CA VAL B 406 -1.31 -13.57 27.25
C VAL B 406 -1.35 -14.12 25.81
N GLU B 407 -0.23 -14.67 25.34
CA GLU B 407 -0.11 -15.11 23.96
C GLU B 407 -1.04 -16.27 23.61
N ASP B 408 -1.47 -16.32 22.36
CA ASP B 408 -2.34 -17.40 21.86
C ASP B 408 -1.73 -18.78 22.08
N SER C 2 22.54 38.99 22.27
CA SER C 2 22.36 39.25 23.73
C SER C 2 20.90 39.05 24.17
N HIS C 3 20.66 39.19 25.48
CA HIS C 3 19.33 39.00 26.05
C HIS C 3 18.26 39.94 25.48
N MSE C 4 18.69 41.04 24.87
CA MSE C 4 17.78 42.01 24.27
C MSE C 4 17.51 41.70 22.79
O MSE C 4 16.59 42.30 22.20
CB MSE C 4 18.31 43.43 24.43
CG MSE C 4 19.07 43.67 25.72
SE MSE C 4 18.95 45.50 26.38
CE MSE C 4 20.11 46.35 25.07
N ASP C 5 18.28 40.79 22.23
CA ASP C 5 18.13 40.41 20.82
C ASP C 5 17.14 39.25 20.65
N HIS C 6 15.86 39.56 20.81
CA HIS C 6 14.79 38.59 20.62
C HIS C 6 13.53 39.27 20.10
N LEU C 7 12.72 38.52 19.35
CA LEU C 7 11.45 39.06 18.88
C LEU C 7 10.43 38.98 20.00
N PRO C 8 9.79 40.11 20.31
CA PRO C 8 8.78 40.16 21.37
C PRO C 8 7.49 39.43 20.97
N MSE C 9 6.96 38.65 21.90
CA MSE C 9 5.71 37.90 21.74
C MSE C 9 5.38 37.29 23.11
O MSE C 9 6.29 37.03 23.90
CB MSE C 9 5.86 36.79 20.69
CG MSE C 9 6.96 35.79 20.98
SE MSE C 9 6.99 34.34 19.67
CE MSE C 9 5.31 33.54 20.07
N PRO C 10 4.11 37.08 23.43
CA PRO C 10 3.79 36.52 24.76
C PRO C 10 4.30 35.08 24.85
N LYS C 11 4.80 34.70 26.02
CA LYS C 11 5.20 33.32 26.23
C LYS C 11 3.97 32.47 26.49
N PHE C 12 3.72 31.49 25.64
CA PHE C 12 2.58 30.59 25.78
C PHE C 12 2.79 29.32 24.99
N GLY C 13 1.99 28.30 25.30
CA GLY C 13 1.91 27.11 24.47
C GLY C 13 3.03 26.13 24.73
N PRO C 14 2.88 24.90 24.25
CA PRO C 14 3.92 23.88 24.43
C PRO C 14 5.21 24.22 23.70
N LEU C 15 5.14 25.08 22.69
CA LEU C 15 6.28 25.37 21.84
C LEU C 15 6.94 26.72 22.07
N ALA C 16 6.62 27.38 23.18
CA ALA C 16 7.29 28.63 23.55
C ALA C 16 8.81 28.47 23.47
N GLY C 17 9.47 29.42 22.82
CA GLY C 17 10.93 29.43 22.77
C GLY C 17 11.52 28.69 21.58
N LEU C 18 10.70 27.91 20.89
CA LEU C 18 11.15 27.21 19.68
C LEU C 18 11.25 28.20 18.52
N ARG C 19 12.31 28.07 17.73
CA ARG C 19 12.56 28.98 16.62
C ARG C 19 12.39 28.24 15.30
N VAL C 20 11.32 28.58 14.58
CA VAL C 20 10.99 27.95 13.30
C VAL C 20 11.04 28.99 12.20
N VAL C 21 11.56 28.59 11.04
CA VAL C 21 11.58 29.46 9.86
C VAL C 21 11.03 28.65 8.69
N PHE C 22 10.18 29.27 7.88
CA PHE C 22 9.72 28.59 6.67
C PHE C 22 9.83 29.41 5.39
N SER C 23 10.15 28.71 4.30
CA SER C 23 10.18 29.26 2.97
C SER C 23 9.19 28.48 2.12
N GLY C 24 8.19 29.18 1.60
CA GLY C 24 7.17 28.55 0.79
C GLY C 24 5.97 29.46 0.67
N ILE C 25 5.06 29.10 -0.22
CA ILE C 25 3.86 29.90 -0.46
C ILE C 25 2.59 29.06 -0.42
N GLU C 26 1.46 29.74 -0.43
CA GLU C 26 0.14 29.10 -0.53
C GLU C 26 -0.18 28.23 0.69
N ILE C 27 -0.41 26.93 0.52
CA ILE C 27 -0.89 26.12 1.66
C ILE C 27 0.14 25.18 2.31
N ALA C 28 0.63 24.19 1.57
CA ALA C 28 1.34 23.06 2.19
C ALA C 28 2.47 23.45 3.16
N GLY C 29 3.48 24.15 2.64
CA GLY C 29 4.62 24.58 3.44
C GLY C 29 4.28 25.54 4.57
N PRO C 30 3.61 26.65 4.24
CA PRO C 30 3.19 27.61 5.28
C PRO C 30 2.25 27.03 6.33
N PHE C 31 1.35 26.12 5.96
CA PHE C 31 0.48 25.44 6.94
C PHE C 31 1.31 24.69 7.97
N ALA C 32 2.31 23.95 7.47
CA ALA C 32 3.27 23.25 8.32
C ALA C 32 3.95 24.22 9.29
N GLY C 33 4.45 25.33 8.76
CA GLY C 33 5.18 26.31 9.54
C GLY C 33 4.30 27.01 10.57
N GLN C 34 3.14 27.45 10.12
CA GLN C 34 2.24 28.24 10.97
C GLN C 34 1.64 27.44 12.11
N MSE C 35 1.47 26.13 11.95
CA MSE C 35 0.96 25.30 13.03
C MSE C 35 1.82 25.46 14.29
O MSE C 35 1.29 25.51 15.39
CB MSE C 35 0.82 23.81 12.65
CG MSE C 35 0.05 23.00 13.68
SE MSE C 35 -1.80 23.59 13.99
CE MSE C 35 -2.50 23.41 12.21
N PHE C 36 3.14 25.54 14.12
CA PHE C 36 4.05 25.77 15.24
C PHE C 36 3.69 27.04 16.01
N ALA C 37 3.26 28.07 15.26
CA ALA C 37 2.91 29.37 15.83
C ALA C 37 1.56 29.37 16.57
N GLU C 38 0.64 28.52 16.12
CA GLU C 38 -0.62 28.31 16.84
C GLU C 38 -0.35 27.86 18.27
N TRP C 39 0.76 27.14 18.43
CA TRP C 39 1.10 26.49 19.70
C TRP C 39 2.28 27.13 20.44
N GLY C 40 2.62 28.36 20.09
CA GLY C 40 3.52 29.16 20.89
C GLY C 40 4.91 29.43 20.37
N ALA C 41 5.29 28.79 19.26
CA ALA C 41 6.63 28.97 18.70
C ALA C 41 6.84 30.34 18.08
N GLU C 42 8.10 30.75 17.98
CA GLU C 42 8.48 31.90 17.16
C GLU C 42 8.67 31.40 15.74
N VAL C 43 7.80 31.83 14.84
CA VAL C 43 7.84 31.37 13.46
C VAL C 43 8.05 32.54 12.51
N ILE C 44 9.13 32.45 11.73
CA ILE C 44 9.44 33.45 10.72
C ILE C 44 9.03 32.95 9.33
N TRP C 45 8.17 33.74 8.69
CA TRP C 45 7.62 33.51 7.36
C TRP C 45 8.50 34.28 6.38
N ILE C 46 9.24 33.54 5.56
CA ILE C 46 10.04 34.19 4.53
C ILE C 46 9.24 34.39 3.26
N GLU C 47 9.20 35.64 2.80
CA GLU C 47 8.65 35.98 1.51
C GLU C 47 9.76 36.53 0.63
N ASN C 48 9.67 36.23 -0.66
CA ASN C 48 10.56 36.85 -1.64
C ASN C 48 10.38 38.35 -1.68
N VAL C 49 11.40 39.06 -2.15
CA VAL C 49 11.35 40.52 -2.23
C VAL C 49 10.45 40.95 -3.38
N ALA C 50 10.66 40.36 -4.56
CA ALA C 50 9.84 40.65 -5.74
C ALA C 50 8.42 40.08 -5.66
N TRP C 51 8.28 38.91 -5.05
CA TRP C 51 6.99 38.23 -5.02
C TRP C 51 6.54 37.91 -3.60
N ALA C 52 5.60 38.70 -3.09
CA ALA C 52 4.92 38.37 -1.84
C ALA C 52 4.23 37.02 -2.01
N ASP C 53 4.04 36.32 -0.90
CA ASP C 53 3.29 35.07 -0.87
C ASP C 53 1.97 35.26 -1.62
N THR C 54 1.70 34.41 -2.60
CA THR C 54 0.47 34.52 -3.40
C THR C 54 -0.80 34.25 -2.57
N ILE C 55 -0.65 33.68 -1.38
CA ILE C 55 -1.79 33.53 -0.47
C ILE C 55 -2.46 34.87 -0.18
N ARG C 56 -1.69 35.97 -0.27
CA ARG C 56 -2.17 37.30 0.09
C ARG C 56 -3.27 37.82 -0.84
N VAL C 57 -3.40 37.20 -2.01
CA VAL C 57 -4.47 37.51 -2.96
C VAL C 57 -5.83 37.04 -2.44
N GLN C 58 -5.82 35.99 -1.61
CA GLN C 58 -7.05 35.50 -1.00
C GLN C 58 -7.59 36.57 -0.03
N PRO C 59 -8.87 36.89 -0.15
CA PRO C 59 -9.45 38.03 0.59
C PRO C 59 -9.53 37.88 2.11
N ASN C 60 -9.62 36.66 2.63
CA ASN C 60 -9.87 36.48 4.08
C ASN C 60 -9.05 35.37 4.74
N TYR C 61 -8.90 34.25 4.04
CA TYR C 61 -8.22 33.09 4.59
C TYR C 61 -6.84 33.39 5.24
N PRO C 62 -6.00 34.20 4.61
CA PRO C 62 -4.66 34.48 5.17
C PRO C 62 -4.70 35.10 6.56
N GLN C 63 -5.80 35.75 6.93
CA GLN C 63 -5.91 36.28 8.30
C GLN C 63 -5.88 35.14 9.31
N LEU C 64 -6.41 33.98 8.92
CA LEU C 64 -6.30 32.78 9.75
C LEU C 64 -4.97 32.07 9.50
N SER C 65 -4.62 31.88 8.23
CA SER C 65 -3.51 30.99 7.89
C SER C 65 -2.14 31.62 8.10
N ARG C 66 -2.10 32.91 8.40
CA ARG C 66 -0.83 33.61 8.66
C ARG C 66 -0.79 34.37 9.99
N ARG C 67 -1.76 34.09 10.86
CA ARG C 67 -1.77 34.71 12.19
C ARG C 67 -0.58 34.21 13.02
N ASN C 68 -0.20 34.98 14.02
CA ASN C 68 0.89 34.61 14.94
C ASN C 68 2.28 34.53 14.31
N LEU C 69 2.44 35.08 13.12
CA LEU C 69 3.70 34.98 12.39
C LEU C 69 4.52 36.27 12.40
N HIS C 70 5.84 36.12 12.30
CA HIS C 70 6.74 37.23 12.03
C HIS C 70 7.13 37.19 10.55
N ALA C 71 7.13 38.34 9.89
CA ALA C 71 7.36 38.40 8.44
C ALA C 71 8.75 38.93 8.05
N LEU C 72 9.51 38.08 7.37
CA LEU C 72 10.82 38.45 6.82
C LEU C 72 10.75 38.45 5.31
N SER C 73 11.26 39.50 4.68
CA SER C 73 11.35 39.51 3.22
C SER C 73 12.81 39.65 2.82
N LEU C 74 13.31 38.60 2.17
CA LEU C 74 14.74 38.42 1.94
C LEU C 74 14.96 37.50 0.75
N ASN C 75 15.90 37.87 -0.12
CA ASN C 75 16.33 36.96 -1.18
C ASN C 75 17.40 36.04 -0.63
N ILE C 76 16.99 34.83 -0.25
CA ILE C 76 17.86 33.92 0.49
C ILE C 76 18.90 33.21 -0.38
N PHE C 77 18.86 33.46 -1.68
CA PHE C 77 19.75 32.79 -2.60
C PHE C 77 20.89 33.64 -3.16
N LYS C 78 20.77 34.97 -3.04
CA LYS C 78 21.71 35.90 -3.68
C LYS C 78 22.54 36.74 -2.72
N ASP C 79 23.86 36.67 -2.89
CA ASP C 79 24.83 37.54 -2.21
C ASP C 79 24.56 37.78 -0.71
N GLU C 80 24.38 39.04 -0.33
CA GLU C 80 24.14 39.42 1.08
C GLU C 80 22.88 38.78 1.66
N GLY C 81 21.89 38.54 0.82
CA GLY C 81 20.65 37.88 1.24
C GLY C 81 20.88 36.44 1.67
N ARG C 82 21.72 35.74 0.90
CA ARG C 82 22.14 34.39 1.23
C ARG C 82 22.94 34.36 2.54
N GLU C 83 23.85 35.32 2.70
CA GLU C 83 24.63 35.45 3.93
C GLU C 83 23.70 35.64 5.13
N ALA C 84 22.69 36.50 4.97
CA ALA C 84 21.75 36.79 6.05
C ALA C 84 20.91 35.55 6.38
N PHE C 85 20.44 34.85 5.35
CA PHE C 85 19.66 33.64 5.55
C PHE C 85 20.46 32.56 6.31
N LEU C 86 21.71 32.35 5.90
CA LEU C 86 22.52 31.31 6.53
C LEU C 86 22.91 31.69 7.97
N LYS C 87 23.08 32.99 8.22
CA LYS C 87 23.28 33.48 9.58
C LYS C 87 22.06 33.19 10.45
N LEU C 88 20.87 33.44 9.89
CA LEU C 88 19.62 33.15 10.59
C LEU C 88 19.54 31.68 10.98
N MSE C 89 19.99 30.80 10.09
CA MSE C 89 19.98 29.36 10.34
C MSE C 89 20.76 28.96 11.59
O MSE C 89 20.44 27.97 12.23
CB MSE C 89 20.48 28.58 9.12
CG MSE C 89 19.57 28.69 7.91
SE MSE C 89 17.78 27.94 8.19
CE MSE C 89 16.82 29.57 8.58
N GLU C 90 21.79 29.75 11.92
CA GLU C 90 22.65 29.45 13.07
C GLU C 90 21.89 29.36 14.40
N THR C 91 20.78 30.07 14.50
CA THR C 91 19.97 30.07 15.73
C THR C 91 18.56 29.53 15.52
N THR C 92 18.34 28.90 14.37
CA THR C 92 17.03 28.33 14.02
C THR C 92 16.99 26.85 14.43
N ASP C 93 15.88 26.42 15.04
CA ASP C 93 15.70 25.01 15.40
C ASP C 93 15.18 24.17 14.25
N ILE C 94 14.19 24.72 13.54
CA ILE C 94 13.50 23.99 12.46
C ILE C 94 13.36 24.89 11.25
N PHE C 95 13.78 24.38 10.09
CA PHE C 95 13.58 25.08 8.83
C PHE C 95 12.69 24.23 7.93
N ILE C 96 11.55 24.79 7.51
CA ILE C 96 10.63 24.11 6.59
C ILE C 96 10.67 24.81 5.24
N GLU C 97 10.79 24.04 4.17
CA GLU C 97 10.71 24.63 2.83
C GLU C 97 9.92 23.75 1.86
N ALA C 98 9.11 24.40 1.04
CA ALA C 98 8.37 23.73 -0.03
C ALA C 98 8.91 24.18 -1.39
N SER C 99 9.31 23.21 -2.20
CA SER C 99 10.00 23.42 -3.47
C SER C 99 9.61 22.36 -4.49
N LYS C 100 9.97 22.62 -5.75
CA LYS C 100 9.88 21.61 -6.80
C LYS C 100 11.10 20.67 -6.67
N GLY C 101 10.93 19.59 -5.93
CA GLY C 101 12.02 18.66 -5.69
C GLY C 101 13.20 19.30 -4.98
N PRO C 102 14.42 18.84 -5.27
CA PRO C 102 15.63 19.35 -4.61
C PRO C 102 16.09 20.72 -5.16
N ALA C 103 15.16 21.66 -5.22
CA ALA C 103 15.43 23.01 -5.74
C ALA C 103 16.44 23.79 -4.92
N PHE C 104 16.42 23.62 -3.60
CA PHE C 104 17.37 24.31 -2.74
C PHE C 104 18.80 23.89 -3.05
N ALA C 105 19.01 22.59 -3.21
CA ALA C 105 20.32 22.06 -3.56
C ALA C 105 20.80 22.55 -4.93
N ARG C 106 19.87 22.65 -5.88
CA ARG C 106 20.13 23.18 -7.23
C ARG C 106 20.65 24.62 -7.18
N ARG C 107 20.14 25.38 -6.21
CA ARG C 107 20.50 26.79 -6.05
C ARG C 107 21.64 26.99 -5.04
N GLY C 108 22.28 25.90 -4.63
CA GLY C 108 23.47 25.96 -3.80
C GLY C 108 23.26 25.83 -2.31
N ILE C 109 22.01 25.80 -1.86
CA ILE C 109 21.73 25.60 -0.44
C ILE C 109 21.37 24.13 -0.17
N THR C 110 22.41 23.29 -0.13
CA THR C 110 22.27 21.88 0.22
C THR C 110 22.10 21.72 1.72
N ASP C 111 21.67 20.53 2.15
CA ASP C 111 21.59 20.20 3.58
C ASP C 111 22.97 20.33 4.22
N GLU C 112 23.99 19.95 3.47
CA GLU C 112 25.37 20.06 3.91
C GLU C 112 25.74 21.51 4.26
N VAL C 113 25.35 22.45 3.41
CA VAL C 113 25.58 23.88 3.66
C VAL C 113 24.82 24.35 4.89
N LEU C 114 23.55 23.95 4.99
CA LEU C 114 22.74 24.31 6.16
C LEU C 114 23.38 23.81 7.45
N TRP C 115 23.83 22.55 7.44
CA TRP C 115 24.42 21.96 8.64
C TRP C 115 25.79 22.55 9.00
N GLN C 116 26.47 23.14 8.01
CA GLN C 116 27.71 23.88 8.27
C GLN C 116 27.43 25.05 9.20
N HIS C 117 26.28 25.71 8.98
CA HIS C 117 25.87 26.84 9.81
C HIS C 117 25.18 26.41 11.10
N ASN C 118 24.44 25.31 11.06
CA ASN C 118 23.81 24.76 12.25
C ASN C 118 23.69 23.24 12.19
N PRO C 119 24.61 22.52 12.81
CA PRO C 119 24.59 21.06 12.76
C PRO C 119 23.39 20.41 13.48
N LYS C 120 22.65 21.19 14.27
CA LYS C 120 21.47 20.70 14.97
C LYS C 120 20.19 20.89 14.15
N LEU C 121 20.29 21.57 13.02
CA LEU C 121 19.11 21.99 12.27
C LEU C 121 18.24 20.83 11.80
N VAL C 122 16.94 20.94 12.06
CA VAL C 122 15.94 20.05 11.50
C VAL C 122 15.41 20.71 10.23
N ILE C 123 15.60 20.03 9.10
CA ILE C 123 15.22 20.54 7.79
C ILE C 123 14.08 19.69 7.24
N ALA C 124 12.97 20.33 6.91
CA ALA C 124 11.85 19.64 6.28
C ALA C 124 11.66 20.11 4.84
N HIS C 125 11.78 19.18 3.90
CA HIS C 125 11.61 19.45 2.48
C HIS C 125 10.26 18.90 2.02
N LEU C 126 9.33 19.81 1.71
CA LEU C 126 8.02 19.44 1.19
C LEU C 126 8.01 19.59 -0.33
N SER C 127 7.70 18.51 -1.03
CA SER C 127 7.62 18.56 -2.49
C SER C 127 6.50 17.64 -2.97
N GLY C 128 6.15 17.76 -4.24
CA GLY C 128 5.11 16.93 -4.80
C GLY C 128 5.54 15.50 -4.96
N PHE C 129 6.80 15.30 -5.36
CA PHE C 129 7.27 13.99 -5.81
C PHE C 129 8.54 13.50 -5.10
N GLY C 130 9.09 14.31 -4.19
CA GLY C 130 10.24 13.88 -3.41
C GLY C 130 11.53 14.58 -3.78
N GLN C 131 12.54 14.41 -2.92
CA GLN C 131 13.86 15.03 -3.11
C GLN C 131 14.74 14.24 -4.08
N TYR C 132 14.35 13.00 -4.35
CA TYR C 132 15.06 12.16 -5.32
C TYR C 132 14.09 11.23 -6.03
N GLY C 133 14.54 10.69 -7.16
CA GLY C 133 13.75 9.77 -7.94
C GLY C 133 14.20 9.87 -9.39
N THR C 134 13.24 9.84 -10.31
CA THR C 134 13.53 9.90 -11.74
C THR C 134 13.59 11.35 -12.22
N GLU C 135 14.24 11.57 -13.37
CA GLU C 135 14.30 12.89 -13.98
C GLU C 135 12.92 13.39 -14.40
N GLU C 136 12.05 12.45 -14.80
CA GLU C 136 10.73 12.77 -15.29
C GLU C 136 9.81 13.43 -14.26
N TYR C 137 9.85 12.93 -13.02
CA TYR C 137 8.87 13.31 -12.00
C TYR C 137 9.41 14.21 -10.88
N THR C 138 10.66 14.02 -10.49
CA THR C 138 11.22 14.63 -9.28
C THR C 138 11.11 16.15 -9.19
N ASN C 139 11.20 16.81 -10.35
CA ASN C 139 11.24 18.27 -10.38
C ASN C 139 9.95 18.93 -10.85
N LEU C 140 8.89 18.13 -10.91
CA LEU C 140 7.57 18.64 -11.29
C LEU C 140 6.99 19.46 -10.15
N PRO C 141 6.22 20.51 -10.48
CA PRO C 141 5.63 21.38 -9.47
C PRO C 141 4.55 20.70 -8.63
N ALA C 142 4.43 21.13 -7.38
CA ALA C 142 3.45 20.55 -6.45
C ALA C 142 2.09 21.21 -6.61
N TYR C 143 1.07 20.39 -6.83
CA TYR C 143 -0.32 20.84 -6.93
C TYR C 143 -1.16 19.85 -6.14
N ASN C 144 -2.13 20.34 -5.37
CA ASN C 144 -3.01 19.47 -4.60
C ASN C 144 -3.70 18.40 -5.47
N THR C 145 -4.31 18.83 -6.57
CA THR C 145 -5.01 17.89 -7.44
C THR C 145 -4.07 16.86 -8.05
N ILE C 146 -2.86 17.30 -8.38
CA ILE C 146 -1.85 16.39 -8.94
C ILE C 146 -1.40 15.36 -7.89
N ALA C 147 -1.20 15.78 -6.65
CA ALA C 147 -0.86 14.84 -5.57
C ALA C 147 -1.98 13.82 -5.37
N GLN C 148 -3.23 14.27 -5.41
CA GLN C 148 -4.36 13.37 -5.31
C GLN C 148 -4.44 12.42 -6.52
N ALA C 149 -4.19 12.95 -7.72
CA ALA C 149 -4.17 12.15 -8.94
C ALA C 149 -3.10 11.05 -8.90
N PHE C 150 -1.92 11.41 -8.39
CA PHE C 150 -0.74 10.54 -8.46
C PHE C 150 -0.70 9.46 -7.38
N SER C 151 -1.47 9.67 -6.31
CA SER C 151 -1.41 8.83 -5.11
C SER C 151 -2.51 7.79 -5.03
N GLY C 152 -3.43 7.82 -6.00
CA GLY C 152 -4.62 6.98 -5.94
C GLY C 152 -5.71 7.51 -5.03
N TYR C 153 -5.57 8.73 -4.52
CA TYR C 153 -6.59 9.30 -3.65
C TYR C 153 -7.78 9.81 -4.47
N LEU C 154 -7.48 10.49 -5.58
CA LEU C 154 -8.54 11.07 -6.42
C LEU C 154 -9.46 9.98 -6.96
N ILE C 155 -8.88 8.91 -7.48
CA ILE C 155 -9.67 7.84 -8.11
C ILE C 155 -10.63 7.13 -7.16
N GLN C 156 -10.36 7.19 -5.86
CA GLN C 156 -11.26 6.54 -4.91
C GLN C 156 -12.25 7.50 -4.25
N ASN C 157 -12.13 8.79 -4.55
CA ASN C 157 -13.09 9.78 -4.12
C ASN C 157 -14.13 10.04 -5.20
N GLY C 158 -15.30 10.51 -4.77
CA GLY C 158 -16.35 10.81 -5.71
C GLY C 158 -17.42 9.75 -5.82
N ASP C 159 -18.13 9.79 -6.96
CA ASP C 159 -19.29 8.95 -7.23
C ASP C 159 -18.87 7.78 -8.10
N VAL C 160 -19.71 6.75 -8.15
CA VAL C 160 -19.43 5.54 -8.93
C VAL C 160 -18.91 5.85 -10.34
N ASP C 161 -19.59 6.72 -11.07
CA ASP C 161 -19.15 7.06 -12.43
C ASP C 161 -18.57 8.47 -12.57
N GLN C 162 -18.12 9.04 -11.45
CA GLN C 162 -17.49 10.36 -11.46
C GLN C 162 -16.52 10.55 -10.30
N PRO C 163 -15.23 10.31 -10.55
CA PRO C 163 -14.20 10.58 -9.55
C PRO C 163 -14.14 12.07 -9.28
N MSE C 164 -13.73 12.46 -8.08
CA MSE C 164 -13.59 13.87 -7.73
C MSE C 164 -12.52 13.98 -6.65
O MSE C 164 -12.36 13.05 -5.86
CB MSE C 164 -14.91 14.43 -7.18
CG MSE C 164 -16.16 14.31 -8.08
SE MSE C 164 -17.77 14.44 -6.96
CE MSE C 164 -16.92 15.25 -5.53
N PRO C 165 -11.77 15.08 -6.62
CA PRO C 165 -10.78 15.28 -5.56
C PRO C 165 -11.47 15.64 -4.24
N ALA C 166 -10.83 15.29 -3.13
CA ALA C 166 -11.26 15.77 -1.83
C ALA C 166 -10.97 17.27 -1.75
N PHE C 167 -11.81 18.00 -1.02
CA PHE C 167 -11.90 19.46 -1.07
C PHE C 167 -12.00 20.02 0.37
N PRO C 168 -11.44 21.20 0.66
CA PRO C 168 -10.60 22.00 -0.24
C PRO C 168 -9.11 21.70 -0.04
N TYR C 169 -8.41 21.48 -1.15
CA TYR C 169 -6.94 21.31 -1.12
C TYR C 169 -6.45 20.30 -0.08
N THR C 170 -7.21 19.22 0.06
CA THR C 170 -7.00 18.23 1.11
C THR C 170 -5.56 17.72 1.20
N ALA C 171 -4.95 17.47 0.04
CA ALA C 171 -3.57 16.98 0.01
C ALA C 171 -2.56 17.97 0.57
N ASP C 172 -2.80 19.27 0.37
CA ASP C 172 -1.92 20.29 0.93
C ASP C 172 -1.92 20.23 2.46
N TYR C 173 -3.11 20.02 3.04
CA TYR C 173 -3.24 19.99 4.49
C TYR C 173 -2.65 18.74 5.11
N PHE C 174 -2.91 17.58 4.51
CA PHE C 174 -2.30 16.36 5.00
C PHE C 174 -0.77 16.45 4.94
N SER C 175 -0.25 17.00 3.84
CA SER C 175 1.20 17.05 3.62
C SER C 175 1.86 18.05 4.57
N GLY C 176 1.23 19.21 4.74
CA GLY C 176 1.74 20.22 5.68
C GLY C 176 1.71 19.71 7.10
N LEU C 177 0.60 19.10 7.49
CA LEU C 177 0.50 18.55 8.85
C LEU C 177 1.54 17.47 9.10
N THR C 178 1.76 16.61 8.11
CA THR C 178 2.81 15.59 8.20
C THR C 178 4.19 16.19 8.40
N ALA C 179 4.48 17.28 7.70
CA ALA C 179 5.75 17.98 7.85
C ALA C 179 5.93 18.49 9.30
N THR C 180 4.87 19.09 9.86
CA THR C 180 4.90 19.51 11.27
C THR C 180 5.21 18.34 12.21
N THR C 181 4.49 17.24 12.01
CA THR C 181 4.66 16.02 12.82
C THR C 181 6.08 15.49 12.76
N ALA C 182 6.60 15.36 11.55
CA ALA C 182 7.92 14.79 11.33
C ALA C 182 9.02 15.69 11.88
N ALA C 183 8.86 17.01 11.72
CA ALA C 183 9.83 17.97 12.22
C ALA C 183 9.88 17.91 13.75
N LEU C 184 8.72 17.79 14.39
CA LEU C 184 8.64 17.66 15.84
C LEU C 184 9.30 16.36 16.31
N ALA C 185 9.16 15.30 15.52
CA ALA C 185 9.78 14.02 15.82
C ALA C 185 11.30 14.13 15.76
N ALA C 186 11.80 14.72 14.69
CA ALA C 186 13.23 14.92 14.50
C ALA C 186 13.80 15.84 15.59
N LEU C 187 12.98 16.81 16.01
CA LEU C 187 13.38 17.72 17.08
C LEU C 187 13.66 16.96 18.38
N HIS C 188 12.85 15.94 18.68
CA HIS C 188 13.08 15.08 19.84
C HIS C 188 14.47 14.45 19.79
N LYS C 189 14.83 13.93 18.61
CA LYS C 189 16.13 13.29 18.43
C LYS C 189 17.29 14.26 18.67
N VAL C 190 17.12 15.50 18.22
CA VAL C 190 18.13 16.54 18.42
C VAL C 190 18.42 16.77 19.91
N ARG C 191 17.37 16.76 20.73
CA ARG C 191 17.55 17.03 22.16
C ARG C 191 18.25 15.92 22.94
N GLU C 192 18.50 14.78 22.29
CA GLU C 192 19.31 13.72 22.88
C GLU C 192 20.70 13.56 22.25
N THR C 193 20.79 13.76 20.94
CA THR C 193 22.04 13.53 20.22
C THR C 193 22.79 14.81 19.82
N GLY C 194 22.05 15.91 19.71
CA GLY C 194 22.62 17.16 19.25
C GLY C 194 22.84 17.18 17.75
N LYS C 195 22.25 16.21 17.05
CA LYS C 195 22.43 16.09 15.62
C LYS C 195 21.14 16.28 14.83
N GLY C 196 21.20 17.17 13.84
CA GLY C 196 20.06 17.50 13.01
C GLY C 196 19.60 16.41 12.07
N GLU C 197 18.64 16.77 11.22
CA GLU C 197 17.94 15.81 10.38
C GLU C 197 17.42 16.52 9.12
N SER C 198 17.26 15.75 8.06
CA SER C 198 16.63 16.22 6.84
C SER C 198 15.46 15.30 6.52
N ILE C 199 14.31 15.90 6.21
CA ILE C 199 13.07 15.15 6.05
C ILE C 199 12.52 15.35 4.65
N ASP C 200 12.35 14.25 3.94
CA ASP C 200 11.88 14.27 2.56
C ASP C 200 10.40 13.89 2.55
N ILE C 201 9.54 14.90 2.54
CA ILE C 201 8.08 14.70 2.54
C ILE C 201 7.54 14.88 1.11
N ALA C 202 7.21 13.76 0.47
CA ALA C 202 6.63 13.78 -0.86
C ALA C 202 5.12 13.70 -0.73
N MSE C 203 4.41 14.68 -1.29
CA MSE C 203 2.96 14.76 -1.12
C MSE C 203 2.24 13.48 -1.55
O MSE C 203 1.30 13.06 -0.89
CB MSE C 203 2.38 15.95 -1.87
CG MSE C 203 2.89 17.29 -1.37
SE MSE C 203 2.11 18.75 -2.41
CE MSE C 203 0.23 18.34 -2.14
N TYR C 204 2.70 12.86 -2.63
CA TYR C 204 2.02 11.64 -3.09
C TYR C 204 2.20 10.47 -2.13
N GLU C 205 3.32 10.44 -1.40
CA GLU C 205 3.55 9.39 -0.42
C GLU C 205 2.71 9.60 0.84
N VAL C 206 2.49 10.86 1.20
CA VAL C 206 1.58 11.21 2.28
C VAL C 206 0.18 10.68 1.94
N MSE C 207 -0.28 11.01 0.74
CA MSE C 207 -1.63 10.67 0.31
C MSE C 207 -1.78 9.18 0.01
O MSE C 207 -2.86 8.62 0.17
CB MSE C 207 -2.06 11.53 -0.88
CG MSE C 207 -2.14 13.03 -0.57
SE MSE C 207 -3.13 13.41 1.07
CE MSE C 207 -4.90 13.12 0.38
N LEU C 208 -0.69 8.54 -0.43
CA LEU C 208 -0.69 7.09 -0.56
C LEU C 208 -1.09 6.44 0.77
N ARG C 209 -0.46 6.87 1.86
CA ARG C 209 -0.77 6.31 3.18
C ARG C 209 -2.23 6.55 3.57
N MSE C 210 -2.73 7.76 3.31
CA MSE C 210 -4.09 8.10 3.73
C MSE C 210 -5.19 7.35 2.96
O MSE C 210 -6.33 7.31 3.41
CB MSE C 210 -4.33 9.61 3.65
CG MSE C 210 -3.31 10.45 4.39
SE MSE C 210 -2.96 9.86 6.22
CE MSE C 210 -1.36 10.93 6.48
N GLY C 211 -4.84 6.77 1.82
CA GLY C 211 -5.79 6.03 1.01
C GLY C 211 -5.65 4.52 1.04
N GLN C 212 -5.13 3.98 2.14
CA GLN C 212 -4.81 2.54 2.22
C GLN C 212 -5.92 1.62 2.75
N TYR C 213 -6.95 2.18 3.39
CA TYR C 213 -7.93 1.34 4.09
C TYR C 213 -8.44 0.19 3.22
N PHE C 214 -8.76 0.49 1.96
CA PHE C 214 -9.20 -0.53 1.02
C PHE C 214 -8.11 -0.92 0.03
N MSE C 215 -7.15 -0.04 -0.23
CA MSE C 215 -6.06 -0.36 -1.16
C MSE C 215 -5.21 -1.52 -0.69
O MSE C 215 -4.65 -2.26 -1.50
CB MSE C 215 -5.19 0.86 -1.47
CG MSE C 215 -4.61 0.81 -2.90
SE MSE C 215 -3.28 2.16 -3.31
CE MSE C 215 -4.33 3.75 -2.97
N MSE C 216 -5.13 -1.70 0.62
CA MSE C 216 -4.40 -2.84 1.17
C MSE C 216 -5.00 -4.18 0.73
O MSE C 216 -4.27 -5.16 0.64
CB MSE C 216 -4.29 -2.75 2.70
CG MSE C 216 -3.17 -1.81 3.13
SE MSE C 216 -1.39 -2.46 2.66
CE MSE C 216 -1.30 -3.99 3.93
N ASP C 217 -6.29 -4.20 0.44
CA ASP C 217 -6.94 -5.38 -0.14
C ASP C 217 -6.40 -5.65 -1.55
N TYR C 218 -6.32 -4.59 -2.36
CA TYR C 218 -5.76 -4.71 -3.70
C TYR C 218 -4.33 -5.26 -3.67
N PHE C 219 -3.52 -4.73 -2.77
CA PHE C 219 -2.12 -5.12 -2.68
C PHE C 219 -1.94 -6.56 -2.19
N ASN C 220 -2.95 -7.09 -1.49
CA ASN C 220 -2.81 -8.36 -0.79
C ASN C 220 -3.88 -9.41 -1.12
N GLY C 221 -4.28 -9.43 -2.39
CA GLY C 221 -4.98 -10.57 -2.94
C GLY C 221 -6.47 -10.42 -3.07
N GLY C 222 -7.01 -9.30 -2.57
CA GLY C 222 -8.42 -9.00 -2.69
C GLY C 222 -8.69 -8.01 -3.80
N GLU C 223 -9.78 -7.25 -3.67
CA GLU C 223 -10.14 -6.28 -4.70
C GLU C 223 -10.12 -4.87 -4.14
N MSE C 224 -9.82 -3.89 -4.99
CA MSE C 224 -10.01 -2.49 -4.64
C MSE C 224 -11.51 -2.26 -4.49
O MSE C 224 -12.31 -2.90 -5.18
CB MSE C 224 -9.42 -1.56 -5.71
CG MSE C 224 -9.50 -0.05 -5.36
SE MSE C 224 -8.81 0.39 -3.57
CE MSE C 224 -9.36 2.22 -3.49
N CYS C 225 -11.88 -1.40 -3.57
CA CYS C 225 -13.29 -1.11 -3.32
C CYS C 225 -13.87 -0.29 -4.47
N PRO C 226 -15.18 -0.34 -4.67
CA PRO C 226 -15.84 0.59 -5.59
C PRO C 226 -15.89 1.98 -4.97
N ARG C 227 -16.12 2.99 -5.80
CA ARG C 227 -16.40 4.33 -5.30
C ARG C 227 -17.78 4.34 -4.65
N MSE C 228 -17.99 5.30 -3.76
CA MSE C 228 -19.30 5.51 -3.14
C MSE C 228 -20.37 5.81 -4.18
O MSE C 228 -20.08 6.38 -5.23
CB MSE C 228 -19.24 6.68 -2.17
CG MSE C 228 -18.37 6.43 -0.95
SE MSE C 228 -18.34 8.01 0.17
CE MSE C 228 -17.54 9.27 -1.09
N SER C 229 -21.61 5.43 -3.89
CA SER C 229 -22.75 5.91 -4.66
C SER C 229 -23.47 7.01 -3.89
N LYS C 230 -23.37 8.24 -4.39
CA LYS C 230 -23.96 9.41 -3.73
C LYS C 230 -23.62 9.53 -2.23
N GLY C 231 -22.36 9.23 -1.90
CA GLY C 231 -21.89 9.33 -0.54
C GLY C 231 -22.25 8.18 0.39
N LYS C 232 -22.82 7.11 -0.17
CA LYS C 232 -23.15 5.93 0.63
C LYS C 232 -21.93 5.01 0.73
N ASP C 233 -21.82 4.29 1.83
CA ASP C 233 -20.76 3.31 2.03
C ASP C 233 -20.58 2.40 0.82
N PRO C 234 -19.35 2.10 0.43
CA PRO C 234 -19.11 1.22 -0.72
C PRO C 234 -19.61 -0.21 -0.47
N TYR C 235 -19.70 -0.63 0.79
CA TYR C 235 -19.99 -2.02 1.12
C TYR C 235 -21.22 -2.26 1.98
N TYR C 236 -21.50 -1.38 2.92
CA TYR C 236 -22.54 -1.64 3.92
C TYR C 236 -23.79 -0.80 3.75
N ALA C 237 -24.93 -1.47 3.65
CA ALA C 237 -26.22 -0.82 3.44
C ALA C 237 -26.66 -0.01 4.65
N GLY C 238 -27.34 1.10 4.39
CA GLY C 238 -27.81 1.99 5.43
C GLY C 238 -26.71 2.76 6.13
N CYS C 239 -25.55 2.86 5.49
CA CYS C 239 -24.42 3.56 6.06
C CYS C 239 -23.93 4.66 5.12
N GLY C 240 -23.76 5.86 5.68
CA GLY C 240 -23.27 6.99 4.91
C GLY C 240 -24.32 8.07 4.73
N LEU C 241 -24.23 8.76 3.60
CA LEU C 241 -25.01 9.96 3.31
C LEU C 241 -26.36 9.64 2.66
N TYR C 242 -27.40 10.32 3.13
CA TYR C 242 -28.76 10.14 2.64
C TYR C 242 -29.49 11.47 2.53
N LYS C 243 -30.46 11.54 1.63
CA LYS C 243 -31.25 12.76 1.44
C LYS C 243 -32.62 12.66 2.10
N CYS C 244 -32.93 13.65 2.93
CA CYS C 244 -34.26 13.77 3.52
C CYS C 244 -35.04 14.86 2.78
N ALA C 245 -36.22 15.21 3.30
CA ALA C 245 -37.08 16.21 2.68
C ALA C 245 -36.45 17.60 2.62
N ASP C 246 -35.77 17.98 3.69
CA ASP C 246 -35.26 19.35 3.83
C ASP C 246 -33.76 19.45 4.10
N GLY C 247 -33.01 18.41 3.73
CA GLY C 247 -31.57 18.40 3.95
C GLY C 247 -30.96 17.02 3.83
N TYR C 248 -29.71 16.90 4.27
CA TYR C 248 -28.98 15.64 4.21
C TYR C 248 -28.62 15.16 5.61
N ILE C 249 -28.56 13.84 5.79
CA ILE C 249 -28.08 13.22 7.02
C ILE C 249 -27.03 12.16 6.71
N VAL C 250 -26.18 11.89 7.69
CA VAL C 250 -25.34 10.69 7.66
C VAL C 250 -25.87 9.75 8.73
N MSE C 251 -25.83 8.45 8.45
CA MSE C 251 -26.39 7.46 9.36
C MSE C 251 -25.57 6.18 9.37
O MSE C 251 -24.79 5.93 8.45
CB MSE C 251 -27.85 7.15 9.00
CG MSE C 251 -28.06 6.68 7.55
SE MSE C 251 -29.89 6.12 7.14
CE MSE C 251 -29.99 4.67 8.40
N GLU C 252 -25.74 5.39 10.43
CA GLU C 252 -25.17 4.05 10.48
C GLU C 252 -26.25 3.07 10.91
N LEU C 253 -26.74 2.27 9.96
CA LEU C 253 -27.76 1.25 10.24
C LEU C 253 -27.08 0.00 10.78
N VAL C 254 -26.76 0.03 12.07
CA VAL C 254 -25.98 -1.02 12.72
C VAL C 254 -26.64 -1.40 14.05
N GLY C 255 -26.88 -2.71 14.23
CA GLY C 255 -27.50 -3.21 15.44
C GLY C 255 -28.81 -3.93 15.18
N ILE C 256 -29.23 -4.77 16.13
CA ILE C 256 -30.41 -5.63 15.96
C ILE C 256 -31.72 -4.83 15.93
N THR C 257 -31.96 -4.05 16.98
CA THR C 257 -33.14 -3.19 17.06
C THR C 257 -33.14 -2.18 15.91
N GLN C 258 -31.96 -1.62 15.64
CA GLN C 258 -31.77 -0.63 14.60
C GLN C 258 -32.26 -1.13 13.24
N ILE C 259 -31.77 -2.30 12.82
CA ILE C 259 -32.17 -2.88 11.54
C ILE C 259 -33.64 -3.32 11.53
N GLU C 260 -34.07 -4.04 12.57
CA GLU C 260 -35.44 -4.55 12.64
C GLU C 260 -36.48 -3.44 12.55
N GLU C 261 -36.34 -2.41 13.37
CA GLU C 261 -37.35 -1.36 13.46
C GLU C 261 -37.34 -0.41 12.27
N CYS C 262 -36.15 -0.15 11.71
CA CYS C 262 -36.03 0.63 10.48
C CYS C 262 -36.67 -0.11 9.31
N PHE C 263 -36.38 -1.41 9.20
CA PHE C 263 -37.00 -2.26 8.17
C PHE C 263 -38.53 -2.17 8.24
N LYS C 264 -39.07 -2.24 9.45
CA LYS C 264 -40.52 -2.12 9.64
C LYS C 264 -41.03 -0.75 9.16
N ASP C 265 -40.29 0.32 9.52
CA ASP C 265 -40.62 1.68 9.09
C ASP C 265 -40.68 1.82 7.57
N ILE C 266 -39.69 1.26 6.88
CA ILE C 266 -39.48 1.49 5.44
C ILE C 266 -40.29 0.54 4.53
N GLY C 267 -40.96 -0.43 5.15
CA GLY C 267 -41.82 -1.35 4.42
C GLY C 267 -41.19 -2.69 4.12
N LEU C 268 -40.13 -3.03 4.86
CA LEU C 268 -39.31 -4.21 4.59
C LEU C 268 -39.31 -5.23 5.73
N ALA C 269 -40.37 -5.22 6.55
CA ALA C 269 -40.49 -6.15 7.68
C ALA C 269 -40.45 -7.61 7.24
N HIS C 270 -40.86 -7.88 6.00
CA HIS C 270 -40.93 -9.24 5.46
C HIS C 270 -39.55 -9.86 5.16
N LEU C 271 -38.51 -9.04 5.19
CA LEU C 271 -37.14 -9.53 4.99
C LEU C 271 -36.53 -10.03 6.29
N LEU C 272 -37.10 -9.63 7.42
CA LEU C 272 -36.61 -10.07 8.73
C LEU C 272 -36.92 -11.55 8.94
N GLY C 273 -35.90 -12.30 9.33
CA GLY C 273 -36.04 -13.74 9.54
C GLY C 273 -35.88 -14.59 8.28
N THR C 274 -35.35 -13.99 7.22
CA THR C 274 -35.03 -14.74 6.00
C THR C 274 -33.62 -15.32 6.13
N PRO C 275 -33.26 -16.31 5.31
CA PRO C 275 -31.88 -16.82 5.29
C PRO C 275 -30.86 -15.72 4.98
N GLU C 276 -31.26 -14.78 4.13
CA GLU C 276 -30.42 -13.66 3.71
C GLU C 276 -30.18 -12.64 4.83
N ILE C 277 -31.23 -12.37 5.60
CA ILE C 277 -31.11 -11.50 6.77
C ILE C 277 -31.69 -12.22 8.01
N PRO C 278 -30.88 -13.09 8.61
CA PRO C 278 -31.34 -13.92 9.74
C PRO C 278 -31.59 -13.10 11.00
N GLU C 279 -32.29 -13.72 11.96
CA GLU C 279 -32.53 -13.11 13.27
C GLU C 279 -31.20 -12.80 13.94
N GLY C 280 -31.07 -11.56 14.41
CA GLY C 280 -29.86 -11.12 15.08
C GLY C 280 -28.86 -10.41 14.18
N THR C 281 -29.22 -10.19 12.92
CA THR C 281 -28.37 -9.45 11.99
C THR C 281 -28.05 -8.06 12.55
N GLN C 282 -26.78 -7.70 12.53
CA GLN C 282 -26.31 -6.43 13.06
C GLN C 282 -25.81 -5.49 11.96
N LEU C 283 -25.50 -6.07 10.80
CA LEU C 283 -24.88 -5.33 9.70
C LEU C 283 -25.23 -5.98 8.38
N ILE C 284 -25.57 -5.16 7.39
CA ILE C 284 -25.95 -5.65 6.07
C ILE C 284 -24.86 -5.31 5.05
N HIS C 285 -24.25 -6.35 4.46
CA HIS C 285 -23.34 -6.17 3.35
C HIS C 285 -24.16 -6.05 2.07
N ARG C 286 -24.15 -4.87 1.46
CA ARG C 286 -25.02 -4.54 0.32
C ARG C 286 -24.77 -5.38 -0.93
N ILE C 287 -23.51 -5.75 -1.17
CA ILE C 287 -23.14 -6.56 -2.32
C ILE C 287 -23.47 -8.04 -2.08
N GLU C 288 -23.04 -8.54 -0.92
CA GLU C 288 -23.26 -9.94 -0.53
C GLU C 288 -24.74 -10.28 -0.36
N CYS C 289 -25.48 -9.39 0.30
CA CYS C 289 -26.91 -9.59 0.52
C CYS C 289 -27.71 -9.31 -0.76
N PRO C 290 -28.50 -10.29 -1.21
CA PRO C 290 -29.34 -10.14 -2.40
C PRO C 290 -30.35 -8.98 -2.29
N TYR C 291 -30.73 -8.64 -1.06
CA TYR C 291 -31.71 -7.58 -0.83
C TYR C 291 -31.10 -6.18 -0.66
N GLY C 292 -29.78 -6.10 -0.80
CA GLY C 292 -29.05 -4.84 -0.67
C GLY C 292 -29.65 -3.64 -1.40
N PRO C 293 -29.76 -3.71 -2.72
CA PRO C 293 -30.39 -2.65 -3.51
C PRO C 293 -31.83 -2.34 -3.10
N LEU C 294 -32.61 -3.35 -2.75
CA LEU C 294 -33.99 -3.16 -2.30
C LEU C 294 -34.05 -2.35 -1.00
N VAL C 295 -33.12 -2.63 -0.10
CA VAL C 295 -33.01 -1.89 1.15
C VAL C 295 -32.78 -0.40 0.89
N GLU C 296 -31.82 -0.10 0.01
CA GLU C 296 -31.52 1.28 -0.38
C GLU C 296 -32.72 1.98 -1.03
N GLU C 297 -33.42 1.27 -1.92
CA GLU C 297 -34.63 1.79 -2.56
C GLU C 297 -35.64 2.26 -1.53
N LYS C 298 -35.91 1.41 -0.54
CA LYS C 298 -36.93 1.66 0.46
C LYS C 298 -36.49 2.69 1.49
N LEU C 299 -35.20 2.67 1.84
CA LEU C 299 -34.62 3.65 2.74
C LEU C 299 -34.66 5.05 2.13
N ASP C 300 -34.21 5.17 0.87
CA ASP C 300 -34.28 6.45 0.14
C ASP C 300 -35.69 7.01 0.13
N ALA C 301 -36.66 6.15 -0.18
CA ALA C 301 -38.06 6.55 -0.30
C ALA C 301 -38.65 7.05 1.03
N TRP C 302 -38.34 6.35 2.12
CA TRP C 302 -38.80 6.73 3.45
C TRP C 302 -38.19 8.05 3.91
N LEU C 303 -36.87 8.17 3.78
CA LEU C 303 -36.15 9.37 4.18
C LEU C 303 -36.57 10.61 3.38
N ALA C 304 -36.87 10.43 2.09
CA ALA C 304 -37.26 11.54 1.22
C ALA C 304 -38.54 12.26 1.67
N THR C 305 -39.44 11.52 2.32
CA THR C 305 -40.73 12.07 2.75
C THR C 305 -40.69 12.69 4.16
N HIS C 306 -39.60 12.43 4.90
CA HIS C 306 -39.47 12.93 6.26
C HIS C 306 -38.44 14.06 6.37
N THR C 307 -38.68 14.97 7.30
CA THR C 307 -37.75 16.06 7.59
C THR C 307 -36.58 15.55 8.42
N ILE C 308 -35.47 16.29 8.43
CA ILE C 308 -34.31 15.95 9.25
C ILE C 308 -34.72 15.76 10.71
N ALA C 309 -35.56 16.67 11.22
CA ALA C 309 -36.02 16.62 12.61
C ALA C 309 -36.86 15.37 12.88
N GLU C 310 -37.72 15.02 11.93
CA GLU C 310 -38.54 13.81 12.00
C GLU C 310 -37.67 12.55 12.02
N VAL C 311 -36.65 12.53 11.16
CA VAL C 311 -35.73 11.39 11.06
C VAL C 311 -34.88 11.28 12.32
N LYS C 312 -34.31 12.40 12.74
CA LYS C 312 -33.48 12.47 13.95
C LYS C 312 -34.23 12.02 15.19
N GLU C 313 -35.51 12.40 15.28
CA GLU C 313 -36.36 11.98 16.39
C GLU C 313 -36.56 10.46 16.38
N ARG C 314 -36.87 9.90 15.21
CA ARG C 314 -37.10 8.46 15.07
C ARG C 314 -35.81 7.67 15.35
N PHE C 315 -34.69 8.17 14.84
CA PHE C 315 -33.40 7.50 14.99
C PHE C 315 -32.88 7.57 16.42
N ALA C 316 -33.28 8.60 17.15
CA ALA C 316 -32.98 8.72 18.57
C ALA C 316 -33.71 7.62 19.37
N GLU C 317 -34.96 7.34 18.98
CA GLU C 317 -35.76 6.26 19.58
C GLU C 317 -35.14 4.89 19.33
N LEU C 318 -34.52 4.72 18.17
CA LEU C 318 -33.96 3.43 17.76
C LEU C 318 -32.45 3.33 18.02
N ASN C 319 -31.88 4.41 18.56
CA ASN C 319 -30.43 4.53 18.76
C ASN C 319 -29.61 4.31 17.48
N ILE C 320 -30.10 4.84 16.36
CA ILE C 320 -29.33 4.86 15.12
C ILE C 320 -28.47 6.13 15.14
N ALA C 321 -27.15 5.93 15.15
CA ALA C 321 -26.21 7.04 15.16
C ALA C 321 -26.31 7.84 13.86
N CYS C 322 -26.56 9.13 14.00
CA CYS C 322 -26.75 10.01 12.85
C CYS C 322 -26.42 11.46 13.19
N ALA C 323 -26.30 12.27 12.13
CA ALA C 323 -26.11 13.71 12.28
C ALA C 323 -26.59 14.37 11.01
N LYS C 324 -27.21 15.55 11.16
CA LYS C 324 -27.51 16.39 10.02
C LYS C 324 -26.19 16.86 9.42
N VAL C 325 -26.13 16.87 8.08
CA VAL C 325 -25.02 17.50 7.38
C VAL C 325 -25.20 19.00 7.49
N LEU C 326 -24.43 19.62 8.39
CA LEU C 326 -24.59 21.04 8.69
C LEU C 326 -24.07 21.88 7.55
N THR C 327 -24.82 22.92 7.20
CA THR C 327 -24.34 23.92 6.26
C THR C 327 -23.51 24.92 7.04
N VAL C 328 -22.66 25.65 6.33
CA VAL C 328 -21.76 26.61 6.96
C VAL C 328 -22.48 27.62 7.89
N PRO C 329 -23.64 28.15 7.48
CA PRO C 329 -24.38 29.08 8.36
C PRO C 329 -24.89 28.50 9.69
N GLU C 330 -24.87 27.17 9.84
CA GLU C 330 -25.42 26.51 11.03
C GLU C 330 -24.40 26.26 12.15
N LEU C 331 -23.13 26.55 11.88
CA LEU C 331 -22.06 26.18 12.79
C LEU C 331 -21.95 27.06 14.03
N GLU C 332 -21.92 28.38 13.82
CA GLU C 332 -21.69 29.32 14.92
C GLU C 332 -22.66 29.21 16.09
N SER C 333 -23.92 28.94 15.78
CA SER C 333 -24.96 28.91 16.80
C SER C 333 -25.16 27.54 17.42
N ASN C 334 -24.45 26.54 16.92
CA ASN C 334 -24.52 25.20 17.50
C ASN C 334 -24.03 25.23 18.95
N PRO C 335 -24.82 24.68 19.89
CA PRO C 335 -24.48 24.74 21.31
C PRO C 335 -23.08 24.20 21.68
N GLN C 336 -22.61 23.15 21.02
CA GLN C 336 -21.26 22.63 21.28
C GLN C 336 -20.18 23.61 20.84
N TYR C 337 -20.33 24.17 19.64
CA TYR C 337 -19.44 25.23 19.16
C TYR C 337 -19.39 26.40 20.14
N VAL C 338 -20.57 26.87 20.56
CA VAL C 338 -20.67 27.96 21.53
C VAL C 338 -19.96 27.62 22.84
N ALA C 339 -20.24 26.44 23.39
CA ALA C 339 -19.67 26.06 24.69
C ALA C 339 -18.15 25.92 24.65
N ARG C 340 -17.64 25.46 23.51
CA ARG C 340 -16.20 25.22 23.36
C ARG C 340 -15.45 26.39 22.74
N GLU C 341 -16.16 27.47 22.41
CA GLU C 341 -15.57 28.62 21.72
C GLU C 341 -14.79 28.18 20.47
N SER C 342 -15.37 27.24 19.71
CA SER C 342 -14.69 26.65 18.56
C SER C 342 -14.42 27.66 17.46
N ILE C 343 -15.32 28.62 17.31
CA ILE C 343 -15.13 29.76 16.42
C ILE C 343 -15.00 31.00 17.29
N THR C 344 -13.92 31.74 17.11
CA THR C 344 -13.62 32.88 17.96
C THR C 344 -13.33 34.13 17.12
N GLN C 345 -12.89 35.19 17.79
CA GLN C 345 -12.52 36.43 17.11
C GLN C 345 -11.19 36.96 17.61
N TRP C 346 -10.50 37.69 16.75
CA TRP C 346 -9.25 38.36 17.12
C TRP C 346 -9.11 39.65 16.32
N GLN C 347 -8.12 40.47 16.67
CA GLN C 347 -7.88 41.72 15.94
C GLN C 347 -6.82 41.56 14.87
N THR C 348 -7.13 42.04 13.67
CA THR C 348 -6.12 42.13 12.60
C THR C 348 -5.13 43.24 12.91
N MSE C 349 -4.04 43.26 12.15
CA MSE C 349 -3.01 44.28 12.27
C MSE C 349 -3.53 45.68 11.92
O MSE C 349 -3.00 46.69 12.39
CB MSE C 349 -1.79 43.94 11.41
CG MSE C 349 -1.19 42.55 11.68
SE MSE C 349 0.62 42.57 12.39
CE MSE C 349 0.01 43.82 14.00
N ASP C 350 -4.58 45.73 11.11
CA ASP C 350 -5.16 47.02 10.71
C ASP C 350 -6.48 47.34 11.42
N GLY C 351 -6.67 46.75 12.60
CA GLY C 351 -7.66 47.22 13.56
C GLY C 351 -9.09 46.77 13.39
N ARG C 352 -9.29 45.67 12.67
CA ARG C 352 -10.63 45.13 12.50
C ARG C 352 -10.77 43.79 13.22
N THR C 353 -11.97 43.51 13.72
CA THR C 353 -12.27 42.19 14.27
C THR C 353 -12.37 41.17 13.15
N CYS C 354 -11.63 40.08 13.29
CA CYS C 354 -11.66 38.98 12.34
C CYS C 354 -12.22 37.75 13.04
N LYS C 355 -13.05 37.00 12.32
CA LYS C 355 -13.74 35.83 12.87
C LYS C 355 -13.17 34.56 12.23
N GLY C 356 -13.02 33.50 13.02
CA GLY C 356 -12.53 32.23 12.51
C GLY C 356 -12.27 31.22 13.60
N PRO C 357 -11.83 30.01 13.24
CA PRO C 357 -11.58 28.98 14.25
C PRO C 357 -10.58 29.40 15.32
N ASN C 358 -10.86 28.97 16.55
CA ASN C 358 -9.93 29.12 17.65
C ASN C 358 -8.71 28.22 17.43
N ILE C 359 -7.78 28.25 18.38
CA ILE C 359 -6.64 27.32 18.35
C ILE C 359 -7.15 25.90 18.52
N MSE C 360 -6.65 24.97 17.72
CA MSE C 360 -6.90 23.56 17.95
C MSE C 360 -5.57 22.79 17.92
O MSE C 360 -4.63 23.23 17.24
CB MSE C 360 -7.90 23.02 16.92
CG MSE C 360 -7.36 22.80 15.53
SE MSE C 360 -6.51 21.03 15.34
CE MSE C 360 -7.66 20.06 16.48
N PRO C 361 -5.44 21.70 18.66
CA PRO C 361 -6.43 21.25 19.65
C PRO C 361 -6.28 22.08 20.93
N LYS C 362 -6.98 21.70 21.99
CA LYS C 362 -6.94 22.46 23.23
C LYS C 362 -5.95 21.83 24.22
N PHE C 363 -4.83 22.50 24.43
CA PHE C 363 -3.85 22.08 25.43
C PHE C 363 -4.32 22.59 26.79
N LYS C 364 -4.37 21.70 27.79
CA LYS C 364 -4.90 22.05 29.11
C LYS C 364 -4.02 22.99 29.91
N ASN C 365 -2.74 22.65 30.02
CA ASN C 365 -1.81 23.42 30.87
C ASN C 365 -1.19 24.61 30.15
N ASN C 366 -0.89 24.41 28.87
CA ASN C 366 -0.30 25.46 28.06
C ASN C 366 -1.09 25.69 26.76
N PRO C 367 -2.28 26.28 26.88
CA PRO C 367 -3.13 26.50 25.69
C PRO C 367 -2.50 27.48 24.71
N GLY C 368 -2.78 27.25 23.43
CA GLY C 368 -2.43 28.21 22.40
C GLY C 368 -3.30 29.45 22.52
N GLN C 369 -2.89 30.51 21.85
CA GLN C 369 -3.68 31.74 21.75
C GLN C 369 -3.34 32.45 20.45
N ILE C 370 -4.19 33.40 20.07
CA ILE C 370 -3.89 34.30 18.95
C ILE C 370 -3.31 35.59 19.53
N TRP C 371 -2.02 35.83 19.25
CA TRP C 371 -1.32 36.99 19.82
C TRP C 371 -1.05 38.11 18.82
N ARG C 372 -1.15 37.81 17.53
CA ARG C 372 -1.02 38.86 16.50
C ARG C 372 -1.72 38.44 15.23
N GLY C 373 -2.30 39.42 14.55
CA GLY C 373 -2.85 39.17 13.22
C GLY C 373 -1.77 38.90 12.19
N MSE C 374 -2.19 38.50 11.00
CA MSE C 374 -1.28 38.32 9.87
C MSE C 374 -0.47 39.61 9.65
O MSE C 374 -1.05 40.68 9.52
CB MSE C 374 -2.06 37.98 8.61
CG MSE C 374 -1.24 38.15 7.34
SE MSE C 374 -2.33 38.06 5.74
CE MSE C 374 -3.19 39.73 5.87
N PRO C 375 0.86 39.49 9.59
CA PRO C 375 1.72 40.64 9.29
C PRO C 375 1.77 40.99 7.81
N SER C 376 2.15 42.23 7.52
CA SER C 376 2.35 42.67 6.15
C SER C 376 3.71 42.21 5.59
N HIS C 377 3.87 42.36 4.27
CA HIS C 377 5.06 41.94 3.53
C HIS C 377 6.32 42.66 4.05
N GLY C 378 7.24 41.90 4.66
CA GLY C 378 8.48 42.44 5.19
C GLY C 378 8.37 43.21 6.50
N MSE C 379 7.24 43.07 7.18
CA MSE C 379 6.96 43.85 8.39
C MSE C 379 8.02 43.72 9.49
O MSE C 379 8.31 44.69 10.18
CB MSE C 379 5.57 43.50 8.95
CG MSE C 379 5.00 44.58 9.86
SE MSE C 379 3.21 44.07 10.42
CE MSE C 379 2.47 45.84 10.72
N ASP C 380 8.60 42.54 9.65
CA ASP C 380 9.54 42.30 10.75
C ASP C 380 10.98 42.12 10.29
N THR C 381 11.23 42.38 9.00
CA THR C 381 12.56 42.23 8.41
C THR C 381 13.64 42.95 9.23
N ALA C 382 13.41 44.22 9.53
CA ALA C 382 14.39 45.05 10.24
C ALA C 382 14.73 44.50 11.62
N ALA C 383 13.71 44.10 12.36
CA ALA C 383 13.89 43.55 13.70
C ALA C 383 14.65 42.23 13.68
N ILE C 384 14.28 41.35 12.75
CA ILE C 384 14.94 40.04 12.62
C ILE C 384 16.42 40.20 12.26
N LEU C 385 16.69 41.09 11.30
CA LEU C 385 18.08 41.31 10.87
C LEU C 385 18.92 41.96 11.96
N LYS C 386 18.33 42.90 12.70
CA LYS C 386 19.02 43.50 13.83
C LYS C 386 19.39 42.45 14.87
N ASN C 387 18.46 41.53 15.13
CA ASN C 387 18.64 40.47 16.12
C ASN C 387 19.82 39.57 15.80
N ILE C 388 20.07 39.34 14.51
CA ILE C 388 21.14 38.45 14.10
C ILE C 388 22.44 39.21 13.71
N GLY C 389 22.46 40.50 14.03
CA GLY C 389 23.69 41.27 14.03
C GLY C 389 23.86 42.35 12.97
N TYR C 390 22.83 42.59 12.17
CA TYR C 390 22.89 43.61 11.11
C TYR C 390 22.66 45.01 11.67
N SER C 391 23.47 45.96 11.21
CA SER C 391 23.31 47.36 11.58
C SER C 391 22.16 47.99 10.78
N GLU C 392 21.72 49.17 11.20
CA GLU C 392 20.69 49.89 10.47
C GLU C 392 21.14 50.19 9.03
N ASN C 393 22.40 50.56 8.86
CA ASN C 393 22.94 50.79 7.51
C ASN C 393 23.00 49.51 6.67
N ASP C 394 23.43 48.39 7.28
CA ASP C 394 23.45 47.09 6.62
C ASP C 394 22.09 46.79 6.00
N ILE C 395 21.04 47.01 6.79
CA ILE C 395 19.67 46.74 6.38
C ILE C 395 19.25 47.66 5.25
N GLN C 396 19.59 48.95 5.35
CA GLN C 396 19.28 49.91 4.29
C GLN C 396 19.93 49.50 2.97
N GLU C 397 21.16 49.00 3.05
CA GLU C 397 21.89 48.58 1.85
C GLU C 397 21.29 47.33 1.22
N LEU C 398 20.85 46.40 2.06
CA LEU C 398 20.14 45.21 1.59
C LEU C 398 18.89 45.60 0.81
N VAL C 399 18.15 46.57 1.35
CA VAL C 399 16.92 47.06 0.73
C VAL C 399 17.23 47.73 -0.61
N SER C 400 18.28 48.56 -0.64
CA SER C 400 18.66 49.29 -1.84
C SER C 400 19.12 48.35 -2.96
N LYS C 401 19.70 47.22 -2.58
CA LYS C 401 20.18 46.22 -3.55
C LYS C 401 19.07 45.27 -4.03
N GLY C 402 17.87 45.41 -3.47
CA GLY C 402 16.74 44.57 -3.80
C GLY C 402 16.80 43.18 -3.18
N LEU C 403 17.61 43.04 -2.14
CA LEU C 403 17.83 41.75 -1.49
C LEU C 403 17.01 41.59 -0.21
N ALA C 404 16.37 42.66 0.23
CA ALA C 404 15.48 42.63 1.37
C ALA C 404 14.36 43.65 1.18
N LYS C 405 13.27 43.46 1.91
CA LYS C 405 12.19 44.45 1.96
C LYS C 405 11.77 44.62 3.40
N VAL C 406 11.71 45.87 3.85
CA VAL C 406 11.25 46.20 5.19
C VAL C 406 9.78 46.62 5.16
N GLU C 407 9.31 47.23 6.24
CA GLU C 407 7.89 47.56 6.40
C GLU C 407 7.36 48.52 5.33
N ASP C 408 6.09 48.32 4.97
CA ASP C 408 5.39 49.15 3.98
C ASP C 408 5.46 50.64 4.33
#